data_2LEA
#
_entry.id   2LEA
#
_entity_poly.entity_id   1
_entity_poly.type   'polypeptide(L)'
_entity_poly.pdbx_seq_one_letter_code
;MGSSHHHHHHSSGLVPRGSHMASMTGGQQMGRGSMSYGRPPPDVEGMTSLKVDNLTYRTSPDTLRRVFEKYGRVGDVYIP
RDRYTKESRGFAFVRFHDKRDAEDAMDAMDGAVLDGRELRVQMARYGRPPDSHHS
;
_entity_poly.pdbx_strand_id   A
#
# COMPACT_ATOMS: atom_id res chain seq x y z
N MET A 35 -25.01 12.61 4.87
CA MET A 35 -23.64 12.98 5.28
C MET A 35 -22.68 11.84 4.97
N SER A 36 -21.59 12.16 4.24
CA SER A 36 -20.57 11.19 3.88
C SER A 36 -19.23 11.87 3.68
N TYR A 37 -18.18 11.07 3.40
CA TYR A 37 -16.83 11.58 3.21
C TYR A 37 -16.04 10.74 2.22
N GLY A 38 -16.53 9.54 1.89
CA GLY A 38 -15.89 8.64 0.95
C GLY A 38 -16.18 7.17 1.28
N ARG A 39 -16.36 6.89 2.58
CA ARG A 39 -16.63 5.56 3.15
C ARG A 39 -15.52 4.55 2.85
N PRO A 40 -15.43 3.49 3.66
CA PRO A 40 -14.57 2.34 3.43
C PRO A 40 -14.71 1.77 2.02
N PRO A 41 -13.74 0.95 1.59
CA PRO A 41 -13.74 0.28 0.30
C PRO A 41 -15.05 -0.47 0.02
N PRO A 42 -15.34 -0.76 -1.25
CA PRO A 42 -16.52 -1.49 -1.69
C PRO A 42 -16.29 -2.98 -1.50
N ASP A 43 -16.69 -3.80 -2.47
CA ASP A 43 -16.69 -5.25 -2.39
C ASP A 43 -15.30 -5.86 -2.64
N VAL A 44 -14.26 -5.21 -2.12
CA VAL A 44 -12.89 -5.70 -2.19
C VAL A 44 -12.72 -7.03 -1.46
N GLU A 45 -13.82 -7.59 -0.97
CA GLU A 45 -13.87 -8.87 -0.27
C GLU A 45 -13.42 -10.02 -1.17
N GLY A 46 -13.31 -9.79 -2.48
CA GLY A 46 -12.87 -10.80 -3.44
C GLY A 46 -11.35 -10.77 -3.64
N MET A 47 -10.67 -9.89 -2.90
CA MET A 47 -9.23 -9.73 -2.95
C MET A 47 -8.73 -9.50 -1.52
N THR A 48 -7.40 -9.39 -1.33
CA THR A 48 -6.89 -9.16 0.02
C THR A 48 -5.64 -8.28 0.05
N SER A 49 -4.78 -8.38 -0.98
CA SER A 49 -3.53 -7.64 -0.99
C SER A 49 -3.76 -6.15 -1.16
N LEU A 50 -2.97 -5.36 -0.42
CA LEU A 50 -2.94 -3.91 -0.60
C LEU A 50 -1.73 -3.57 -1.46
N LYS A 51 -1.75 -2.37 -2.06
CA LYS A 51 -0.69 -1.76 -2.85
C LYS A 51 -0.63 -0.28 -2.49
N VAL A 52 0.58 0.26 -2.34
CA VAL A 52 0.78 1.68 -2.09
C VAL A 52 1.79 2.24 -3.06
N ASP A 53 1.52 3.47 -3.54
CA ASP A 53 2.18 4.18 -4.63
C ASP A 53 2.34 5.69 -4.30
N ASN A 54 3.08 6.39 -5.16
CA ASN A 54 3.45 7.79 -5.07
C ASN A 54 4.57 8.03 -4.05
N LEU A 55 5.75 8.42 -4.54
CA LEU A 55 6.94 8.68 -3.74
C LEU A 55 7.62 9.99 -4.14
N THR A 56 8.71 10.32 -3.46
CA THR A 56 9.52 11.50 -3.75
C THR A 56 10.99 11.14 -3.98
N TYR A 57 11.27 9.85 -4.24
CA TYR A 57 12.61 9.33 -4.50
C TYR A 57 13.43 9.07 -3.23
N ARG A 58 12.90 9.51 -2.09
CA ARG A 58 13.59 9.40 -0.81
C ARG A 58 12.66 8.89 0.30
N THR A 59 11.40 8.59 -0.02
CA THR A 59 10.47 8.05 0.95
C THR A 59 10.97 6.71 1.49
N SER A 60 11.50 5.86 0.60
CA SER A 60 12.05 4.54 0.91
C SER A 60 11.05 3.57 1.57
N PRO A 61 11.30 2.26 1.43
CA PRO A 61 10.47 1.19 1.98
C PRO A 61 10.44 1.21 3.50
N ASP A 62 11.49 1.70 4.16
CA ASP A 62 11.54 1.71 5.61
C ASP A 62 10.53 2.67 6.22
N THR A 63 10.41 3.87 5.65
CA THR A 63 9.48 4.86 6.19
C THR A 63 8.07 4.35 5.96
N LEU A 64 7.83 3.79 4.77
CA LEU A 64 6.53 3.24 4.45
C LEU A 64 6.20 2.09 5.40
N ARG A 65 7.21 1.33 5.82
CA ARG A 65 6.99 0.17 6.67
C ARG A 65 6.31 0.61 7.96
N ARG A 66 6.93 1.54 8.68
CA ARG A 66 6.42 2.00 9.97
C ARG A 66 5.30 3.05 9.82
N VAL A 67 5.02 3.46 8.58
CA VAL A 67 3.92 4.36 8.27
C VAL A 67 2.65 3.59 7.92
N PHE A 68 2.79 2.30 7.64
CA PHE A 68 1.65 1.48 7.22
C PHE A 68 1.46 0.29 8.14
N GLU A 69 2.54 -0.33 8.60
CA GLU A 69 2.39 -1.45 9.51
C GLU A 69 1.81 -0.99 10.84
N LYS A 70 1.88 0.32 11.09
CA LYS A 70 1.43 0.91 12.34
C LYS A 70 -0.05 0.66 12.57
N TYR A 71 -0.83 0.59 11.48
CA TYR A 71 -2.25 0.33 11.58
C TYR A 71 -2.52 -1.14 11.87
N GLY A 72 -1.56 -2.01 11.57
CA GLY A 72 -1.69 -3.44 11.88
C GLY A 72 -0.41 -4.20 11.56
N ARG A 73 -0.06 -4.29 10.27
CA ARG A 73 1.18 -4.93 9.84
C ARG A 73 1.42 -4.66 8.36
N VAL A 74 2.63 -4.99 7.91
CA VAL A 74 3.02 -4.88 6.51
C VAL A 74 3.67 -6.19 6.10
N GLY A 75 2.88 -7.03 5.43
CA GLY A 75 3.34 -8.32 4.91
C GLY A 75 4.46 -8.16 3.90
N ASP A 76 4.51 -7.02 3.19
CA ASP A 76 5.51 -6.73 2.18
C ASP A 76 5.65 -5.23 2.01
N VAL A 77 6.87 -4.75 1.79
CA VAL A 77 7.12 -3.33 1.54
C VAL A 77 8.34 -3.22 0.64
N TYR A 78 8.14 -2.73 -0.59
CA TYR A 78 9.25 -2.55 -1.50
C TYR A 78 8.95 -1.45 -2.52
N ILE A 79 10.00 -1.01 -3.24
CA ILE A 79 9.90 0.05 -4.24
C ILE A 79 10.42 -0.51 -5.58
N PRO A 80 9.53 -0.64 -6.58
CA PRO A 80 9.84 -1.09 -7.93
C PRO A 80 10.62 -0.03 -8.75
N ARG A 81 11.61 0.62 -8.13
CA ARG A 81 12.41 1.64 -8.80
C ARG A 81 13.23 1.05 -9.95
N ASP A 82 14.03 1.91 -10.60
CA ASP A 82 14.91 1.52 -11.69
C ASP A 82 15.93 0.47 -11.25
N ARG A 83 16.78 0.02 -12.19
CA ARG A 83 17.73 -1.05 -11.94
C ARG A 83 19.11 -0.72 -12.51
N TYR A 84 19.27 0.49 -13.08
CA TYR A 84 20.52 0.91 -13.68
C TYR A 84 20.76 2.42 -13.47
N THR A 85 20.01 3.04 -12.57
CA THR A 85 20.14 4.46 -12.27
C THR A 85 20.01 4.72 -10.77
N LYS A 86 20.21 5.98 -10.36
CA LYS A 86 20.20 6.39 -8.97
C LYS A 86 18.89 7.08 -8.62
N GLU A 87 17.81 6.73 -9.32
CA GLU A 87 16.50 7.34 -9.13
C GLU A 87 15.42 6.27 -9.12
N SER A 88 14.14 6.68 -9.14
CA SER A 88 13.03 5.76 -9.03
C SER A 88 11.87 6.16 -9.93
N ARG A 89 10.95 5.22 -10.14
CA ARG A 89 9.79 5.41 -11.00
C ARG A 89 8.76 6.37 -10.39
N GLY A 90 8.84 6.59 -9.08
CA GLY A 90 7.95 7.54 -8.40
C GLY A 90 6.83 6.86 -7.62
N PHE A 91 6.91 5.54 -7.40
CA PHE A 91 5.89 4.81 -6.67
C PHE A 91 6.50 3.62 -5.94
N ALA A 92 5.81 3.18 -4.89
CA ALA A 92 6.24 2.06 -4.08
C ALA A 92 5.31 0.89 -4.33
N PHE A 93 5.32 -0.08 -3.42
CA PHE A 93 4.48 -1.25 -3.48
C PHE A 93 4.43 -1.84 -2.09
N VAL A 94 3.79 -1.12 -1.17
CA VAL A 94 3.56 -1.79 0.08
C VAL A 94 2.43 -2.78 -0.18
N ARG A 95 2.52 -3.97 0.39
CA ARG A 95 1.49 -4.97 0.23
C ARG A 95 1.13 -5.58 1.56
N PHE A 96 -0.18 -5.72 1.72
CA PHE A 96 -0.73 -6.22 2.98
C PHE A 96 -1.27 -7.61 2.78
N HIS A 97 -0.97 -8.48 3.75
CA HIS A 97 -1.35 -9.88 3.79
C HIS A 97 -2.75 -10.06 4.34
N ASP A 98 -3.37 -8.96 4.81
CA ASP A 98 -4.68 -8.97 5.43
C ASP A 98 -5.39 -7.67 5.12
N LYS A 99 -6.47 -7.78 4.34
CA LYS A 99 -7.28 -6.67 3.90
C LYS A 99 -7.82 -5.82 5.05
N ARG A 100 -7.95 -6.39 6.25
CA ARG A 100 -8.51 -5.65 7.37
C ARG A 100 -7.52 -4.59 7.86
N ASP A 101 -6.25 -4.98 8.01
CA ASP A 101 -5.21 -4.04 8.40
C ASP A 101 -4.99 -3.04 7.26
N ALA A 102 -5.27 -3.47 6.02
CA ALA A 102 -5.12 -2.63 4.86
C ALA A 102 -6.29 -1.64 4.75
N GLU A 103 -7.48 -2.02 5.19
CA GLU A 103 -8.65 -1.16 5.15
C GLU A 103 -8.42 0.09 5.99
N ASP A 104 -7.96 -0.08 7.24
CA ASP A 104 -7.80 1.07 8.11
C ASP A 104 -6.63 1.93 7.65
N ALA A 105 -5.51 1.29 7.29
CA ALA A 105 -4.33 2.02 6.85
C ALA A 105 -4.67 2.83 5.60
N MET A 106 -5.34 2.22 4.62
CA MET A 106 -5.70 2.89 3.38
C MET A 106 -6.69 4.03 3.65
N ASP A 107 -7.67 3.80 4.54
CA ASP A 107 -8.64 4.82 4.91
C ASP A 107 -7.98 5.92 5.73
N ALA A 108 -6.70 5.75 6.10
CA ALA A 108 -5.96 6.71 6.89
C ALA A 108 -4.64 7.12 6.23
N MET A 109 -4.40 6.68 4.99
CA MET A 109 -3.16 6.98 4.28
C MET A 109 -3.38 7.38 2.82
N ASP A 110 -4.53 7.06 2.22
CA ASP A 110 -4.80 7.47 0.86
C ASP A 110 -4.92 9.00 0.76
N GLY A 111 -4.04 9.61 -0.03
CA GLY A 111 -4.00 11.05 -0.22
C GLY A 111 -3.58 11.79 1.04
N ALA A 112 -2.88 11.09 1.95
CA ALA A 112 -2.48 11.61 3.25
C ALA A 112 -1.23 12.50 3.15
N VAL A 113 -0.72 12.69 1.93
CA VAL A 113 0.47 13.50 1.64
C VAL A 113 1.53 13.39 2.74
N LEU A 114 2.17 12.21 2.77
CA LEU A 114 3.26 11.88 3.67
C LEU A 114 4.35 12.95 3.65
N ASP A 115 4.91 13.22 2.46
CA ASP A 115 6.08 14.09 2.35
C ASP A 115 5.73 15.44 1.72
N GLY A 116 4.63 15.48 0.94
CA GLY A 116 4.20 16.69 0.25
C GLY A 116 3.88 16.41 -1.21
N ARG A 117 3.42 15.19 -1.51
CA ARG A 117 3.13 14.75 -2.88
C ARG A 117 1.76 14.10 -3.01
N GLU A 118 1.20 13.61 -1.90
CA GLU A 118 -0.16 13.07 -1.78
C GLU A 118 -0.12 11.56 -2.02
N LEU A 119 0.28 10.82 -0.98
CA LEU A 119 0.39 9.37 -0.95
C LEU A 119 -0.85 8.73 -1.60
N ARG A 120 -0.69 7.52 -2.13
CA ARG A 120 -1.78 6.80 -2.79
C ARG A 120 -1.86 5.39 -2.23
N VAL A 121 -3.07 4.95 -1.91
CA VAL A 121 -3.28 3.62 -1.35
C VAL A 121 -4.50 2.97 -1.97
N GLN A 122 -4.36 1.69 -2.32
CA GLN A 122 -5.40 0.93 -3.00
C GLN A 122 -5.06 -0.56 -2.98
N MET A 123 -6.10 -1.41 -3.02
CA MET A 123 -5.95 -2.85 -3.12
C MET A 123 -5.10 -3.23 -4.32
N ALA A 124 -4.17 -4.16 -4.11
CA ALA A 124 -3.28 -4.68 -5.14
C ALA A 124 -4.01 -5.70 -6.01
N ARG A 125 -5.26 -6.04 -5.65
CA ARG A 125 -6.16 -6.98 -6.34
C ARG A 125 -5.76 -8.42 -6.12
N TYR A 126 -4.53 -8.64 -5.67
CA TYR A 126 -4.01 -9.98 -5.49
C TYR A 126 -4.56 -10.62 -4.22
N GLY A 127 -4.38 -11.94 -4.08
CA GLY A 127 -4.80 -12.68 -2.91
C GLY A 127 -5.22 -14.11 -3.25
N ARG A 128 -5.52 -14.35 -4.53
CA ARG A 128 -5.93 -15.67 -5.01
C ARG A 128 -4.77 -16.66 -4.91
N PRO A 129 -5.06 -17.97 -4.81
CA PRO A 129 -4.04 -19.00 -4.75
C PRO A 129 -3.37 -19.18 -6.13
N PRO A 130 -2.19 -19.80 -6.16
CA PRO A 130 -1.45 -20.06 -7.38
C PRO A 130 -2.13 -21.17 -8.21
N ASP A 131 -1.66 -21.36 -9.44
CA ASP A 131 -2.19 -22.38 -10.34
C ASP A 131 -1.95 -23.78 -9.78
N SER A 132 -2.69 -24.76 -10.30
CA SER A 132 -2.62 -26.16 -9.88
C SER A 132 -2.81 -26.32 -8.37
N HIS A 133 -3.41 -25.33 -7.72
CA HIS A 133 -3.66 -25.35 -6.28
C HIS A 133 -4.90 -24.52 -5.95
N HIS A 134 -5.38 -24.60 -4.71
CA HIS A 134 -6.54 -23.84 -4.26
C HIS A 134 -6.48 -23.64 -2.75
N SER A 135 -7.25 -22.67 -2.24
CA SER A 135 -7.31 -22.34 -0.81
C SER A 135 -8.69 -21.80 -0.46
N MET A 35 -13.52 2.44 17.64
CA MET A 35 -14.16 3.77 17.78
C MET A 35 -14.72 4.22 16.44
N SER A 36 -16.01 4.62 16.43
CA SER A 36 -16.73 5.04 15.23
C SER A 36 -16.65 4.02 14.09
N TYR A 37 -17.12 4.42 12.91
CA TYR A 37 -17.08 3.60 11.72
C TYR A 37 -16.97 4.49 10.48
N GLY A 38 -16.96 3.87 9.30
CA GLY A 38 -16.89 4.58 8.03
C GLY A 38 -17.54 3.77 6.92
N ARG A 39 -17.56 4.33 5.70
CA ARG A 39 -18.19 3.69 4.55
C ARG A 39 -17.56 2.33 4.27
N PRO A 40 -18.36 1.38 3.73
CA PRO A 40 -17.89 0.05 3.39
C PRO A 40 -17.05 0.08 2.10
N PRO A 41 -16.26 -0.98 1.85
CA PRO A 41 -15.42 -1.08 0.67
C PRO A 41 -16.29 -1.29 -0.58
N PRO A 42 -15.71 -1.06 -1.77
CA PRO A 42 -16.41 -1.15 -3.04
C PRO A 42 -16.80 -2.59 -3.40
N ASP A 43 -15.81 -3.36 -3.87
CA ASP A 43 -16.01 -4.74 -4.30
C ASP A 43 -14.78 -5.59 -3.99
N VAL A 44 -14.15 -5.38 -2.83
CA VAL A 44 -13.01 -6.17 -2.38
C VAL A 44 -13.39 -7.63 -2.14
N GLU A 45 -14.58 -8.03 -2.56
CA GLU A 45 -15.15 -9.36 -2.42
C GLU A 45 -14.36 -10.45 -3.16
N GLY A 46 -13.18 -10.12 -3.71
CA GLY A 46 -12.37 -11.07 -4.45
C GLY A 46 -10.88 -10.75 -4.37
N MET A 47 -10.47 -9.88 -3.44
CA MET A 47 -9.08 -9.49 -3.28
C MET A 47 -8.73 -9.33 -1.80
N THR A 48 -7.43 -9.22 -1.49
CA THR A 48 -6.99 -9.04 -0.11
C THR A 48 -5.73 -8.21 -0.02
N SER A 49 -4.84 -8.33 -1.01
CA SER A 49 -3.57 -7.62 -1.02
C SER A 49 -3.78 -6.13 -1.18
N LEU A 50 -2.98 -5.35 -0.45
CA LEU A 50 -2.94 -3.90 -0.59
C LEU A 50 -1.73 -3.54 -1.44
N LYS A 51 -1.75 -2.34 -2.04
CA LYS A 51 -0.67 -1.75 -2.82
C LYS A 51 -0.60 -0.27 -2.45
N VAL A 52 0.61 0.25 -2.28
CA VAL A 52 0.83 1.67 -2.02
C VAL A 52 1.83 2.21 -3.02
N ASP A 53 1.56 3.45 -3.46
CA ASP A 53 2.16 4.14 -4.59
C ASP A 53 2.45 5.62 -4.25
N ASN A 54 3.02 6.35 -5.21
CA ASN A 54 3.41 7.76 -5.14
C ASN A 54 4.52 8.03 -4.13
N LEU A 55 5.70 8.36 -4.64
CA LEU A 55 6.89 8.63 -3.84
C LEU A 55 7.61 9.85 -4.37
N THR A 56 8.58 10.37 -3.59
CA THR A 56 9.37 11.52 -3.97
C THR A 56 10.82 11.16 -4.21
N TYR A 57 11.11 9.85 -4.31
CA TYR A 57 12.43 9.25 -4.56
C TYR A 57 13.21 9.01 -3.28
N ARG A 58 12.68 9.51 -2.16
CA ARG A 58 13.32 9.42 -0.85
C ARG A 58 12.36 8.94 0.23
N THR A 59 11.12 8.62 -0.14
CA THR A 59 10.13 8.11 0.81
C THR A 59 10.60 6.78 1.40
N SER A 60 11.23 5.93 0.57
CA SER A 60 11.81 4.63 0.95
C SER A 60 10.86 3.63 1.60
N PRO A 61 11.16 2.32 1.47
CA PRO A 61 10.37 1.24 2.03
C PRO A 61 10.37 1.23 3.55
N ASP A 62 11.40 1.78 4.19
CA ASP A 62 11.52 1.76 5.64
C ASP A 62 10.52 2.71 6.29
N THR A 63 10.37 3.91 5.72
CA THR A 63 9.45 4.88 6.26
C THR A 63 8.04 4.36 6.05
N LEU A 64 7.78 3.82 4.86
CA LEU A 64 6.49 3.23 4.55
C LEU A 64 6.20 2.07 5.49
N ARG A 65 7.25 1.35 5.94
CA ARG A 65 7.05 0.19 6.78
C ARG A 65 6.35 0.59 8.06
N ARG A 66 6.95 1.52 8.81
CA ARG A 66 6.36 1.95 10.08
C ARG A 66 5.23 2.95 9.91
N VAL A 67 5.01 3.44 8.69
CA VAL A 67 3.89 4.31 8.36
C VAL A 67 2.64 3.51 8.02
N PHE A 68 2.79 2.22 7.69
CA PHE A 68 1.67 1.41 7.27
C PHE A 68 1.47 0.21 8.20
N GLU A 69 2.55 -0.40 8.66
CA GLU A 69 2.41 -1.54 9.55
C GLU A 69 1.81 -1.10 10.88
N LYS A 70 1.86 0.22 11.15
CA LYS A 70 1.40 0.78 12.41
C LYS A 70 -0.08 0.51 12.63
N TYR A 71 -0.85 0.46 11.53
CA TYR A 71 -2.27 0.21 11.63
C TYR A 71 -2.54 -1.27 11.90
N GLY A 72 -1.58 -2.14 11.59
CA GLY A 72 -1.70 -3.56 11.90
C GLY A 72 -0.40 -4.30 11.57
N ARG A 73 -0.06 -4.38 10.29
CA ARG A 73 1.19 -5.02 9.85
C ARG A 73 1.43 -4.74 8.37
N VAL A 74 2.64 -5.05 7.92
CA VAL A 74 3.03 -4.93 6.52
C VAL A 74 3.68 -6.24 6.09
N GLY A 75 2.89 -7.06 5.42
CA GLY A 75 3.35 -8.35 4.89
C GLY A 75 4.47 -8.18 3.87
N ASP A 76 4.51 -7.04 3.18
CA ASP A 76 5.50 -6.76 2.16
C ASP A 76 5.66 -5.25 2.02
N VAL A 77 6.88 -4.76 1.80
CA VAL A 77 7.13 -3.35 1.57
C VAL A 77 8.36 -3.24 0.67
N TYR A 78 8.19 -2.73 -0.54
CA TYR A 78 9.31 -2.52 -1.44
C TYR A 78 9.00 -1.44 -2.46
N ILE A 79 10.04 -0.99 -3.18
CA ILE A 79 9.91 0.05 -4.18
C ILE A 79 10.45 -0.49 -5.50
N PRO A 80 9.59 -0.64 -6.52
CA PRO A 80 9.93 -1.05 -7.88
C PRO A 80 10.70 0.03 -8.64
N ARG A 81 11.73 0.62 -8.02
CA ARG A 81 12.56 1.65 -8.63
C ARG A 81 13.40 1.10 -9.78
N ASP A 82 14.37 1.89 -10.22
CA ASP A 82 15.29 1.61 -11.31
C ASP A 82 16.08 0.31 -11.15
N ARG A 83 16.97 0.06 -12.12
CA ARG A 83 17.92 -1.05 -12.08
C ARG A 83 19.27 -0.63 -12.68
N TYR A 84 19.40 0.62 -13.15
CA TYR A 84 20.60 1.09 -13.82
C TYR A 84 20.80 2.60 -13.69
N THR A 85 20.13 3.25 -12.73
CA THR A 85 20.21 4.72 -12.58
C THR A 85 20.29 5.12 -11.11
N LYS A 86 20.07 6.40 -10.82
CA LYS A 86 20.19 6.97 -9.48
C LYS A 86 18.85 7.55 -9.00
N GLU A 87 17.73 7.06 -9.55
CA GLU A 87 16.39 7.56 -9.23
C GLU A 87 15.40 6.41 -9.13
N SER A 88 14.10 6.72 -9.07
CA SER A 88 13.06 5.70 -8.94
C SER A 88 11.91 6.02 -9.89
N ARG A 89 10.99 5.06 -10.06
CA ARG A 89 9.82 5.22 -10.91
C ARG A 89 8.79 6.16 -10.30
N GLY A 90 8.94 6.49 -9.02
CA GLY A 90 8.07 7.45 -8.37
C GLY A 90 6.91 6.79 -7.62
N PHE A 91 6.99 5.48 -7.34
CA PHE A 91 5.94 4.77 -6.65
C PHE A 91 6.51 3.58 -5.89
N ALA A 92 5.82 3.19 -4.82
CA ALA A 92 6.23 2.08 -3.98
C ALA A 92 5.33 0.89 -4.27
N PHE A 93 5.35 -0.07 -3.36
CA PHE A 93 4.50 -1.25 -3.44
C PHE A 93 4.47 -1.86 -2.06
N VAL A 94 3.81 -1.14 -1.13
CA VAL A 94 3.58 -1.83 0.12
C VAL A 94 2.46 -2.81 -0.15
N ARG A 95 2.53 -4.01 0.41
CA ARG A 95 1.50 -5.01 0.24
C ARG A 95 1.13 -5.64 1.55
N PHE A 96 -0.18 -5.73 1.73
CA PHE A 96 -0.74 -6.24 2.98
C PHE A 96 -1.30 -7.63 2.76
N HIS A 97 -0.97 -8.52 3.70
CA HIS A 97 -1.38 -9.91 3.73
C HIS A 97 -2.81 -10.07 4.27
N ASP A 98 -3.41 -8.97 4.76
CA ASP A 98 -4.72 -8.99 5.37
C ASP A 98 -5.44 -7.68 5.03
N LYS A 99 -6.53 -7.81 4.28
CA LYS A 99 -7.33 -6.67 3.83
C LYS A 99 -7.86 -5.83 5.00
N ARG A 100 -8.00 -6.40 6.19
CA ARG A 100 -8.56 -5.67 7.32
C ARG A 100 -7.55 -4.64 7.83
N ASP A 101 -6.29 -5.05 7.98
CA ASP A 101 -5.23 -4.14 8.38
C ASP A 101 -5.00 -3.13 7.25
N ALA A 102 -5.30 -3.54 6.02
CA ALA A 102 -5.14 -2.68 4.86
C ALA A 102 -6.27 -1.67 4.75
N GLU A 103 -7.48 -2.04 5.17
CA GLU A 103 -8.63 -1.15 5.13
C GLU A 103 -8.37 0.09 5.98
N ASP A 104 -7.95 -0.11 7.23
CA ASP A 104 -7.78 1.03 8.10
C ASP A 104 -6.59 1.88 7.65
N ALA A 105 -5.48 1.23 7.30
CA ALA A 105 -4.29 1.94 6.87
C ALA A 105 -4.61 2.77 5.61
N MET A 106 -5.29 2.18 4.63
CA MET A 106 -5.63 2.86 3.39
C MET A 106 -6.58 4.01 3.66
N ASP A 107 -7.58 3.79 4.53
CA ASP A 107 -8.54 4.84 4.88
C ASP A 107 -7.88 5.90 5.78
N ALA A 108 -6.61 5.72 6.12
CA ALA A 108 -5.85 6.66 6.93
C ALA A 108 -4.53 7.04 6.27
N MET A 109 -4.28 6.61 5.03
CA MET A 109 -3.03 6.91 4.34
C MET A 109 -3.24 7.34 2.89
N ASP A 110 -4.40 7.06 2.28
CA ASP A 110 -4.64 7.51 0.93
C ASP A 110 -4.72 9.04 0.90
N GLY A 111 -3.81 9.67 0.14
CA GLY A 111 -3.75 11.11 0.00
C GLY A 111 -3.30 11.77 1.32
N ALA A 112 -2.52 11.05 2.13
CA ALA A 112 -2.09 11.52 3.43
C ALA A 112 -0.81 12.35 3.34
N VAL A 113 -0.35 12.63 2.12
CA VAL A 113 0.83 13.43 1.82
C VAL A 113 1.93 13.29 2.88
N LEU A 114 2.59 12.13 2.85
CA LEU A 114 3.69 11.79 3.71
C LEU A 114 4.91 12.71 3.50
N ASP A 115 4.97 13.44 2.38
CA ASP A 115 6.10 14.32 2.11
C ASP A 115 5.65 15.66 1.49
N GLY A 116 4.76 15.63 0.51
CA GLY A 116 4.23 16.85 -0.10
C GLY A 116 3.79 16.66 -1.54
N ARG A 117 3.36 15.44 -1.89
CA ARG A 117 2.91 15.10 -3.23
C ARG A 117 1.62 14.29 -3.22
N GLU A 118 1.30 13.68 -2.07
CA GLU A 118 0.02 13.07 -1.73
C GLU A 118 0.06 11.56 -1.96
N LEU A 119 0.44 10.82 -0.91
CA LEU A 119 0.54 9.37 -0.89
C LEU A 119 -0.69 8.73 -1.54
N ARG A 120 -0.55 7.51 -2.06
CA ARG A 120 -1.65 6.82 -2.72
C ARG A 120 -1.75 5.40 -2.18
N VAL A 121 -2.98 4.97 -1.87
CA VAL A 121 -3.20 3.64 -1.33
C VAL A 121 -4.43 3.02 -1.96
N GLN A 122 -4.32 1.73 -2.31
CA GLN A 122 -5.38 0.98 -2.97
C GLN A 122 -5.04 -0.51 -2.98
N MET A 123 -6.08 -1.36 -3.01
CA MET A 123 -5.92 -2.79 -3.13
C MET A 123 -5.06 -3.12 -4.34
N ALA A 124 -4.14 -4.07 -4.16
CA ALA A 124 -3.17 -4.43 -5.19
C ALA A 124 -3.78 -5.28 -6.29
N ARG A 125 -4.97 -5.85 -6.04
CA ARG A 125 -5.77 -6.68 -6.95
C ARG A 125 -5.64 -8.16 -6.62
N TYR A 126 -4.53 -8.51 -5.99
CA TYR A 126 -4.21 -9.89 -5.64
C TYR A 126 -4.97 -10.32 -4.37
N GLY A 127 -4.97 -11.61 -4.05
CA GLY A 127 -5.69 -12.14 -2.91
C GLY A 127 -5.36 -13.61 -2.68
N ARG A 128 -6.15 -14.26 -1.82
CA ARG A 128 -5.97 -15.67 -1.47
C ARG A 128 -6.00 -16.54 -2.72
N PRO A 129 -5.30 -17.69 -2.71
CA PRO A 129 -5.25 -18.62 -3.83
C PRO A 129 -6.61 -19.32 -4.03
N PRO A 130 -6.78 -19.98 -5.18
CA PRO A 130 -7.97 -20.77 -5.55
C PRO A 130 -8.35 -21.88 -4.57
N ASP A 131 -7.80 -21.90 -3.35
CA ASP A 131 -8.03 -22.99 -2.41
C ASP A 131 -8.32 -22.47 -0.99
N SER A 132 -8.45 -21.15 -0.83
CA SER A 132 -8.78 -20.56 0.47
C SER A 132 -9.45 -19.19 0.28
N HIS A 133 -9.84 -18.56 1.39
CA HIS A 133 -10.55 -17.29 1.37
C HIS A 133 -10.23 -16.49 2.64
N HIS A 134 -10.73 -15.26 2.72
CA HIS A 134 -10.49 -14.38 3.86
C HIS A 134 -11.71 -13.48 4.13
N SER A 135 -12.83 -13.75 3.45
CA SER A 135 -14.06 -12.98 3.57
C SER A 135 -15.27 -13.88 3.35
N MET A 35 -4.84 14.84 12.74
CA MET A 35 -5.40 13.60 12.18
C MET A 35 -5.86 13.80 10.74
N SER A 36 -6.07 12.70 10.01
CA SER A 36 -6.50 12.75 8.62
C SER A 36 -7.24 11.47 8.23
N TYR A 37 -7.70 11.44 6.99
CA TYR A 37 -8.35 10.27 6.39
C TYR A 37 -8.05 10.26 4.89
N GLY A 38 -8.50 9.19 4.22
CA GLY A 38 -8.33 9.02 2.79
C GLY A 38 -9.52 8.27 2.19
N ARG A 39 -9.47 8.00 0.88
CA ARG A 39 -10.53 7.29 0.19
C ARG A 39 -10.77 5.92 0.82
N PRO A 40 -12.03 5.46 0.85
CA PRO A 40 -12.39 4.15 1.37
C PRO A 40 -11.99 3.05 0.39
N PRO A 41 -12.02 1.78 0.81
CA PRO A 41 -11.75 0.63 -0.03
C PRO A 41 -12.60 0.65 -1.31
N PRO A 42 -12.14 0.00 -2.38
CA PRO A 42 -12.84 -0.06 -3.65
C PRO A 42 -14.12 -0.87 -3.54
N ASP A 43 -13.96 -2.20 -3.48
CA ASP A 43 -15.07 -3.13 -3.32
C ASP A 43 -14.65 -4.37 -2.53
N VAL A 44 -13.38 -4.76 -2.64
CA VAL A 44 -12.76 -5.88 -1.94
C VAL A 44 -13.57 -7.18 -1.97
N GLU A 45 -14.49 -7.32 -2.92
CA GLU A 45 -15.32 -8.52 -3.08
C GLU A 45 -14.51 -9.71 -3.62
N GLY A 46 -13.23 -9.51 -3.91
CA GLY A 46 -12.39 -10.57 -4.48
C GLY A 46 -10.90 -10.25 -4.39
N MET A 47 -10.51 -9.46 -3.38
CA MET A 47 -9.13 -9.04 -3.20
C MET A 47 -8.79 -9.02 -1.71
N THR A 48 -7.50 -9.07 -1.38
CA THR A 48 -7.04 -8.98 0.00
C THR A 48 -5.71 -8.25 0.11
N SER A 49 -4.85 -8.39 -0.91
CA SER A 49 -3.56 -7.71 -0.92
C SER A 49 -3.75 -6.21 -1.11
N LEU A 50 -2.95 -5.43 -0.40
CA LEU A 50 -2.91 -3.99 -0.58
C LEU A 50 -1.71 -3.66 -1.45
N LYS A 51 -1.73 -2.47 -2.07
CA LYS A 51 -0.66 -1.89 -2.86
C LYS A 51 -0.61 -0.40 -2.53
N VAL A 52 0.59 0.15 -2.39
CA VAL A 52 0.77 1.58 -2.13
C VAL A 52 1.76 2.16 -3.10
N ASP A 53 1.45 3.38 -3.56
CA ASP A 53 2.09 4.12 -4.64
C ASP A 53 2.44 5.56 -4.25
N ASN A 54 3.07 6.28 -5.19
CA ASN A 54 3.51 7.66 -5.12
C ASN A 54 4.68 7.86 -4.15
N LEU A 55 5.81 8.34 -4.70
CA LEU A 55 7.04 8.60 -3.97
C LEU A 55 7.68 9.92 -4.41
N THR A 56 8.76 10.29 -3.73
CA THR A 56 9.56 11.47 -4.06
C THR A 56 11.04 11.13 -4.17
N TYR A 57 11.37 9.82 -4.23
CA TYR A 57 12.72 9.27 -4.35
C TYR A 57 13.40 9.11 -3.00
N ARG A 58 12.77 9.65 -1.95
CA ARG A 58 13.33 9.65 -0.60
C ARG A 58 12.39 8.96 0.39
N THR A 59 11.14 8.67 -0.01
CA THR A 59 10.18 8.05 0.88
C THR A 59 10.68 6.70 1.38
N SER A 60 11.26 5.88 0.48
CA SER A 60 11.84 4.58 0.80
C SER A 60 10.88 3.58 1.47
N PRO A 61 11.18 2.27 1.35
CA PRO A 61 10.37 1.19 1.93
C PRO A 61 10.39 1.23 3.45
N ASP A 62 11.43 1.81 4.04
CA ASP A 62 11.58 1.89 5.48
C ASP A 62 10.53 2.78 6.12
N THR A 63 10.34 3.99 5.58
CA THR A 63 9.39 4.93 6.14
C THR A 63 8.00 4.37 5.94
N LEU A 64 7.74 3.83 4.75
CA LEU A 64 6.46 3.24 4.44
C LEU A 64 6.16 2.10 5.39
N ARG A 65 7.20 1.38 5.84
CA ARG A 65 6.98 0.22 6.70
C ARG A 65 6.28 0.64 7.98
N ARG A 66 6.88 1.60 8.70
CA ARG A 66 6.34 2.04 9.98
C ARG A 66 5.19 3.05 9.81
N VAL A 67 4.98 3.53 8.58
CA VAL A 67 3.85 4.39 8.25
C VAL A 67 2.59 3.59 7.91
N PHE A 68 2.75 2.30 7.64
CA PHE A 68 1.62 1.47 7.23
C PHE A 68 1.43 0.28 8.16
N GLU A 69 2.52 -0.33 8.64
CA GLU A 69 2.38 -1.46 9.53
C GLU A 69 1.79 -1.01 10.86
N LYS A 70 1.84 0.31 11.11
CA LYS A 70 1.38 0.88 12.36
C LYS A 70 -0.09 0.62 12.58
N TYR A 71 -0.86 0.55 11.50
CA TYR A 71 -2.29 0.29 11.59
C TYR A 71 -2.56 -1.19 11.88
N GLY A 72 -1.58 -2.06 11.58
CA GLY A 72 -1.70 -3.47 11.91
C GLY A 72 -0.41 -4.22 11.59
N ARG A 73 -0.06 -4.32 10.30
CA ARG A 73 1.19 -4.94 9.87
C ARG A 73 1.43 -4.68 8.39
N VAL A 74 2.64 -4.99 7.94
CA VAL A 74 3.03 -4.89 6.55
C VAL A 74 3.68 -6.19 6.12
N GLY A 75 2.90 -7.05 5.47
CA GLY A 75 3.38 -8.33 4.97
C GLY A 75 4.50 -8.16 3.94
N ASP A 76 4.52 -7.03 3.23
CA ASP A 76 5.51 -6.74 2.20
C ASP A 76 5.65 -5.24 2.03
N VAL A 77 6.87 -4.76 1.80
CA VAL A 77 7.12 -3.34 1.55
C VAL A 77 8.34 -3.23 0.66
N TYR A 78 8.16 -2.74 -0.56
CA TYR A 78 9.28 -2.54 -1.46
C TYR A 78 8.98 -1.47 -2.50
N ILE A 79 10.01 -1.02 -3.22
CA ILE A 79 9.88 0.00 -4.24
C ILE A 79 10.42 -0.56 -5.56
N PRO A 80 9.56 -0.70 -6.58
CA PRO A 80 9.91 -1.12 -7.94
C PRO A 80 10.66 -0.02 -8.68
N ARG A 81 11.74 0.49 -8.09
CA ARG A 81 12.51 1.59 -8.66
C ARG A 81 13.17 1.21 -10.00
N ASP A 82 13.90 2.17 -10.58
CA ASP A 82 14.60 2.01 -11.84
C ASP A 82 15.69 0.93 -11.75
N ARG A 83 16.44 0.72 -12.83
CA ARG A 83 17.46 -0.31 -12.92
C ARG A 83 18.71 0.16 -13.67
N TYR A 84 18.79 1.44 -14.02
CA TYR A 84 19.97 2.02 -14.65
C TYR A 84 20.15 3.48 -14.21
N THR A 85 19.48 3.89 -13.13
CA THR A 85 19.61 5.24 -12.60
C THR A 85 19.61 5.21 -11.07
N LYS A 86 19.80 6.38 -10.44
CA LYS A 86 19.87 6.53 -9.00
C LYS A 86 18.53 7.03 -8.44
N GLU A 87 17.44 6.77 -9.16
CA GLU A 87 16.11 7.23 -8.79
C GLU A 87 15.08 6.11 -8.95
N SER A 88 13.79 6.46 -8.98
CA SER A 88 12.71 5.48 -8.99
C SER A 88 11.61 5.88 -9.97
N ARG A 89 10.70 4.93 -10.25
CA ARG A 89 9.58 5.13 -11.16
C ARG A 89 8.57 6.12 -10.62
N GLY A 90 8.61 6.38 -9.31
CA GLY A 90 7.74 7.37 -8.69
C GLY A 90 6.64 6.73 -7.83
N PHE A 91 6.73 5.41 -7.57
CA PHE A 91 5.72 4.70 -6.77
C PHE A 91 6.37 3.53 -6.03
N ALA A 92 5.72 3.10 -4.96
CA ALA A 92 6.18 2.00 -4.14
C ALA A 92 5.27 0.81 -4.35
N PHE A 93 5.31 -0.14 -3.42
CA PHE A 93 4.50 -1.32 -3.46
C PHE A 93 4.44 -1.89 -2.07
N VAL A 94 3.78 -1.16 -1.17
CA VAL A 94 3.55 -1.83 0.10
C VAL A 94 2.43 -2.82 -0.16
N ARG A 95 2.52 -4.02 0.42
CA ARG A 95 1.50 -5.03 0.26
C ARG A 95 1.15 -5.63 1.59
N PHE A 96 -0.16 -5.78 1.76
CA PHE A 96 -0.71 -6.27 3.01
C PHE A 96 -1.25 -7.67 2.81
N HIS A 97 -0.96 -8.53 3.79
CA HIS A 97 -1.34 -9.93 3.83
C HIS A 97 -2.75 -10.10 4.39
N ASP A 98 -3.37 -9.02 4.85
CA ASP A 98 -4.69 -9.05 5.47
C ASP A 98 -5.42 -7.75 5.15
N LYS A 99 -6.52 -7.87 4.40
CA LYS A 99 -7.34 -6.75 3.99
C LYS A 99 -7.84 -5.91 5.16
N ARG A 100 -7.99 -6.49 6.35
CA ARG A 100 -8.51 -5.75 7.50
C ARG A 100 -7.51 -4.67 7.90
N ASP A 101 -6.24 -5.05 8.04
CA ASP A 101 -5.20 -4.10 8.38
C ASP A 101 -4.99 -3.12 7.23
N ALA A 102 -5.29 -3.55 6.01
CA ALA A 102 -5.14 -2.70 4.84
C ALA A 102 -6.30 -1.72 4.71
N GLU A 103 -7.51 -2.11 5.15
CA GLU A 103 -8.69 -1.27 5.11
C GLU A 103 -8.48 -0.01 5.93
N ASP A 104 -8.02 -0.16 7.18
CA ASP A 104 -7.88 1.00 8.03
C ASP A 104 -6.70 1.86 7.59
N ALA A 105 -5.57 1.22 7.25
CA ALA A 105 -4.39 1.95 6.83
C ALA A 105 -4.71 2.77 5.58
N MET A 106 -5.36 2.16 4.59
CA MET A 106 -5.71 2.84 3.34
C MET A 106 -6.70 3.96 3.61
N ASP A 107 -7.69 3.72 4.47
CA ASP A 107 -8.67 4.73 4.85
C ASP A 107 -8.02 5.85 5.67
N ALA A 108 -6.75 5.69 6.03
CA ALA A 108 -6.01 6.66 6.82
C ALA A 108 -4.67 7.04 6.19
N MET A 109 -4.39 6.60 4.97
CA MET A 109 -3.13 6.89 4.29
C MET A 109 -3.29 7.31 2.84
N ASP A 110 -4.43 7.04 2.20
CA ASP A 110 -4.63 7.52 0.84
C ASP A 110 -4.67 9.05 0.84
N GLY A 111 -3.76 9.67 0.08
CA GLY A 111 -3.66 11.12 -0.03
C GLY A 111 -3.23 11.77 1.28
N ALA A 112 -2.52 11.02 2.12
CA ALA A 112 -2.13 11.47 3.45
C ALA A 112 -0.85 12.31 3.44
N VAL A 113 -0.28 12.55 2.25
CA VAL A 113 0.89 13.39 2.00
C VAL A 113 1.89 13.38 3.17
N LEU A 114 2.58 12.24 3.36
CA LEU A 114 3.60 12.12 4.38
C LEU A 114 4.90 12.86 4.03
N ASP A 115 4.98 13.48 2.84
CA ASP A 115 6.18 14.23 2.45
C ASP A 115 5.82 15.55 1.77
N GLY A 116 4.82 15.55 0.89
CA GLY A 116 4.35 16.77 0.22
C GLY A 116 4.04 16.53 -1.26
N ARG A 117 3.59 15.32 -1.58
CA ARG A 117 3.27 14.91 -2.96
C ARG A 117 1.95 14.14 -3.03
N GLU A 118 1.52 13.57 -1.89
CA GLU A 118 0.20 12.99 -1.66
C GLU A 118 0.21 11.49 -1.92
N LEU A 119 0.46 10.72 -0.86
CA LEU A 119 0.51 9.26 -0.86
C LEU A 119 -0.71 8.67 -1.58
N ARG A 120 -0.60 7.44 -2.06
CA ARG A 120 -1.69 6.76 -2.75
C ARG A 120 -1.80 5.33 -2.21
N VAL A 121 -3.03 4.90 -1.94
CA VAL A 121 -3.25 3.55 -1.40
C VAL A 121 -4.46 2.92 -2.08
N GLN A 122 -4.34 1.61 -2.37
CA GLN A 122 -5.33 0.86 -3.11
C GLN A 122 -5.00 -0.64 -3.07
N MET A 123 -6.03 -1.48 -3.12
CA MET A 123 -5.85 -2.92 -3.20
C MET A 123 -4.95 -3.30 -4.38
N ALA A 124 -4.11 -4.29 -4.18
CA ALA A 124 -3.15 -4.77 -5.18
C ALA A 124 -3.80 -5.70 -6.20
N ARG A 125 -5.11 -5.94 -6.08
CA ARG A 125 -5.85 -6.84 -6.97
C ARG A 125 -5.38 -8.29 -6.85
N TYR A 126 -4.77 -8.65 -5.72
CA TYR A 126 -4.28 -10.00 -5.48
C TYR A 126 -4.81 -10.51 -4.14
N GLY A 127 -4.57 -11.79 -3.85
CA GLY A 127 -5.03 -12.43 -2.63
C GLY A 127 -4.52 -13.86 -2.53
N ARG A 128 -4.94 -14.57 -1.47
CA ARG A 128 -4.54 -15.95 -1.21
C ARG A 128 -5.71 -16.71 -0.60
N PRO A 129 -5.67 -18.06 -0.66
CA PRO A 129 -6.66 -18.94 -0.05
C PRO A 129 -6.92 -18.60 1.43
N PRO A 130 -8.09 -18.98 1.95
CA PRO A 130 -8.47 -18.74 3.32
C PRO A 130 -7.68 -19.64 4.28
N ASP A 131 -7.81 -19.38 5.58
CA ASP A 131 -7.15 -20.17 6.61
C ASP A 131 -7.76 -21.56 6.73
N SER A 132 -7.16 -22.41 7.57
CA SER A 132 -7.63 -23.77 7.80
C SER A 132 -7.23 -24.23 9.19
N HIS A 133 -7.78 -25.35 9.64
CA HIS A 133 -7.52 -25.91 10.96
C HIS A 133 -7.80 -27.41 10.97
N HIS A 134 -7.51 -28.07 12.11
CA HIS A 134 -7.71 -29.50 12.27
C HIS A 134 -8.04 -29.86 13.72
N SER A 135 -8.23 -28.85 14.57
CA SER A 135 -8.53 -29.04 16.00
C SER A 135 -9.42 -27.90 16.49
N MET A 35 -10.84 14.62 -11.27
CA MET A 35 -9.77 13.94 -10.52
C MET A 35 -9.91 14.21 -9.03
N SER A 36 -9.33 13.34 -8.20
CA SER A 36 -9.38 13.45 -6.74
C SER A 36 -8.18 12.74 -6.11
N TYR A 37 -8.03 12.86 -4.79
CA TYR A 37 -6.96 12.21 -4.06
C TYR A 37 -7.09 10.69 -4.10
N GLY A 38 -8.30 10.19 -4.37
CA GLY A 38 -8.59 8.77 -4.40
C GLY A 38 -9.89 8.48 -3.68
N ARG A 39 -10.25 7.20 -3.55
CA ARG A 39 -11.46 6.77 -2.86
C ARG A 39 -11.22 5.41 -2.20
N PRO A 40 -12.01 5.09 -1.16
CA PRO A 40 -12.04 3.79 -0.50
C PRO A 40 -12.15 2.62 -1.50
N PRO A 41 -11.81 1.41 -1.08
CA PRO A 41 -11.88 0.22 -1.91
C PRO A 41 -13.34 -0.14 -2.21
N PRO A 42 -13.56 -1.03 -3.19
CA PRO A 42 -14.88 -1.47 -3.60
C PRO A 42 -15.35 -2.58 -2.64
N ASP A 43 -16.03 -3.59 -3.16
CA ASP A 43 -16.62 -4.64 -2.36
C ASP A 43 -15.58 -5.69 -1.95
N VAL A 44 -14.38 -5.61 -2.53
CA VAL A 44 -13.23 -6.47 -2.27
C VAL A 44 -13.57 -7.96 -2.17
N GLU A 45 -14.64 -8.40 -2.84
CA GLU A 45 -15.08 -9.79 -2.83
C GLU A 45 -14.11 -10.71 -3.57
N GLY A 46 -12.96 -10.21 -4.02
CA GLY A 46 -12.00 -11.00 -4.77
C GLY A 46 -10.58 -10.46 -4.62
N MET A 47 -10.32 -9.68 -3.57
CA MET A 47 -9.01 -9.09 -3.32
C MET A 47 -8.74 -9.05 -1.83
N THR A 48 -7.45 -9.06 -1.47
CA THR A 48 -7.02 -8.94 -0.08
C THR A 48 -5.70 -8.20 0.05
N SER A 49 -4.82 -8.34 -0.96
CA SER A 49 -3.54 -7.66 -0.95
C SER A 49 -3.74 -6.16 -1.14
N LEU A 50 -2.95 -5.38 -0.41
CA LEU A 50 -2.89 -3.93 -0.57
C LEU A 50 -1.68 -3.60 -1.42
N LYS A 51 -1.68 -2.41 -2.03
CA LYS A 51 -0.61 -1.82 -2.83
C LYS A 51 -0.56 -0.33 -2.52
N VAL A 52 0.64 0.20 -2.32
CA VAL A 52 0.84 1.63 -2.06
C VAL A 52 1.84 2.21 -3.02
N ASP A 53 1.54 3.44 -3.47
CA ASP A 53 2.19 4.17 -4.56
C ASP A 53 2.53 5.61 -4.15
N ASN A 54 3.13 6.34 -5.10
CA ASN A 54 3.53 7.73 -5.02
C ASN A 54 4.67 7.98 -4.04
N LEU A 55 5.85 8.34 -4.59
CA LEU A 55 7.06 8.60 -3.83
C LEU A 55 7.76 9.86 -4.34
N THR A 56 8.74 10.33 -3.57
CA THR A 56 9.53 11.51 -3.93
C THR A 56 11.01 11.16 -4.09
N TYR A 57 11.32 9.87 -4.24
CA TYR A 57 12.67 9.34 -4.42
C TYR A 57 13.39 9.10 -3.09
N ARG A 58 12.78 9.55 -2.00
CA ARG A 58 13.36 9.48 -0.67
C ARG A 58 12.36 8.96 0.38
N THR A 59 11.14 8.64 -0.05
CA THR A 59 10.14 8.09 0.88
C THR A 59 10.59 6.74 1.44
N SER A 60 11.24 5.92 0.61
CA SER A 60 11.81 4.62 0.96
C SER A 60 10.85 3.60 1.59
N PRO A 61 11.16 2.30 1.47
CA PRO A 61 10.37 1.22 2.03
C PRO A 61 10.40 1.22 3.55
N ASP A 62 11.45 1.77 4.15
CA ASP A 62 11.60 1.82 5.60
C ASP A 62 10.54 2.71 6.25
N THR A 63 10.38 3.91 5.70
CA THR A 63 9.43 4.86 6.27
C THR A 63 8.03 4.32 6.06
N LEU A 64 7.78 3.77 4.88
CA LEU A 64 6.49 3.19 4.56
C LEU A 64 6.18 2.02 5.49
N ARG A 65 7.21 1.32 5.95
CA ARG A 65 7.01 0.15 6.80
C ARG A 65 6.30 0.57 8.08
N ARG A 66 6.90 1.51 8.82
CA ARG A 66 6.35 1.95 10.10
C ARG A 66 5.23 2.97 9.94
N VAL A 67 4.97 3.41 8.70
CA VAL A 67 3.86 4.30 8.39
C VAL A 67 2.60 3.50 8.04
N PHE A 68 2.75 2.22 7.73
CA PHE A 68 1.64 1.39 7.31
C PHE A 68 1.45 0.20 8.23
N GLU A 69 2.53 -0.40 8.71
CA GLU A 69 2.38 -1.54 9.59
C GLU A 69 1.78 -1.09 10.92
N LYS A 70 1.83 0.22 11.18
CA LYS A 70 1.36 0.79 12.43
C LYS A 70 -0.11 0.53 12.66
N TYR A 71 -0.88 0.47 11.57
CA TYR A 71 -2.30 0.21 11.66
C TYR A 71 -2.58 -1.26 11.93
N GLY A 72 -1.61 -2.13 11.64
CA GLY A 72 -1.72 -3.56 11.95
C GLY A 72 -0.43 -4.30 11.62
N ARG A 73 -0.08 -4.40 10.34
CA ARG A 73 1.16 -5.03 9.90
C ARG A 73 1.40 -4.75 8.42
N VAL A 74 2.63 -5.06 7.97
CA VAL A 74 3.02 -4.94 6.58
C VAL A 74 3.68 -6.24 6.17
N GLY A 75 2.90 -7.09 5.49
CA GLY A 75 3.37 -8.37 4.99
C GLY A 75 4.49 -8.21 3.96
N ASP A 76 4.54 -7.07 3.27
CA ASP A 76 5.54 -6.78 2.26
C ASP A 76 5.68 -5.26 2.10
N VAL A 77 6.90 -4.78 1.89
CA VAL A 77 7.14 -3.37 1.65
C VAL A 77 8.38 -3.24 0.76
N TYR A 78 8.20 -2.74 -0.46
CA TYR A 78 9.33 -2.53 -1.35
C TYR A 78 9.03 -1.46 -2.39
N ILE A 79 10.06 -1.03 -3.11
CA ILE A 79 9.92 -0.01 -4.14
C ILE A 79 10.41 -0.57 -5.48
N PRO A 80 9.51 -0.73 -6.46
CA PRO A 80 9.82 -1.11 -7.82
C PRO A 80 10.50 0.02 -8.58
N ARG A 81 11.73 0.37 -8.16
CA ARG A 81 12.55 1.41 -8.74
C ARG A 81 12.84 1.23 -10.24
N ASP A 82 13.72 2.11 -10.73
CA ASP A 82 14.20 2.15 -12.10
C ASP A 82 14.86 0.86 -12.57
N ARG A 83 15.42 0.91 -13.78
CA ARG A 83 16.20 -0.20 -14.34
C ARG A 83 17.42 0.32 -15.12
N TYR A 84 17.58 1.64 -15.22
CA TYR A 84 18.65 2.24 -15.99
C TYR A 84 19.02 3.65 -15.54
N THR A 85 18.63 4.05 -14.32
CA THR A 85 18.87 5.42 -13.83
C THR A 85 19.30 5.41 -12.36
N LYS A 86 19.30 6.59 -11.74
CA LYS A 86 19.72 6.81 -10.36
C LYS A 86 18.56 7.31 -9.50
N GLU A 87 17.32 6.99 -9.91
CA GLU A 87 16.12 7.45 -9.26
C GLU A 87 15.09 6.32 -9.21
N SER A 88 13.80 6.63 -9.11
CA SER A 88 12.74 5.63 -9.03
C SER A 88 11.60 5.97 -9.98
N ARG A 89 10.69 5.01 -10.17
CA ARG A 89 9.52 5.18 -11.03
C ARG A 89 8.47 6.06 -10.37
N GLY A 90 8.71 6.49 -9.14
CA GLY A 90 7.83 7.42 -8.44
C GLY A 90 6.72 6.72 -7.67
N PHE A 91 6.84 5.41 -7.44
CA PHE A 91 5.83 4.66 -6.70
C PHE A 91 6.46 3.49 -5.97
N ALA A 92 5.80 3.07 -4.89
CA ALA A 92 6.25 1.97 -4.06
C ALA A 92 5.33 0.78 -4.28
N PHE A 93 5.36 -0.15 -3.35
CA PHE A 93 4.53 -1.33 -3.38
C PHE A 93 4.48 -1.89 -1.98
N VAL A 94 3.82 -1.15 -1.09
CA VAL A 94 3.58 -1.83 0.18
C VAL A 94 2.46 -2.81 -0.09
N ARG A 95 2.55 -4.02 0.48
CA ARG A 95 1.52 -5.03 0.30
C ARG A 95 1.14 -5.63 1.63
N PHE A 96 -0.17 -5.75 1.78
CA PHE A 96 -0.73 -6.26 3.03
C PHE A 96 -1.27 -7.66 2.80
N HIS A 97 -1.02 -8.52 3.79
CA HIS A 97 -1.41 -9.92 3.82
C HIS A 97 -2.83 -10.08 4.38
N ASP A 98 -3.43 -8.99 4.84
CA ASP A 98 -4.75 -9.01 5.47
C ASP A 98 -5.47 -7.70 5.14
N LYS A 99 -6.54 -7.82 4.37
CA LYS A 99 -7.35 -6.69 3.93
C LYS A 99 -7.88 -5.85 5.09
N ARG A 100 -8.02 -6.43 6.29
CA ARG A 100 -8.55 -5.69 7.42
C ARG A 100 -7.55 -4.63 7.88
N ASP A 101 -6.29 -5.03 8.02
CA ASP A 101 -5.24 -4.09 8.40
C ASP A 101 -5.01 -3.11 7.25
N ALA A 102 -5.30 -3.54 6.02
CA ALA A 102 -5.14 -2.72 4.85
C ALA A 102 -6.27 -1.70 4.72
N GLU A 103 -7.48 -2.07 5.14
CA GLU A 103 -8.64 -1.20 5.07
C GLU A 103 -8.42 0.04 5.92
N ASP A 104 -8.01 -0.13 7.17
CA ASP A 104 -7.86 1.03 8.05
C ASP A 104 -6.66 1.87 7.62
N ALA A 105 -5.53 1.23 7.29
CA ALA A 105 -4.35 1.94 6.87
C ALA A 105 -4.64 2.76 5.63
N MET A 106 -5.31 2.16 4.64
CA MET A 106 -5.66 2.85 3.40
C MET A 106 -6.63 3.99 3.67
N ASP A 107 -7.61 3.77 4.54
CA ASP A 107 -8.58 4.80 4.91
C ASP A 107 -7.91 5.90 5.74
N ALA A 108 -6.63 5.71 6.10
CA ALA A 108 -5.88 6.66 6.91
C ALA A 108 -4.55 7.04 6.26
N MET A 109 -4.29 6.59 5.02
CA MET A 109 -3.04 6.90 4.33
C MET A 109 -3.23 7.30 2.88
N ASP A 110 -4.40 7.03 2.28
CA ASP A 110 -4.66 7.47 0.92
C ASP A 110 -4.73 8.99 0.86
N GLY A 111 -3.80 9.61 0.13
CA GLY A 111 -3.73 11.06 0.00
C GLY A 111 -3.28 11.71 1.30
N ALA A 112 -2.51 10.98 2.11
CA ALA A 112 -2.06 11.45 3.42
C ALA A 112 -0.80 12.31 3.34
N VAL A 113 -0.34 12.59 2.11
CA VAL A 113 0.83 13.41 1.81
C VAL A 113 1.92 13.27 2.88
N LEU A 114 2.59 12.11 2.86
CA LEU A 114 3.69 11.75 3.75
C LEU A 114 4.89 12.67 3.57
N ASP A 115 4.97 13.43 2.46
CA ASP A 115 6.10 14.34 2.22
C ASP A 115 5.64 15.66 1.62
N GLY A 116 4.78 15.62 0.59
CA GLY A 116 4.26 16.84 -0.01
C GLY A 116 3.82 16.65 -1.46
N ARG A 117 3.41 15.43 -1.82
CA ARG A 117 2.97 15.09 -3.16
C ARG A 117 1.68 14.26 -3.16
N GLU A 118 1.36 13.66 -2.01
CA GLU A 118 0.07 13.05 -1.69
C GLU A 118 0.11 11.54 -1.93
N LEU A 119 0.46 10.79 -0.88
CA LEU A 119 0.56 9.34 -0.87
C LEU A 119 -0.66 8.71 -1.52
N ARG A 120 -0.54 7.48 -2.02
CA ARG A 120 -1.63 6.78 -2.69
C ARG A 120 -1.73 5.36 -2.16
N VAL A 121 -2.96 4.93 -1.85
CA VAL A 121 -3.18 3.59 -1.31
C VAL A 121 -4.38 2.95 -1.98
N GLN A 122 -4.26 1.65 -2.28
CA GLN A 122 -5.27 0.91 -3.01
C GLN A 122 -4.97 -0.58 -2.96
N MET A 123 -6.01 -1.42 -3.04
CA MET A 123 -5.86 -2.85 -3.16
C MET A 123 -4.95 -3.17 -4.34
N ALA A 124 -4.10 -4.19 -4.18
CA ALA A 124 -3.11 -4.56 -5.19
C ALA A 124 -3.72 -5.36 -6.34
N ARG A 125 -5.01 -5.71 -6.25
CA ARG A 125 -5.74 -6.56 -7.20
C ARG A 125 -5.43 -8.04 -7.00
N TYR A 126 -4.82 -8.41 -5.88
CA TYR A 126 -4.47 -9.81 -5.66
C TYR A 126 -5.01 -10.30 -4.32
N GLY A 127 -4.88 -11.61 -4.07
CA GLY A 127 -5.34 -12.24 -2.85
C GLY A 127 -4.49 -13.43 -2.45
N ARG A 128 -3.27 -13.51 -3.01
CA ARG A 128 -2.32 -14.59 -2.70
C ARG A 128 -1.95 -14.57 -1.22
N PRO A 129 -1.46 -15.69 -0.67
CA PRO A 129 -1.01 -15.77 0.71
C PRO A 129 0.25 -14.92 0.92
N PRO A 130 0.67 -14.73 2.18
CA PRO A 130 1.86 -13.97 2.51
C PRO A 130 3.14 -14.70 2.07
N ASP A 131 3.08 -16.03 1.97
CA ASP A 131 4.21 -16.83 1.49
C ASP A 131 3.76 -18.23 1.10
N SER A 132 2.79 -18.80 1.81
CA SER A 132 2.30 -20.15 1.55
C SER A 132 0.95 -20.36 2.23
N HIS A 133 0.28 -21.47 1.93
CA HIS A 133 -1.03 -21.80 2.49
C HIS A 133 -1.20 -23.31 2.57
N HIS A 134 -2.27 -23.76 3.24
CA HIS A 134 -2.57 -25.17 3.42
C HIS A 134 -4.08 -25.44 3.50
N SER A 135 -4.89 -24.39 3.31
CA SER A 135 -6.35 -24.47 3.38
C SER A 135 -6.97 -23.49 2.39
N MET A 35 -7.21 19.12 1.75
CA MET A 35 -7.30 18.39 3.03
C MET A 35 -7.99 17.04 2.82
N SER A 36 -7.39 15.97 3.33
CA SER A 36 -7.93 14.62 3.21
C SER A 36 -7.43 13.75 4.35
N TYR A 37 -7.77 12.46 4.31
CA TYR A 37 -7.48 11.53 5.39
C TYR A 37 -7.30 10.11 4.87
N GLY A 38 -8.05 9.74 3.82
CA GLY A 38 -8.02 8.40 3.26
C GLY A 38 -9.36 8.08 2.59
N ARG A 39 -9.48 6.87 2.05
CA ARG A 39 -10.72 6.42 1.43
C ARG A 39 -10.95 4.94 1.72
N PRO A 40 -12.21 4.48 1.64
CA PRO A 40 -12.56 3.08 1.81
C PRO A 40 -12.08 2.25 0.62
N PRO A 41 -12.09 0.91 0.75
CA PRO A 41 -11.69 0.00 -0.32
C PRO A 41 -12.69 0.03 -1.48
N PRO A 42 -12.30 -0.49 -2.65
CA PRO A 42 -13.14 -0.52 -3.84
C PRO A 42 -14.33 -1.46 -3.65
N ASP A 43 -14.07 -2.77 -3.68
CA ASP A 43 -15.10 -3.79 -3.50
C ASP A 43 -14.54 -5.02 -2.79
N VAL A 44 -13.27 -5.35 -3.06
CA VAL A 44 -12.53 -6.48 -2.46
C VAL A 44 -13.32 -7.78 -2.37
N GLU A 45 -14.31 -7.96 -3.26
CA GLU A 45 -15.15 -9.16 -3.28
C GLU A 45 -14.36 -10.42 -3.68
N GLY A 46 -13.08 -10.28 -3.98
CA GLY A 46 -12.26 -11.40 -4.43
C GLY A 46 -10.76 -11.12 -4.31
N MET A 47 -10.38 -10.13 -3.50
CA MET A 47 -8.99 -9.73 -3.32
C MET A 47 -8.71 -9.41 -1.86
N THR A 48 -7.43 -9.30 -1.49
CA THR A 48 -7.04 -9.05 -0.10
C THR A 48 -5.76 -8.21 -0.02
N SER A 49 -4.87 -8.34 -1.00
CA SER A 49 -3.61 -7.60 -1.00
C SER A 49 -3.81 -6.11 -1.16
N LEU A 50 -3.01 -5.34 -0.44
CA LEU A 50 -2.98 -3.88 -0.58
C LEU A 50 -1.77 -3.52 -1.43
N LYS A 51 -1.79 -2.32 -2.02
CA LYS A 51 -0.72 -1.71 -2.80
C LYS A 51 -0.64 -0.24 -2.42
N VAL A 52 0.58 0.27 -2.27
CA VAL A 52 0.81 1.70 -2.01
C VAL A 52 1.81 2.23 -3.01
N ASP A 53 1.54 3.47 -3.44
CA ASP A 53 2.14 4.16 -4.59
C ASP A 53 2.42 5.64 -4.25
N ASN A 54 2.98 6.36 -5.21
CA ASN A 54 3.36 7.77 -5.13
C ASN A 54 4.47 8.04 -4.13
N LEU A 55 5.67 8.37 -4.65
CA LEU A 55 6.86 8.64 -3.86
C LEU A 55 7.57 9.86 -4.41
N THR A 56 8.57 10.36 -3.67
CA THR A 56 9.35 11.52 -4.08
C THR A 56 10.82 11.14 -4.29
N TYR A 57 11.12 9.84 -4.34
CA TYR A 57 12.44 9.24 -4.56
C TYR A 57 13.21 9.03 -3.25
N ARG A 58 12.66 9.56 -2.16
CA ARG A 58 13.29 9.51 -0.84
C ARG A 58 12.33 9.02 0.25
N THR A 59 11.09 8.70 -0.13
CA THR A 59 10.11 8.16 0.82
C THR A 59 10.59 6.83 1.40
N SER A 60 11.22 5.99 0.58
CA SER A 60 11.81 4.70 0.94
C SER A 60 10.86 3.69 1.59
N PRO A 61 11.19 2.38 1.46
CA PRO A 61 10.39 1.28 2.00
C PRO A 61 10.38 1.28 3.53
N ASP A 62 11.41 1.82 4.19
CA ASP A 62 11.47 1.79 5.65
C ASP A 62 10.46 2.74 6.27
N THR A 63 10.33 3.95 5.70
CA THR A 63 9.40 4.91 6.25
C THR A 63 8.00 4.39 6.04
N LEU A 64 7.75 3.83 4.85
CA LEU A 64 6.47 3.26 4.53
C LEU A 64 6.15 2.11 5.48
N ARG A 65 7.18 1.34 5.87
CA ARG A 65 6.95 0.16 6.70
C ARG A 65 6.29 0.57 8.01
N ARG A 66 6.90 1.50 8.73
CA ARG A 66 6.38 1.94 10.03
C ARG A 66 5.26 2.98 9.90
N VAL A 67 4.97 3.42 8.67
CA VAL A 67 3.85 4.32 8.38
C VAL A 67 2.60 3.53 8.03
N PHE A 68 2.75 2.24 7.71
CA PHE A 68 1.63 1.43 7.26
C PHE A 68 1.43 0.23 8.17
N GLU A 69 2.52 -0.39 8.63
CA GLU A 69 2.36 -1.53 9.53
C GLU A 69 1.79 -1.08 10.86
N LYS A 70 1.85 0.23 11.13
CA LYS A 70 1.41 0.80 12.38
C LYS A 70 -0.07 0.53 12.61
N TYR A 71 -0.85 0.49 11.53
CA TYR A 71 -2.28 0.23 11.64
C TYR A 71 -2.56 -1.25 11.89
N GLY A 72 -1.60 -2.12 11.58
CA GLY A 72 -1.72 -3.54 11.87
C GLY A 72 -0.44 -4.30 11.55
N ARG A 73 -0.09 -4.38 10.26
CA ARG A 73 1.14 -5.02 9.82
C ARG A 73 1.39 -4.73 8.34
N VAL A 74 2.60 -5.05 7.88
CA VAL A 74 2.99 -4.92 6.49
C VAL A 74 3.63 -6.23 6.05
N GLY A 75 2.83 -7.06 5.38
CA GLY A 75 3.28 -8.35 4.85
C GLY A 75 4.42 -8.17 3.83
N ASP A 76 4.47 -7.03 3.16
CA ASP A 76 5.47 -6.74 2.13
C ASP A 76 5.63 -5.23 2.00
N VAL A 77 6.87 -4.76 1.81
CA VAL A 77 7.13 -3.35 1.57
C VAL A 77 8.35 -3.24 0.67
N TYR A 78 8.17 -2.71 -0.55
CA TYR A 78 9.30 -2.51 -1.43
C TYR A 78 9.01 -1.41 -2.46
N ILE A 79 10.05 -0.96 -3.15
CA ILE A 79 9.94 0.09 -4.15
C ILE A 79 10.47 -0.47 -5.49
N PRO A 80 9.60 -0.57 -6.51
CA PRO A 80 9.94 -0.94 -7.87
C PRO A 80 10.70 0.22 -8.55
N ARG A 81 11.87 0.56 -8.02
CA ARG A 81 12.69 1.65 -8.54
C ARG A 81 13.19 1.34 -9.95
N ASP A 82 14.04 2.22 -10.50
CA ASP A 82 14.50 2.11 -11.89
C ASP A 82 15.11 0.75 -12.22
N ARG A 83 15.66 0.10 -11.18
CA ARG A 83 16.07 -1.30 -11.16
C ARG A 83 17.59 -1.45 -11.20
N TYR A 84 18.31 -0.41 -11.63
CA TYR A 84 19.75 -0.47 -11.76
C TYR A 84 20.40 0.89 -11.48
N THR A 85 19.67 1.80 -10.83
CA THR A 85 20.17 3.14 -10.52
C THR A 85 19.79 3.54 -9.10
N LYS A 86 20.07 4.79 -8.74
CA LYS A 86 19.82 5.30 -7.40
C LYS A 86 18.62 6.23 -7.36
N GLU A 87 17.71 6.08 -8.32
CA GLU A 87 16.45 6.82 -8.35
C GLU A 87 15.31 5.84 -8.62
N SER A 88 14.07 6.32 -8.59
CA SER A 88 12.92 5.44 -8.66
C SER A 88 11.86 5.94 -9.65
N ARG A 89 10.89 5.07 -9.93
CA ARG A 89 9.82 5.33 -10.88
C ARG A 89 8.74 6.25 -10.31
N GLY A 90 8.85 6.57 -9.02
CA GLY A 90 7.94 7.52 -8.38
C GLY A 90 6.80 6.83 -7.63
N PHE A 91 6.91 5.53 -7.36
CA PHE A 91 5.88 4.79 -6.65
C PHE A 91 6.49 3.62 -5.90
N ALA A 92 5.78 3.17 -4.85
CA ALA A 92 6.20 2.05 -4.02
C ALA A 92 5.29 0.88 -4.29
N PHE A 93 5.31 -0.09 -3.38
CA PHE A 93 4.49 -1.27 -3.45
C PHE A 93 4.44 -1.86 -2.06
N VAL A 94 3.79 -1.15 -1.15
CA VAL A 94 3.55 -1.83 0.11
C VAL A 94 2.42 -2.80 -0.17
N ARG A 95 2.50 -4.02 0.37
CA ARG A 95 1.45 -5.01 0.19
C ARG A 95 1.11 -5.64 1.51
N PHE A 96 -0.21 -5.73 1.69
CA PHE A 96 -0.74 -6.24 2.94
C PHE A 96 -1.30 -7.64 2.72
N HIS A 97 -1.00 -8.51 3.68
CA HIS A 97 -1.39 -9.91 3.73
C HIS A 97 -2.81 -10.07 4.27
N ASP A 98 -3.41 -8.97 4.72
CA ASP A 98 -4.72 -8.98 5.35
C ASP A 98 -5.45 -7.67 5.02
N LYS A 99 -6.55 -7.79 4.28
CA LYS A 99 -7.36 -6.66 3.85
C LYS A 99 -7.88 -5.82 5.02
N ARG A 100 -8.01 -6.40 6.22
CA ARG A 100 -8.54 -5.66 7.36
C ARG A 100 -7.52 -4.62 7.85
N ASP A 101 -6.26 -5.03 7.98
CA ASP A 101 -5.20 -4.11 8.38
C ASP A 101 -4.98 -3.09 7.27
N ALA A 102 -5.28 -3.49 6.03
CA ALA A 102 -5.14 -2.64 4.87
C ALA A 102 -6.30 -1.65 4.77
N GLU A 103 -7.49 -2.02 5.23
CA GLU A 103 -8.66 -1.15 5.20
C GLU A 103 -8.41 0.09 6.03
N ASP A 104 -7.96 -0.09 7.27
CA ASP A 104 -7.78 1.06 8.14
C ASP A 104 -6.60 1.90 7.68
N ALA A 105 -5.49 1.26 7.32
CA ALA A 105 -4.30 1.98 6.87
C ALA A 105 -4.63 2.81 5.63
N MET A 106 -5.30 2.22 4.64
CA MET A 106 -5.67 2.91 3.42
C MET A 106 -6.67 4.03 3.72
N ASP A 107 -7.61 3.78 4.62
CA ASP A 107 -8.59 4.80 5.02
C ASP A 107 -7.94 5.87 5.90
N ALA A 108 -6.64 5.72 6.20
CA ALA A 108 -5.88 6.66 6.99
C ALA A 108 -4.56 7.07 6.32
N MET A 109 -4.34 6.66 5.06
CA MET A 109 -3.10 6.97 4.36
C MET A 109 -3.30 7.39 2.90
N ASP A 110 -4.46 7.11 2.29
CA ASP A 110 -4.68 7.54 0.91
C ASP A 110 -4.77 9.06 0.85
N GLY A 111 -3.85 9.68 0.11
CA GLY A 111 -3.79 11.13 -0.03
C GLY A 111 -3.37 11.80 1.28
N ALA A 112 -2.60 11.08 2.09
CA ALA A 112 -2.17 11.56 3.41
C ALA A 112 -0.90 12.41 3.32
N VAL A 113 -0.43 12.68 2.10
CA VAL A 113 0.75 13.48 1.79
C VAL A 113 1.84 13.35 2.85
N LEU A 114 2.50 12.19 2.84
CA LEU A 114 3.62 11.84 3.71
C LEU A 114 4.83 12.75 3.49
N ASP A 115 4.91 13.46 2.36
CA ASP A 115 6.04 14.33 2.07
C ASP A 115 5.60 15.67 1.47
N GLY A 116 4.71 15.65 0.47
CA GLY A 116 4.18 16.87 -0.12
C GLY A 116 3.73 16.69 -1.57
N ARG A 117 3.32 15.47 -1.93
CA ARG A 117 2.86 15.13 -3.28
C ARG A 117 1.56 14.32 -3.25
N GLU A 118 1.26 13.71 -2.10
CA GLU A 118 -0.02 13.10 -1.75
C GLU A 118 0.03 11.59 -1.98
N LEU A 119 0.42 10.86 -0.93
CA LEU A 119 0.54 9.41 -0.91
C LEU A 119 -0.70 8.77 -1.55
N ARG A 120 -0.57 7.56 -2.08
CA ARG A 120 -1.67 6.86 -2.72
C ARG A 120 -1.77 5.45 -2.16
N VAL A 121 -2.99 5.02 -1.83
CA VAL A 121 -3.22 3.70 -1.28
C VAL A 121 -4.46 3.08 -1.90
N GLN A 122 -4.35 1.80 -2.26
CA GLN A 122 -5.40 1.06 -2.94
C GLN A 122 -5.07 -0.43 -2.93
N MET A 123 -6.11 -1.27 -2.95
CA MET A 123 -5.95 -2.71 -3.05
C MET A 123 -5.10 -3.06 -4.27
N ALA A 124 -4.19 -4.03 -4.11
CA ALA A 124 -3.29 -4.47 -5.16
C ALA A 124 -4.00 -5.35 -6.19
N ARG A 125 -5.31 -5.59 -6.01
CA ARG A 125 -6.09 -6.42 -6.90
C ARG A 125 -5.60 -7.87 -6.90
N TYR A 126 -4.90 -8.30 -5.84
CA TYR A 126 -4.39 -9.65 -5.71
C TYR A 126 -4.83 -10.27 -4.39
N GLY A 127 -4.56 -11.56 -4.20
CA GLY A 127 -4.94 -12.26 -2.98
C GLY A 127 -4.64 -13.76 -3.04
N ARG A 128 -4.14 -14.25 -4.18
CA ARG A 128 -3.84 -15.66 -4.37
C ARG A 128 -2.71 -15.80 -5.40
N PRO A 129 -1.63 -16.52 -5.08
CA PRO A 129 -0.51 -16.72 -6.01
C PRO A 129 -0.90 -17.70 -7.11
N PRO A 130 -0.25 -17.60 -8.28
CA PRO A 130 -0.48 -18.49 -9.41
C PRO A 130 0.19 -19.83 -9.18
N ASP A 131 -0.33 -20.88 -9.80
CA ASP A 131 0.24 -22.23 -9.74
C ASP A 131 -0.32 -23.07 -10.88
N SER A 132 0.12 -24.33 -10.99
CA SER A 132 -0.34 -25.27 -11.99
C SER A 132 -1.83 -25.57 -11.87
N HIS A 133 -2.45 -25.19 -10.74
CA HIS A 133 -3.87 -25.39 -10.48
C HIS A 133 -4.35 -24.39 -9.43
N HIS A 134 -5.66 -24.44 -9.11
CA HIS A 134 -6.25 -23.57 -8.11
C HIS A 134 -7.44 -24.25 -7.44
N SER A 135 -7.87 -23.70 -6.30
CA SER A 135 -8.98 -24.21 -5.51
C SER A 135 -9.68 -23.05 -4.80
N MET A 35 -5.21 18.00 -0.45
CA MET A 35 -4.95 17.34 0.84
C MET A 35 -6.12 16.43 1.22
N SER A 36 -5.82 15.29 1.85
CA SER A 36 -6.80 14.30 2.26
C SER A 36 -6.35 13.61 3.54
N TYR A 37 -7.06 12.54 3.93
CA TYR A 37 -6.79 11.80 5.16
C TYR A 37 -6.88 10.30 4.95
N GLY A 38 -7.52 9.88 3.85
CA GLY A 38 -7.73 8.48 3.53
C GLY A 38 -9.05 8.30 2.81
N ARG A 39 -9.33 7.09 2.32
CA ARG A 39 -10.58 6.77 1.67
C ARG A 39 -10.97 5.33 1.95
N PRO A 40 -12.26 5.00 1.90
CA PRO A 40 -12.76 3.66 2.16
C PRO A 40 -12.38 2.71 1.01
N PRO A 41 -12.45 1.39 1.25
CA PRO A 41 -12.15 0.36 0.26
C PRO A 41 -13.27 0.27 -0.77
N PRO A 42 -13.02 -0.43 -1.89
CA PRO A 42 -14.01 -0.71 -2.90
C PRO A 42 -14.83 -1.91 -2.44
N ASP A 43 -15.25 -2.77 -3.37
CA ASP A 43 -16.12 -3.90 -3.07
C ASP A 43 -15.34 -5.03 -2.41
N VAL A 44 -14.02 -5.07 -2.62
CA VAL A 44 -13.08 -6.09 -2.12
C VAL A 44 -13.63 -7.52 -2.19
N GLU A 45 -14.57 -7.77 -3.12
CA GLU A 45 -15.23 -9.06 -3.26
C GLU A 45 -14.32 -10.12 -3.89
N GLY A 46 -13.06 -9.79 -4.16
CA GLY A 46 -12.12 -10.70 -4.81
C GLY A 46 -10.69 -10.23 -4.65
N MET A 47 -10.42 -9.44 -3.59
CA MET A 47 -9.10 -8.87 -3.34
C MET A 47 -8.82 -8.88 -1.84
N THR A 48 -7.53 -8.89 -1.47
CA THR A 48 -7.11 -8.82 -0.07
C THR A 48 -5.79 -8.07 0.07
N SER A 49 -4.91 -8.21 -0.92
CA SER A 49 -3.62 -7.52 -0.91
C SER A 49 -3.80 -6.03 -1.08
N LEU A 50 -2.96 -5.27 -0.38
CA LEU A 50 -2.92 -3.81 -0.52
C LEU A 50 -1.74 -3.46 -1.40
N LYS A 51 -1.76 -2.26 -1.98
CA LYS A 51 -0.70 -1.65 -2.79
C LYS A 51 -0.64 -0.17 -2.42
N VAL A 52 0.57 0.34 -2.21
CA VAL A 52 0.78 1.77 -1.97
C VAL A 52 1.77 2.29 -2.99
N ASP A 53 1.51 3.53 -3.42
CA ASP A 53 2.08 4.20 -4.59
C ASP A 53 2.31 5.69 -4.30
N ASN A 54 2.92 6.40 -5.26
CA ASN A 54 3.30 7.80 -5.20
C ASN A 54 4.42 8.07 -4.21
N LEU A 55 5.61 8.37 -4.72
CA LEU A 55 6.81 8.63 -3.93
C LEU A 55 7.55 9.84 -4.50
N THR A 56 8.58 10.28 -3.79
CA THR A 56 9.37 11.46 -4.18
C THR A 56 10.85 11.12 -4.27
N TYR A 57 11.21 9.83 -4.27
CA TYR A 57 12.58 9.29 -4.37
C TYR A 57 13.24 9.15 -3.00
N ARG A 58 12.60 9.71 -1.97
CA ARG A 58 13.12 9.73 -0.61
C ARG A 58 12.15 9.06 0.38
N THR A 59 10.96 8.69 -0.08
CA THR A 59 9.97 8.07 0.79
C THR A 59 10.49 6.75 1.36
N SER A 60 11.14 5.94 0.51
CA SER A 60 11.76 4.67 0.85
C SER A 60 10.82 3.64 1.51
N PRO A 61 11.16 2.34 1.38
CA PRO A 61 10.38 1.25 1.94
C PRO A 61 10.36 1.25 3.47
N ASP A 62 11.39 1.81 4.11
CA ASP A 62 11.45 1.80 5.57
C ASP A 62 10.45 2.76 6.19
N THR A 63 10.32 3.97 5.63
CA THR A 63 9.39 4.94 6.19
C THR A 63 7.99 4.40 6.00
N LEU A 64 7.73 3.82 4.81
CA LEU A 64 6.44 3.24 4.51
C LEU A 64 6.15 2.08 5.46
N ARG A 65 7.18 1.33 5.86
CA ARG A 65 6.97 0.16 6.69
C ARG A 65 6.30 0.57 7.99
N ARG A 66 6.91 1.51 8.71
CA ARG A 66 6.40 1.95 10.01
C ARG A 66 5.27 2.97 9.88
N VAL A 67 4.97 3.40 8.65
CA VAL A 67 3.85 4.29 8.36
C VAL A 67 2.58 3.51 8.02
N PHE A 68 2.74 2.21 7.73
CA PHE A 68 1.62 1.39 7.30
C PHE A 68 1.44 0.19 8.20
N GLU A 69 2.53 -0.41 8.66
CA GLU A 69 2.40 -1.55 9.54
C GLU A 69 1.81 -1.12 10.87
N LYS A 70 1.88 0.19 11.15
CA LYS A 70 1.42 0.76 12.41
C LYS A 70 -0.06 0.49 12.65
N TYR A 71 -0.84 0.44 11.56
CA TYR A 71 -2.26 0.18 11.66
C TYR A 71 -2.54 -1.30 11.92
N GLY A 72 -1.56 -2.16 11.60
CA GLY A 72 -1.68 -3.59 11.88
C GLY A 72 -0.40 -4.34 11.55
N ARG A 73 -0.05 -4.41 10.26
CA ARG A 73 1.19 -5.03 9.82
C ARG A 73 1.44 -4.74 8.35
N VAL A 74 2.65 -5.06 7.88
CA VAL A 74 3.02 -4.93 6.49
C VAL A 74 3.66 -6.23 6.04
N GLY A 75 2.86 -7.06 5.37
CA GLY A 75 3.31 -8.33 4.84
C GLY A 75 4.45 -8.17 3.83
N ASP A 76 4.50 -7.04 3.14
CA ASP A 76 5.49 -6.74 2.12
C ASP A 76 5.65 -5.24 1.98
N VAL A 77 6.88 -4.76 1.79
CA VAL A 77 7.12 -3.34 1.55
C VAL A 77 8.34 -3.23 0.65
N TYR A 78 8.16 -2.69 -0.55
CA TYR A 78 9.29 -2.50 -1.45
C TYR A 78 8.98 -1.41 -2.47
N ILE A 79 10.03 -0.97 -3.18
CA ILE A 79 9.93 0.05 -4.22
C ILE A 79 10.48 -0.56 -5.51
N PRO A 80 9.64 -0.67 -6.56
CA PRO A 80 10.00 -1.15 -7.89
C PRO A 80 10.89 -0.14 -8.63
N ARG A 81 11.99 0.26 -8.00
CA ARG A 81 12.94 1.24 -8.55
C ARG A 81 13.62 0.73 -9.82
N ASP A 82 14.64 1.46 -10.26
CA ASP A 82 15.41 1.20 -11.47
C ASP A 82 16.07 -0.19 -11.50
N ARG A 83 16.80 -0.45 -12.59
CA ARG A 83 17.61 -1.65 -12.75
C ARG A 83 18.88 -1.36 -13.55
N TYR A 84 19.09 -0.09 -13.94
CA TYR A 84 20.22 0.30 -14.78
C TYR A 84 20.61 1.78 -14.59
N THR A 85 20.20 2.42 -13.50
CA THR A 85 20.48 3.83 -13.25
C THR A 85 20.92 4.06 -11.80
N LYS A 86 20.79 5.29 -11.31
CA LYS A 86 21.22 5.69 -9.97
C LYS A 86 20.10 6.41 -9.23
N GLU A 87 18.85 6.11 -9.60
CA GLU A 87 17.66 6.75 -9.01
C GLU A 87 16.55 5.71 -8.85
N SER A 88 15.34 6.16 -8.48
CA SER A 88 14.22 5.26 -8.22
C SER A 88 12.94 5.77 -8.88
N ARG A 89 11.94 4.90 -9.01
CA ARG A 89 10.66 5.25 -9.60
C ARG A 89 9.86 6.14 -8.64
N GLY A 90 8.71 6.63 -9.11
CA GLY A 90 7.88 7.56 -8.37
C GLY A 90 6.72 6.87 -7.66
N PHE A 91 6.84 5.58 -7.37
CA PHE A 91 5.80 4.83 -6.67
C PHE A 91 6.41 3.66 -5.92
N ALA A 92 5.72 3.21 -4.88
CA ALA A 92 6.15 2.09 -4.06
C ALA A 92 5.25 0.90 -4.33
N PHE A 93 5.30 -0.06 -3.42
CA PHE A 93 4.48 -1.25 -3.48
C PHE A 93 4.44 -1.84 -2.09
N VAL A 94 3.78 -1.12 -1.17
CA VAL A 94 3.56 -1.82 0.09
C VAL A 94 2.42 -2.78 -0.16
N ARG A 95 2.53 -4.00 0.36
CA ARG A 95 1.50 -5.00 0.18
C ARG A 95 1.15 -5.63 1.50
N PHE A 96 -0.16 -5.69 1.71
CA PHE A 96 -0.71 -6.23 2.94
C PHE A 96 -1.22 -7.63 2.69
N HIS A 97 -1.05 -8.48 3.71
CA HIS A 97 -1.43 -9.88 3.72
C HIS A 97 -2.84 -10.07 4.29
N ASP A 98 -3.45 -8.98 4.78
CA ASP A 98 -4.77 -9.04 5.40
C ASP A 98 -5.51 -7.73 5.11
N LYS A 99 -6.61 -7.83 4.37
CA LYS A 99 -7.42 -6.69 3.97
C LYS A 99 -7.91 -5.87 5.15
N ARG A 100 -8.04 -6.46 6.35
CA ARG A 100 -8.52 -5.72 7.50
C ARG A 100 -7.51 -4.67 7.94
N ASP A 101 -6.23 -5.08 8.03
CA ASP A 101 -5.17 -4.14 8.40
C ASP A 101 -4.97 -3.14 7.27
N ALA A 102 -5.29 -3.55 6.04
CA ALA A 102 -5.13 -2.69 4.88
C ALA A 102 -6.29 -1.70 4.78
N GLU A 103 -7.49 -2.08 5.23
CA GLU A 103 -8.65 -1.22 5.21
C GLU A 103 -8.41 0.03 6.05
N ASP A 104 -7.96 -0.14 7.30
CA ASP A 104 -7.78 1.00 8.17
C ASP A 104 -6.59 1.86 7.70
N ALA A 105 -5.49 1.22 7.33
CA ALA A 105 -4.31 1.94 6.88
C ALA A 105 -4.64 2.78 5.65
N MET A 106 -5.33 2.19 4.67
CA MET A 106 -5.72 2.89 3.45
C MET A 106 -6.71 4.00 3.78
N ASP A 107 -7.64 3.75 4.69
CA ASP A 107 -8.62 4.74 5.12
C ASP A 107 -7.96 5.81 6.00
N ALA A 108 -6.65 5.67 6.25
CA ALA A 108 -5.89 6.64 7.05
C ALA A 108 -4.58 7.05 6.36
N MET A 109 -4.36 6.64 5.11
CA MET A 109 -3.12 6.95 4.40
C MET A 109 -3.33 7.38 2.95
N ASP A 110 -4.48 7.10 2.33
CA ASP A 110 -4.70 7.55 0.96
C ASP A 110 -4.76 9.08 0.91
N GLY A 111 -3.87 9.68 0.13
CA GLY A 111 -3.80 11.13 -0.01
C GLY A 111 -3.33 11.80 1.27
N ALA A 112 -2.59 11.06 2.10
CA ALA A 112 -2.14 11.51 3.40
C ALA A 112 -0.85 12.32 3.31
N VAL A 113 -0.39 12.59 2.09
CA VAL A 113 0.81 13.36 1.78
C VAL A 113 1.91 13.15 2.81
N LEU A 114 2.54 11.97 2.72
CA LEU A 114 3.65 11.56 3.55
C LEU A 114 4.88 12.48 3.39
N ASP A 115 4.96 13.26 2.31
CA ASP A 115 6.10 14.15 2.10
C ASP A 115 5.66 15.49 1.52
N GLY A 116 4.81 15.47 0.49
CA GLY A 116 4.29 16.71 -0.08
C GLY A 116 3.77 16.57 -1.51
N ARG A 117 3.35 15.35 -1.89
CA ARG A 117 2.83 15.10 -3.23
C ARG A 117 1.52 14.34 -3.20
N GLU A 118 1.21 13.73 -2.06
CA GLU A 118 -0.09 13.15 -1.69
C GLU A 118 -0.06 11.67 -1.97
N LEU A 119 0.26 10.88 -0.94
CA LEU A 119 0.42 9.45 -1.06
C LEU A 119 -0.81 8.81 -1.67
N ARG A 120 -0.66 7.58 -2.17
CA ARG A 120 -1.77 6.85 -2.78
C ARG A 120 -1.84 5.45 -2.21
N VAL A 121 -3.04 5.02 -1.83
CA VAL A 121 -3.24 3.70 -1.26
C VAL A 121 -4.49 3.06 -1.84
N GLN A 122 -4.36 1.79 -2.21
CA GLN A 122 -5.42 1.03 -2.86
C GLN A 122 -5.08 -0.45 -2.88
N MET A 123 -6.11 -1.30 -2.90
CA MET A 123 -5.96 -2.74 -3.05
C MET A 123 -5.09 -3.07 -4.26
N ALA A 124 -4.22 -4.07 -4.12
CA ALA A 124 -3.29 -4.49 -5.15
C ALA A 124 -3.93 -5.40 -6.18
N ARG A 125 -5.25 -5.63 -6.09
CA ARG A 125 -5.98 -6.53 -6.98
C ARG A 125 -5.47 -7.98 -6.88
N TYR A 126 -4.82 -8.32 -5.77
CA TYR A 126 -4.29 -9.66 -5.53
C TYR A 126 -4.80 -10.18 -4.19
N GLY A 127 -4.45 -11.42 -3.85
CA GLY A 127 -4.85 -12.03 -2.59
C GLY A 127 -4.30 -13.46 -2.47
N ARG A 128 -4.58 -14.10 -1.34
CA ARG A 128 -4.14 -15.45 -1.05
C ARG A 128 -5.08 -16.09 -0.03
N PRO A 129 -5.49 -17.34 -0.22
CA PRO A 129 -6.37 -18.03 0.72
C PRO A 129 -5.64 -18.35 2.02
N PRO A 130 -6.37 -18.63 3.10
CA PRO A 130 -5.82 -18.97 4.40
C PRO A 130 -5.25 -20.39 4.43
N ASP A 131 -5.42 -21.16 3.35
CA ASP A 131 -4.97 -22.54 3.24
C ASP A 131 -5.33 -23.37 4.48
N SER A 132 -6.44 -23.04 5.13
CA SER A 132 -6.87 -23.68 6.37
C SER A 132 -8.40 -23.73 6.43
N HIS A 133 -9.05 -23.72 5.26
CA HIS A 133 -10.51 -23.70 5.16
C HIS A 133 -10.99 -24.68 4.08
N HIS A 134 -10.09 -25.47 3.50
CA HIS A 134 -10.42 -26.45 2.47
C HIS A 134 -11.29 -27.58 3.02
N SER A 135 -11.43 -27.66 4.35
CA SER A 135 -12.21 -28.69 5.02
C SER A 135 -12.73 -28.20 6.36
N MET A 35 -6.42 20.11 -4.94
CA MET A 35 -7.51 19.38 -5.60
C MET A 35 -7.72 18.03 -4.93
N SER A 36 -8.96 17.75 -4.51
CA SER A 36 -9.34 16.53 -3.80
C SER A 36 -8.47 16.28 -2.56
N TYR A 37 -8.62 15.10 -1.96
CA TYR A 37 -7.89 14.73 -0.76
C TYR A 37 -7.64 13.22 -0.66
N GLY A 38 -8.34 12.42 -1.46
CA GLY A 38 -8.24 10.98 -1.44
C GLY A 38 -9.62 10.33 -1.52
N ARG A 39 -9.68 9.01 -1.39
CA ARG A 39 -10.93 8.26 -1.39
C ARG A 39 -10.85 7.12 -0.38
N PRO A 40 -12.01 6.65 0.13
CA PRO A 40 -12.10 5.52 1.03
C PRO A 40 -11.84 4.22 0.28
N PRO A 41 -11.66 3.11 1.02
CA PRO A 41 -11.51 1.77 0.46
C PRO A 41 -12.59 1.42 -0.57
N PRO A 42 -12.34 0.43 -1.42
CA PRO A 42 -13.28 -0.05 -2.42
C PRO A 42 -14.32 -0.94 -1.75
N ASP A 43 -14.53 -2.16 -2.24
CA ASP A 43 -15.53 -3.07 -1.70
C ASP A 43 -14.91 -4.43 -1.35
N VAL A 44 -13.64 -4.62 -1.73
CA VAL A 44 -12.81 -5.78 -1.43
C VAL A 44 -13.54 -7.12 -1.63
N GLU A 45 -14.53 -7.17 -2.52
CA GLU A 45 -15.35 -8.34 -2.76
C GLU A 45 -14.57 -9.51 -3.38
N GLY A 46 -13.25 -9.37 -3.57
CA GLY A 46 -12.45 -10.42 -4.20
C GLY A 46 -10.95 -10.13 -4.10
N MET A 47 -10.52 -9.41 -3.06
CA MET A 47 -9.13 -9.03 -2.90
C MET A 47 -8.71 -9.11 -1.42
N THR A 48 -7.44 -9.46 -1.19
CA THR A 48 -6.86 -9.48 0.14
C THR A 48 -5.37 -9.15 0.07
N SER A 49 -5.11 -8.03 -0.58
CA SER A 49 -3.78 -7.48 -0.77
C SER A 49 -3.87 -5.99 -0.97
N LEU A 50 -2.94 -5.28 -0.34
CA LEU A 50 -2.86 -3.83 -0.51
C LEU A 50 -1.68 -3.53 -1.42
N LYS A 51 -1.69 -2.34 -2.02
CA LYS A 51 -0.64 -1.77 -2.86
C LYS A 51 -0.58 -0.27 -2.54
N VAL A 52 0.62 0.24 -2.30
CA VAL A 52 0.84 1.66 -2.05
C VAL A 52 1.82 2.20 -3.06
N ASP A 53 1.55 3.44 -3.49
CA ASP A 53 2.14 4.15 -4.64
C ASP A 53 2.43 5.62 -4.31
N ASN A 54 2.97 6.35 -5.29
CA ASN A 54 3.34 7.76 -5.23
C ASN A 54 4.47 8.05 -4.23
N LEU A 55 5.66 8.34 -4.75
CA LEU A 55 6.86 8.61 -3.96
C LEU A 55 7.61 9.82 -4.48
N THR A 56 8.66 10.22 -3.76
CA THR A 56 9.47 11.39 -4.12
C THR A 56 10.96 11.04 -4.22
N TYR A 57 11.31 9.74 -4.32
CA TYR A 57 12.68 9.23 -4.42
C TYR A 57 13.36 9.11 -3.06
N ARG A 58 12.71 9.62 -2.03
CA ARG A 58 13.22 9.65 -0.66
C ARG A 58 12.26 8.99 0.33
N THR A 59 11.04 8.66 -0.12
CA THR A 59 10.05 8.04 0.73
C THR A 59 10.56 6.72 1.31
N SER A 60 11.19 5.90 0.46
CA SER A 60 11.80 4.62 0.81
C SER A 60 10.87 3.60 1.49
N PRO A 61 11.20 2.30 1.37
CA PRO A 61 10.42 1.21 1.94
C PRO A 61 10.38 1.25 3.47
N ASP A 62 11.40 1.80 4.12
CA ASP A 62 11.46 1.80 5.57
C ASP A 62 10.45 2.76 6.18
N THR A 63 10.32 3.97 5.61
CA THR A 63 9.39 4.95 6.14
C THR A 63 7.99 4.41 5.94
N LEU A 64 7.74 3.82 4.76
CA LEU A 64 6.45 3.25 4.46
C LEU A 64 6.14 2.10 5.41
N ARG A 65 7.17 1.34 5.82
CA ARG A 65 6.95 0.18 6.67
C ARG A 65 6.27 0.63 7.97
N ARG A 66 6.89 1.56 8.69
CA ARG A 66 6.36 2.03 9.97
C ARG A 66 5.24 3.06 9.81
N VAL A 67 4.95 3.47 8.58
CA VAL A 67 3.84 4.37 8.26
C VAL A 67 2.58 3.58 7.92
N PHE A 68 2.73 2.28 7.64
CA PHE A 68 1.61 1.45 7.23
C PHE A 68 1.43 0.26 8.16
N GLU A 69 2.52 -0.34 8.62
CA GLU A 69 2.38 -1.48 9.52
C GLU A 69 1.78 -1.03 10.85
N LYS A 70 1.84 0.29 11.11
CA LYS A 70 1.39 0.86 12.36
C LYS A 70 -0.10 0.60 12.58
N TYR A 71 -0.86 0.53 11.49
CA TYR A 71 -2.29 0.26 11.59
C TYR A 71 -2.56 -1.21 11.88
N GLY A 72 -1.59 -2.09 11.58
CA GLY A 72 -1.70 -3.51 11.88
C GLY A 72 -0.41 -4.24 11.56
N ARG A 73 -0.06 -4.34 10.27
CA ARG A 73 1.19 -4.95 9.84
C ARG A 73 1.44 -4.68 8.38
N VAL A 74 2.65 -5.00 7.92
CA VAL A 74 3.05 -4.89 6.52
C VAL A 74 3.70 -6.20 6.11
N GLY A 75 2.91 -7.04 5.44
CA GLY A 75 3.37 -8.32 4.94
C GLY A 75 4.49 -8.17 3.91
N ASP A 76 4.52 -7.03 3.20
CA ASP A 76 5.51 -6.74 2.18
C ASP A 76 5.66 -5.23 2.02
N VAL A 77 6.89 -4.76 1.81
CA VAL A 77 7.14 -3.35 1.56
C VAL A 77 8.37 -3.24 0.65
N TYR A 78 8.16 -2.77 -0.58
CA TYR A 78 9.27 -2.57 -1.48
C TYR A 78 8.97 -1.48 -2.50
N ILE A 79 10.01 -1.03 -3.21
CA ILE A 79 9.88 0.01 -4.22
C ILE A 79 10.45 -0.51 -5.54
N PRO A 80 9.60 -0.65 -6.58
CA PRO A 80 9.96 -1.07 -7.93
C PRO A 80 10.76 0.01 -8.68
N ARG A 81 11.79 0.55 -8.03
CA ARG A 81 12.66 1.59 -8.60
C ARG A 81 13.46 1.09 -9.80
N ASP A 82 14.42 1.90 -10.24
CA ASP A 82 15.28 1.65 -11.38
C ASP A 82 16.10 0.36 -11.29
N ARG A 83 16.92 0.14 -12.33
CA ARG A 83 17.90 -0.94 -12.39
C ARG A 83 19.15 -0.48 -13.14
N TYR A 84 19.18 0.78 -13.58
CA TYR A 84 20.27 1.31 -14.41
C TYR A 84 20.45 2.82 -14.24
N THR A 85 19.93 3.42 -13.16
CA THR A 85 20.02 4.86 -12.92
C THR A 85 20.29 5.14 -11.44
N LYS A 86 19.95 6.34 -10.97
CA LYS A 86 20.17 6.78 -9.60
C LYS A 86 18.89 7.37 -9.00
N GLU A 87 17.73 6.95 -9.52
CA GLU A 87 16.43 7.44 -9.08
C GLU A 87 15.42 6.30 -9.04
N SER A 88 14.12 6.62 -8.90
CA SER A 88 13.07 5.61 -8.83
C SER A 88 11.94 5.96 -9.80
N ARG A 89 11.03 5.00 -9.99
CA ARG A 89 9.91 5.16 -10.91
C ARG A 89 8.87 6.13 -10.39
N GLY A 90 8.90 6.44 -9.09
CA GLY A 90 7.99 7.41 -8.49
C GLY A 90 6.84 6.76 -7.73
N PHE A 91 6.91 5.45 -7.43
CA PHE A 91 5.86 4.74 -6.74
C PHE A 91 6.46 3.56 -5.97
N ALA A 92 5.75 3.13 -4.91
CA ALA A 92 6.18 2.03 -4.07
C ALA A 92 5.30 0.83 -4.35
N PHE A 93 5.32 -0.13 -3.42
CA PHE A 93 4.49 -1.32 -3.49
C PHE A 93 4.45 -1.90 -2.11
N VAL A 94 3.80 -1.17 -1.19
CA VAL A 94 3.57 -1.83 0.08
C VAL A 94 2.43 -2.82 -0.17
N ARG A 95 2.56 -4.03 0.35
CA ARG A 95 1.52 -5.04 0.21
C ARG A 95 1.18 -5.64 1.55
N PHE A 96 -0.14 -5.72 1.74
CA PHE A 96 -0.68 -6.25 2.98
C PHE A 96 -1.19 -7.64 2.72
N HIS A 97 -1.00 -8.49 3.72
CA HIS A 97 -1.37 -9.91 3.75
C HIS A 97 -2.78 -10.10 4.30
N ASP A 98 -3.41 -9.02 4.77
CA ASP A 98 -4.73 -9.07 5.38
C ASP A 98 -5.49 -7.79 5.03
N LYS A 99 -6.61 -7.96 4.34
CA LYS A 99 -7.43 -6.86 3.88
C LYS A 99 -7.91 -5.98 5.03
N ARG A 100 -8.05 -6.51 6.25
CA ARG A 100 -8.56 -5.76 7.37
C ARG A 100 -7.55 -4.70 7.81
N ASP A 101 -6.29 -5.10 7.95
CA ASP A 101 -5.23 -4.16 8.32
C ASP A 101 -5.02 -3.18 7.17
N ALA A 102 -5.31 -3.63 5.94
CA ALA A 102 -5.16 -2.79 4.76
C ALA A 102 -6.30 -1.78 4.65
N GLU A 103 -7.51 -2.16 5.10
CA GLU A 103 -8.66 -1.27 5.04
C GLU A 103 -8.44 -0.02 5.87
N ASP A 104 -8.02 -0.18 7.14
CA ASP A 104 -7.88 0.98 8.00
C ASP A 104 -6.70 1.84 7.57
N ALA A 105 -5.56 1.20 7.24
CA ALA A 105 -4.39 1.93 6.81
C ALA A 105 -4.70 2.75 5.57
N MET A 106 -5.36 2.15 4.57
CA MET A 106 -5.73 2.84 3.35
C MET A 106 -6.72 3.96 3.61
N ASP A 107 -7.68 3.72 4.50
CA ASP A 107 -8.66 4.74 4.87
C ASP A 107 -8.01 5.85 5.70
N ALA A 108 -6.73 5.68 6.05
CA ALA A 108 -6.00 6.64 6.85
C ALA A 108 -4.67 7.05 6.21
N MET A 109 -4.41 6.60 4.97
CA MET A 109 -3.15 6.90 4.30
C MET A 109 -3.32 7.32 2.83
N ASP A 110 -4.47 7.07 2.20
CA ASP A 110 -4.67 7.53 0.84
C ASP A 110 -4.73 9.06 0.81
N GLY A 111 -3.78 9.67 0.11
CA GLY A 111 -3.70 11.11 -0.02
C GLY A 111 -3.27 11.77 1.30
N ALA A 112 -2.55 11.02 2.14
CA ALA A 112 -2.15 11.48 3.46
C ALA A 112 -0.84 12.29 3.43
N VAL A 113 -0.30 12.51 2.22
CA VAL A 113 0.91 13.29 1.98
C VAL A 113 1.93 13.20 3.12
N LEU A 114 2.56 12.03 3.26
CA LEU A 114 3.61 11.83 4.26
C LEU A 114 4.91 12.56 3.90
N ASP A 115 4.96 13.22 2.74
CA ASP A 115 6.15 13.99 2.36
C ASP A 115 5.76 15.36 1.78
N GLY A 116 4.92 15.38 0.74
CA GLY A 116 4.45 16.65 0.20
C GLY A 116 4.04 16.54 -1.27
N ARG A 117 3.53 15.36 -1.66
CA ARG A 117 3.10 15.09 -3.02
C ARG A 117 1.78 14.32 -3.08
N GLU A 118 1.42 13.66 -1.97
CA GLU A 118 0.12 13.06 -1.67
C GLU A 118 0.15 11.56 -1.95
N LEU A 119 0.48 10.79 -0.90
CA LEU A 119 0.57 9.34 -0.92
C LEU A 119 -0.68 8.72 -1.57
N ARG A 120 -0.57 7.50 -2.08
CA ARG A 120 -1.69 6.81 -2.72
C ARG A 120 -1.77 5.38 -2.19
N VAL A 121 -3.00 4.94 -1.89
CA VAL A 121 -3.22 3.62 -1.34
C VAL A 121 -4.44 2.97 -1.96
N GLN A 122 -4.32 1.69 -2.31
CA GLN A 122 -5.36 0.92 -2.95
C GLN A 122 -5.03 -0.57 -2.95
N MET A 123 -6.05 -1.42 -2.97
CA MET A 123 -5.89 -2.85 -3.07
C MET A 123 -5.02 -3.22 -4.26
N ALA A 124 -4.19 -4.26 -4.11
CA ALA A 124 -3.26 -4.70 -5.14
C ALA A 124 -3.92 -5.65 -6.13
N ARG A 125 -5.22 -5.92 -5.99
CA ARG A 125 -5.97 -6.79 -6.89
C ARG A 125 -5.48 -8.23 -6.84
N TYR A 126 -4.88 -8.64 -5.72
CA TYR A 126 -4.37 -10.00 -5.53
C TYR A 126 -4.96 -10.61 -4.26
N GLY A 127 -4.55 -11.83 -3.93
CA GLY A 127 -5.05 -12.54 -2.76
C GLY A 127 -4.24 -13.81 -2.48
N ARG A 128 -4.70 -14.59 -1.49
CA ARG A 128 -4.02 -15.81 -1.07
C ARG A 128 -5.06 -16.85 -0.62
N PRO A 129 -4.71 -18.14 -0.69
CA PRO A 129 -5.56 -19.22 -0.20
C PRO A 129 -5.53 -19.26 1.33
N PRO A 130 -6.48 -19.98 1.96
CA PRO A 130 -6.60 -20.10 3.40
C PRO A 130 -5.49 -20.95 4.02
N ASP A 131 -4.36 -21.12 3.31
CA ASP A 131 -3.23 -21.92 3.78
C ASP A 131 -1.90 -21.22 3.49
N SER A 132 -1.96 -20.01 2.93
CA SER A 132 -0.76 -19.22 2.61
C SER A 132 -1.04 -17.72 2.81
N HIS A 133 -2.17 -17.38 3.43
CA HIS A 133 -2.56 -16.01 3.69
C HIS A 133 -1.59 -15.31 4.65
N HIS A 134 -0.62 -16.05 5.20
CA HIS A 134 0.39 -15.47 6.09
C HIS A 134 1.39 -14.61 5.32
N SER A 135 1.39 -14.70 3.98
CA SER A 135 2.31 -13.99 3.11
C SER A 135 1.63 -13.64 1.79
N MET A 35 -9.75 9.09 8.73
CA MET A 35 -10.67 8.85 7.60
C MET A 35 -10.47 9.90 6.51
N SER A 36 -9.66 9.55 5.51
CA SER A 36 -9.36 10.44 4.39
C SER A 36 -9.09 9.62 3.13
N TYR A 37 -9.01 10.28 1.98
CA TYR A 37 -8.77 9.62 0.71
C TYR A 37 -8.18 10.59 -0.31
N GLY A 38 -7.65 10.02 -1.40
CA GLY A 38 -7.15 10.75 -2.54
C GLY A 38 -7.73 10.20 -3.84
N ARG A 39 -8.24 8.97 -3.78
CA ARG A 39 -8.89 8.27 -4.88
C ARG A 39 -10.10 7.52 -4.32
N PRO A 40 -11.06 7.13 -5.18
CA PRO A 40 -12.25 6.42 -4.76
C PRO A 40 -11.87 5.01 -4.28
N PRO A 41 -12.64 4.45 -3.35
CA PRO A 41 -12.39 3.14 -2.76
C PRO A 41 -12.75 2.01 -3.72
N PRO A 42 -12.24 0.81 -3.47
CA PRO A 42 -12.56 -0.40 -4.21
C PRO A 42 -13.80 -1.02 -3.58
N ASP A 43 -13.89 -2.34 -3.59
CA ASP A 43 -15.03 -3.09 -3.07
C ASP A 43 -14.61 -4.39 -2.38
N VAL A 44 -13.43 -4.93 -2.73
CA VAL A 44 -12.82 -6.12 -2.14
C VAL A 44 -13.78 -7.30 -1.93
N GLU A 45 -14.86 -7.36 -2.72
CA GLU A 45 -15.83 -8.43 -2.63
C GLU A 45 -15.24 -9.79 -3.02
N GLY A 46 -13.95 -9.84 -3.39
CA GLY A 46 -13.31 -11.08 -3.81
C GLY A 46 -11.79 -10.95 -3.88
N MET A 47 -11.19 -9.97 -3.20
CA MET A 47 -9.74 -9.78 -3.22
C MET A 47 -9.20 -9.46 -1.84
N THR A 48 -7.90 -9.69 -1.68
CA THR A 48 -7.12 -9.34 -0.50
C THR A 48 -5.69 -9.08 -0.97
N SER A 49 -5.04 -8.07 -0.37
CA SER A 49 -3.68 -7.58 -0.66
C SER A 49 -3.78 -6.09 -0.95
N LEU A 50 -2.90 -5.34 -0.30
CA LEU A 50 -2.84 -3.89 -0.49
C LEU A 50 -1.66 -3.59 -1.38
N LYS A 51 -1.66 -2.40 -1.98
CA LYS A 51 -0.59 -1.81 -2.79
C LYS A 51 -0.54 -0.33 -2.45
N VAL A 52 0.66 0.22 -2.32
CA VAL A 52 0.85 1.65 -2.07
C VAL A 52 1.85 2.23 -3.05
N ASP A 53 1.55 3.45 -3.50
CA ASP A 53 2.19 4.18 -4.60
C ASP A 53 2.53 5.62 -4.21
N ASN A 54 3.13 6.36 -5.16
CA ASN A 54 3.52 7.75 -5.07
C ASN A 54 4.65 7.99 -4.07
N LEU A 55 5.83 8.37 -4.59
CA LEU A 55 7.03 8.61 -3.81
C LEU A 55 7.71 9.89 -4.26
N THR A 56 8.65 10.38 -3.46
CA THR A 56 9.41 11.59 -3.75
C THR A 56 10.89 11.27 -3.92
N TYR A 57 11.23 10.01 -4.24
CA TYR A 57 12.60 9.54 -4.47
C TYR A 57 13.35 9.29 -3.16
N ARG A 58 12.74 9.66 -2.04
CA ARG A 58 13.33 9.55 -0.71
C ARG A 58 12.35 8.98 0.31
N THR A 59 11.15 8.59 -0.14
CA THR A 59 10.15 8.00 0.74
C THR A 59 10.67 6.71 1.36
N SER A 60 11.28 5.85 0.53
CA SER A 60 11.87 4.57 0.90
C SER A 60 10.90 3.57 1.57
N PRO A 61 11.20 2.27 1.46
CA PRO A 61 10.40 1.19 2.02
C PRO A 61 10.41 1.22 3.55
N ASP A 62 11.46 1.80 4.15
CA ASP A 62 11.60 1.86 5.59
C ASP A 62 10.55 2.77 6.23
N THR A 63 10.39 3.97 5.67
CA THR A 63 9.44 4.93 6.21
C THR A 63 8.05 4.37 6.02
N LEU A 64 7.78 3.81 4.85
CA LEU A 64 6.49 3.23 4.55
C LEU A 64 6.20 2.08 5.51
N ARG A 65 7.23 1.34 5.94
CA ARG A 65 7.03 0.19 6.79
C ARG A 65 6.33 0.60 8.08
N ARG A 66 6.92 1.54 8.81
CA ARG A 66 6.38 1.98 10.09
C ARG A 66 5.24 2.98 9.93
N VAL A 67 5.01 3.46 8.71
CA VAL A 67 3.90 4.35 8.39
C VAL A 67 2.64 3.55 8.04
N PHE A 68 2.80 2.26 7.74
CA PHE A 68 1.68 1.44 7.33
C PHE A 68 1.48 0.25 8.24
N GLU A 69 2.56 -0.37 8.71
CA GLU A 69 2.41 -1.50 9.60
C GLU A 69 1.81 -1.06 10.93
N LYS A 70 1.87 0.25 11.20
CA LYS A 70 1.40 0.83 12.44
C LYS A 70 -0.08 0.55 12.65
N TYR A 71 -0.84 0.51 11.56
CA TYR A 71 -2.27 0.24 11.64
C TYR A 71 -2.55 -1.23 11.92
N GLY A 72 -1.58 -2.09 11.64
CA GLY A 72 -1.70 -3.52 11.94
C GLY A 72 -0.42 -4.27 11.62
N ARG A 73 -0.06 -4.34 10.33
CA ARG A 73 1.18 -4.99 9.90
C ARG A 73 1.43 -4.70 8.42
N VAL A 74 2.63 -5.02 7.97
CA VAL A 74 3.02 -4.91 6.57
C VAL A 74 3.64 -6.23 6.14
N GLY A 75 2.83 -7.05 5.47
CA GLY A 75 3.25 -8.32 4.92
C GLY A 75 4.42 -8.17 3.94
N ASP A 76 4.48 -7.04 3.24
CA ASP A 76 5.50 -6.77 2.24
C ASP A 76 5.65 -5.26 2.08
N VAL A 77 6.88 -4.79 1.85
CA VAL A 77 7.12 -3.37 1.60
C VAL A 77 8.35 -3.27 0.71
N TYR A 78 8.17 -2.75 -0.51
CA TYR A 78 9.30 -2.55 -1.41
C TYR A 78 9.00 -1.47 -2.44
N ILE A 79 10.05 -1.02 -3.14
CA ILE A 79 9.93 0.02 -4.15
C ILE A 79 10.48 -0.53 -5.47
N PRO A 80 9.62 -0.68 -6.50
CA PRO A 80 9.95 -1.11 -7.85
C PRO A 80 10.76 -0.06 -8.63
N ARG A 81 11.71 0.60 -7.97
CA ARG A 81 12.55 1.62 -8.60
C ARG A 81 13.34 1.05 -9.77
N ASP A 82 13.96 1.93 -10.56
CA ASP A 82 14.74 1.54 -11.72
C ASP A 82 16.08 0.90 -11.31
N ARG A 83 16.96 0.63 -12.28
CA ARG A 83 18.23 -0.03 -12.01
C ARG A 83 19.35 0.51 -12.92
N TYR A 84 19.04 1.46 -13.81
CA TYR A 84 20.01 2.02 -14.73
C TYR A 84 19.81 3.52 -14.94
N THR A 85 19.07 4.19 -14.06
CA THR A 85 18.85 5.63 -14.14
C THR A 85 19.16 6.35 -12.83
N LYS A 86 19.49 5.56 -11.81
CA LYS A 86 19.91 6.03 -10.49
C LYS A 86 18.75 6.71 -9.74
N GLU A 87 17.51 6.40 -10.13
CA GLU A 87 16.31 6.96 -9.49
C GLU A 87 15.21 5.90 -9.46
N SER A 88 13.98 6.31 -9.10
CA SER A 88 12.85 5.40 -8.98
C SER A 88 11.75 5.76 -9.98
N ARG A 89 10.78 4.86 -10.12
CA ARG A 89 9.67 5.00 -11.04
C ARG A 89 8.61 5.96 -10.50
N GLY A 90 8.71 6.33 -9.22
CA GLY A 90 7.82 7.32 -8.63
C GLY A 90 6.71 6.69 -7.77
N PHE A 91 6.79 5.38 -7.50
CA PHE A 91 5.78 4.68 -6.74
C PHE A 91 6.42 3.51 -5.98
N ALA A 92 5.79 3.13 -4.87
CA ALA A 92 6.25 2.02 -4.04
C ALA A 92 5.34 0.83 -4.28
N PHE A 93 5.37 -0.11 -3.35
CA PHE A 93 4.55 -1.30 -3.39
C PHE A 93 4.48 -1.86 -2.00
N VAL A 94 3.84 -1.11 -1.09
CA VAL A 94 3.59 -1.79 0.17
C VAL A 94 2.45 -2.75 -0.09
N ARG A 95 2.54 -3.96 0.45
CA ARG A 95 1.51 -4.96 0.28
C ARG A 95 1.18 -5.61 1.59
N PHE A 96 -0.13 -5.70 1.79
CA PHE A 96 -0.66 -6.23 3.03
C PHE A 96 -1.15 -7.64 2.78
N HIS A 97 -1.08 -8.45 3.83
CA HIS A 97 -1.42 -9.87 3.85
C HIS A 97 -2.82 -10.08 4.42
N ASP A 98 -3.46 -8.99 4.86
CA ASP A 98 -4.78 -9.03 5.46
C ASP A 98 -5.51 -7.75 5.10
N LYS A 99 -6.61 -7.89 4.36
CA LYS A 99 -7.42 -6.78 3.88
C LYS A 99 -7.93 -5.89 5.01
N ARG A 100 -8.07 -6.42 6.23
CA ARG A 100 -8.59 -5.65 7.35
C ARG A 100 -7.57 -4.60 7.80
N ASP A 101 -6.32 -5.01 7.95
CA ASP A 101 -5.25 -4.09 8.33
C ASP A 101 -5.01 -3.10 7.20
N ALA A 102 -5.29 -3.53 5.98
CA ALA A 102 -5.13 -2.70 4.80
C ALA A 102 -6.26 -1.69 4.66
N GLU A 103 -7.48 -2.06 5.09
CA GLU A 103 -8.62 -1.16 5.03
C GLU A 103 -8.39 0.08 5.88
N ASP A 104 -7.98 -0.10 7.14
CA ASP A 104 -7.83 1.05 8.02
C ASP A 104 -6.63 1.89 7.62
N ALA A 105 -5.51 1.25 7.28
CA ALA A 105 -4.31 1.97 6.87
C ALA A 105 -4.61 2.79 5.63
N MET A 106 -5.29 2.21 4.64
CA MET A 106 -5.64 2.90 3.41
C MET A 106 -6.61 4.04 3.68
N ASP A 107 -7.60 3.82 4.54
CA ASP A 107 -8.55 4.84 4.92
C ASP A 107 -7.88 5.94 5.77
N ALA A 108 -6.61 5.73 6.12
CA ALA A 108 -5.84 6.67 6.92
C ALA A 108 -4.50 7.06 6.26
N MET A 109 -4.26 6.63 5.01
CA MET A 109 -3.01 6.92 4.32
C MET A 109 -3.21 7.33 2.86
N ASP A 110 -4.36 7.04 2.25
CA ASP A 110 -4.59 7.46 0.87
C ASP A 110 -4.70 8.97 0.80
N GLY A 111 -3.74 9.60 0.11
CA GLY A 111 -3.70 11.05 -0.04
C GLY A 111 -3.33 11.73 1.27
N ALA A 112 -2.58 11.04 2.12
CA ALA A 112 -2.21 11.53 3.44
C ALA A 112 -0.93 12.36 3.40
N VAL A 113 -0.37 12.57 2.22
CA VAL A 113 0.84 13.37 1.97
C VAL A 113 1.83 13.30 3.14
N LEU A 114 2.42 12.11 3.35
CA LEU A 114 3.44 11.93 4.37
C LEU A 114 4.76 12.58 3.95
N ASP A 115 4.80 13.20 2.77
CA ASP A 115 6.04 13.73 2.20
C ASP A 115 5.84 15.12 1.57
N GLY A 116 4.77 15.30 0.78
CA GLY A 116 4.39 16.60 0.25
C GLY A 116 3.94 16.55 -1.21
N ARG A 117 3.53 15.37 -1.69
CA ARG A 117 3.04 15.19 -3.05
C ARG A 117 1.76 14.35 -3.10
N GLU A 118 1.41 13.69 -1.98
CA GLU A 118 0.12 13.06 -1.70
C GLU A 118 0.16 11.56 -1.97
N LEU A 119 0.54 10.80 -0.95
CA LEU A 119 0.63 9.34 -0.95
C LEU A 119 -0.62 8.72 -1.58
N ARG A 120 -0.50 7.49 -2.08
CA ARG A 120 -1.60 6.78 -2.73
C ARG A 120 -1.70 5.37 -2.17
N VAL A 121 -2.93 4.94 -1.86
CA VAL A 121 -3.15 3.61 -1.32
C VAL A 121 -4.36 2.97 -1.97
N GLN A 122 -4.24 1.68 -2.29
CA GLN A 122 -5.25 0.92 -3.01
C GLN A 122 -4.94 -0.57 -2.97
N MET A 123 -5.97 -1.42 -3.01
CA MET A 123 -5.81 -2.86 -3.06
C MET A 123 -4.94 -3.26 -4.25
N ALA A 124 -4.05 -4.22 -4.03
CA ALA A 124 -3.15 -4.71 -5.07
C ALA A 124 -3.88 -5.62 -6.05
N ARG A 125 -5.06 -6.13 -5.67
CA ARG A 125 -5.86 -7.01 -6.53
C ARG A 125 -5.04 -8.22 -7.03
N TYR A 126 -4.03 -8.63 -6.26
CA TYR A 126 -3.13 -9.71 -6.64
C TYR A 126 -3.13 -10.82 -5.58
N GLY A 127 -4.23 -10.95 -4.86
CA GLY A 127 -4.40 -11.98 -3.84
C GLY A 127 -5.87 -12.36 -3.67
N ARG A 128 -6.16 -13.27 -2.75
CA ARG A 128 -7.51 -13.80 -2.57
C ARG A 128 -7.75 -14.09 -1.09
N PRO A 129 -8.96 -13.81 -0.58
CA PRO A 129 -9.33 -14.11 0.79
C PRO A 129 -9.47 -15.63 0.98
N PRO A 130 -9.45 -16.10 2.24
CA PRO A 130 -9.59 -17.49 2.58
C PRO A 130 -11.04 -17.98 2.40
N ASP A 131 -11.26 -19.27 2.59
CA ASP A 131 -12.56 -19.90 2.47
C ASP A 131 -12.70 -21.06 3.48
N SER A 132 -13.87 -21.69 3.50
CA SER A 132 -14.18 -22.78 4.41
C SER A 132 -15.08 -23.81 3.71
N HIS A 133 -15.24 -24.98 4.34
CA HIS A 133 -16.04 -26.06 3.78
C HIS A 133 -16.83 -26.79 4.86
N HIS A 134 -16.84 -26.25 6.08
CA HIS A 134 -17.53 -26.86 7.21
C HIS A 134 -18.15 -25.79 8.12
N SER A 135 -18.14 -24.53 7.68
CA SER A 135 -18.69 -23.41 8.42
C SER A 135 -19.09 -22.27 7.49
N MET A 35 -2.09 12.47 9.34
CA MET A 35 -2.49 13.65 8.56
C MET A 35 -4.01 13.75 8.50
N SER A 36 -4.63 13.00 7.57
CA SER A 36 -6.08 13.01 7.38
C SER A 36 -6.54 11.66 6.86
N TYR A 37 -7.87 11.47 6.79
CA TYR A 37 -8.46 10.27 6.21
C TYR A 37 -8.21 10.21 4.71
N GLY A 38 -8.68 9.13 4.07
CA GLY A 38 -8.52 8.93 2.64
C GLY A 38 -9.72 8.18 2.06
N ARG A 39 -9.70 7.93 0.75
CA ARG A 39 -10.78 7.24 0.07
C ARG A 39 -11.00 5.84 0.67
N PRO A 40 -12.24 5.36 0.67
CA PRO A 40 -12.59 4.05 1.21
C PRO A 40 -12.12 2.93 0.28
N PRO A 41 -12.07 1.69 0.79
CA PRO A 41 -11.74 0.50 0.02
C PRO A 41 -12.64 0.33 -1.21
N PRO A 42 -12.23 -0.50 -2.17
CA PRO A 42 -13.03 -0.86 -3.33
C PRO A 42 -13.98 -1.99 -2.92
N ASP A 43 -14.27 -2.90 -3.84
CA ASP A 43 -15.26 -3.95 -3.61
C ASP A 43 -14.67 -5.12 -2.81
N VAL A 44 -13.37 -5.37 -2.98
CA VAL A 44 -12.62 -6.47 -2.35
C VAL A 44 -13.37 -7.81 -2.30
N GLU A 45 -14.30 -8.03 -3.22
CA GLU A 45 -15.11 -9.25 -3.27
C GLU A 45 -14.29 -10.50 -3.63
N GLY A 46 -12.99 -10.35 -3.90
CA GLY A 46 -12.16 -11.47 -4.31
C GLY A 46 -10.66 -11.17 -4.20
N MET A 47 -10.28 -10.18 -3.39
CA MET A 47 -8.89 -9.76 -3.25
C MET A 47 -8.59 -9.44 -1.79
N THR A 48 -7.31 -9.35 -1.43
CA THR A 48 -6.91 -9.10 -0.05
C THR A 48 -5.64 -8.25 0.03
N SER A 49 -4.74 -8.36 -0.94
CA SER A 49 -3.48 -7.63 -0.94
C SER A 49 -3.70 -6.13 -1.10
N LEU A 50 -2.91 -5.34 -0.37
CA LEU A 50 -2.89 -3.89 -0.51
C LEU A 50 -1.69 -3.53 -1.39
N LYS A 51 -1.72 -2.32 -1.97
CA LYS A 51 -0.66 -1.71 -2.77
C LYS A 51 -0.61 -0.22 -2.44
N VAL A 52 0.59 0.30 -2.24
CA VAL A 52 0.80 1.74 -2.00
C VAL A 52 1.81 2.28 -2.99
N ASP A 53 1.55 3.51 -3.46
CA ASP A 53 2.19 4.19 -4.57
C ASP A 53 2.30 5.70 -4.32
N ASN A 54 3.16 6.37 -5.10
CA ASN A 54 3.48 7.79 -5.06
C ASN A 54 4.63 8.06 -4.07
N LEU A 55 5.82 8.39 -4.60
CA LEU A 55 7.02 8.64 -3.80
C LEU A 55 7.73 9.89 -4.28
N THR A 56 8.64 10.40 -3.45
CA THR A 56 9.42 11.60 -3.77
C THR A 56 10.86 11.24 -4.07
N TYR A 57 11.14 9.96 -4.37
CA TYR A 57 12.46 9.41 -4.68
C TYR A 57 13.27 9.10 -3.42
N ARG A 58 12.75 9.51 -2.26
CA ARG A 58 13.42 9.33 -0.98
C ARG A 58 12.46 8.81 0.10
N THR A 59 11.21 8.55 -0.28
CA THR A 59 10.22 8.03 0.66
C THR A 59 10.72 6.73 1.31
N SER A 60 11.32 5.86 0.50
CA SER A 60 11.91 4.59 0.91
C SER A 60 10.94 3.59 1.59
N PRO A 61 11.23 2.28 1.48
CA PRO A 61 10.43 1.20 2.04
C PRO A 61 10.39 1.23 3.58
N ASP A 62 11.42 1.76 4.23
CA ASP A 62 11.47 1.77 5.68
C ASP A 62 10.47 2.75 6.27
N THR A 63 10.37 3.95 5.69
CA THR A 63 9.44 4.94 6.19
C THR A 63 8.03 4.42 5.99
N LEU A 64 7.79 3.83 4.82
CA LEU A 64 6.48 3.27 4.51
C LEU A 64 6.16 2.12 5.46
N ARG A 65 7.18 1.36 5.89
CA ARG A 65 6.95 0.21 6.74
C ARG A 65 6.26 0.63 8.02
N ARG A 66 6.87 1.58 8.74
CA ARG A 66 6.35 2.04 10.03
C ARG A 66 5.24 3.08 9.87
N VAL A 67 4.96 3.50 8.63
CA VAL A 67 3.87 4.41 8.32
C VAL A 67 2.60 3.63 7.99
N PHE A 68 2.72 2.34 7.72
CA PHE A 68 1.60 1.52 7.31
C PHE A 68 1.40 0.32 8.22
N GLU A 69 2.48 -0.30 8.69
CA GLU A 69 2.33 -1.44 9.57
C GLU A 69 1.75 -0.99 10.91
N LYS A 70 1.82 0.32 11.16
CA LYS A 70 1.36 0.91 12.40
C LYS A 70 -0.12 0.66 12.61
N TYR A 71 -0.89 0.59 11.53
CA TYR A 71 -2.31 0.36 11.61
C TYR A 71 -2.61 -1.11 11.92
N GLY A 72 -1.66 -2.00 11.61
CA GLY A 72 -1.81 -3.41 11.91
C GLY A 72 -0.54 -4.21 11.61
N ARG A 73 -0.11 -4.22 10.35
CA ARG A 73 1.11 -4.89 9.94
C ARG A 73 1.40 -4.62 8.47
N VAL A 74 2.60 -4.98 8.03
CA VAL A 74 3.01 -4.88 6.64
C VAL A 74 3.63 -6.21 6.23
N GLY A 75 2.84 -7.01 5.52
CA GLY A 75 3.27 -8.29 4.97
C GLY A 75 4.42 -8.14 3.98
N ASP A 76 4.47 -7.01 3.28
CA ASP A 76 5.49 -6.73 2.27
C ASP A 76 5.64 -5.23 2.11
N VAL A 77 6.87 -4.76 1.90
CA VAL A 77 7.12 -3.35 1.64
C VAL A 77 8.35 -3.26 0.74
N TYR A 78 8.16 -2.76 -0.48
CA TYR A 78 9.27 -2.58 -1.39
C TYR A 78 8.98 -1.49 -2.41
N ILE A 79 10.02 -1.04 -3.12
CA ILE A 79 9.91 0.00 -4.13
C ILE A 79 10.43 -0.56 -5.46
N PRO A 80 9.55 -0.66 -6.47
CA PRO A 80 9.90 -1.05 -7.83
C PRO A 80 10.68 0.05 -8.54
N ARG A 81 11.87 0.38 -8.03
CA ARG A 81 12.75 1.40 -8.59
C ARG A 81 13.21 1.10 -10.01
N ASP A 82 14.14 1.94 -10.47
CA ASP A 82 14.78 1.86 -11.77
C ASP A 82 15.54 0.54 -11.97
N ARG A 83 16.24 0.45 -13.11
CA ARG A 83 17.12 -0.67 -13.41
C ARG A 83 18.34 -0.21 -14.21
N TYR A 84 18.42 1.08 -14.53
CA TYR A 84 19.50 1.62 -15.34
C TYR A 84 19.73 3.12 -15.08
N THR A 85 19.28 3.64 -13.95
CA THR A 85 19.42 5.08 -13.63
C THR A 85 19.81 5.28 -12.18
N LYS A 86 19.72 6.54 -11.70
CA LYS A 86 20.09 6.94 -10.35
C LYS A 86 18.88 7.49 -9.59
N GLU A 87 17.67 7.08 -9.99
CA GLU A 87 16.43 7.59 -9.42
C GLU A 87 15.41 6.46 -9.28
N SER A 88 14.12 6.79 -9.15
CA SER A 88 13.07 5.80 -8.93
C SER A 88 11.90 6.05 -9.87
N ARG A 89 11.02 5.05 -10.01
CA ARG A 89 9.86 5.15 -10.90
C ARG A 89 8.80 6.11 -10.35
N GLY A 90 8.87 6.45 -9.07
CA GLY A 90 7.96 7.42 -8.47
C GLY A 90 6.84 6.76 -7.66
N PHE A 91 6.92 5.46 -7.40
CA PHE A 91 5.89 4.73 -6.67
C PHE A 91 6.51 3.57 -5.92
N ALA A 92 5.82 3.14 -4.85
CA ALA A 92 6.24 2.03 -4.03
C ALA A 92 5.31 0.86 -4.27
N PHE A 93 5.34 -0.11 -3.36
CA PHE A 93 4.51 -1.28 -3.42
C PHE A 93 4.45 -1.85 -2.03
N VAL A 94 3.81 -1.12 -1.12
CA VAL A 94 3.57 -1.80 0.15
C VAL A 94 2.45 -2.76 -0.11
N ARG A 95 2.56 -4.00 0.40
CA ARG A 95 1.52 -4.99 0.24
C ARG A 95 1.17 -5.61 1.56
N PHE A 96 -0.14 -5.69 1.75
CA PHE A 96 -0.67 -6.21 3.00
C PHE A 96 -1.20 -7.61 2.80
N HIS A 97 -0.88 -8.47 3.78
CA HIS A 97 -1.25 -9.88 3.82
C HIS A 97 -2.67 -10.06 4.35
N ASP A 98 -3.30 -8.97 4.81
CA ASP A 98 -4.63 -9.01 5.42
C ASP A 98 -5.37 -7.71 5.09
N LYS A 99 -6.46 -7.85 4.34
CA LYS A 99 -7.28 -6.73 3.92
C LYS A 99 -7.80 -5.90 5.09
N ARG A 100 -7.93 -6.49 6.28
CA ARG A 100 -8.46 -5.76 7.44
C ARG A 100 -7.48 -4.68 7.88
N ASP A 101 -6.20 -5.04 8.02
CA ASP A 101 -5.18 -4.08 8.40
C ASP A 101 -4.99 -3.07 7.27
N ALA A 102 -5.28 -3.50 6.04
CA ALA A 102 -5.14 -2.65 4.87
C ALA A 102 -6.32 -1.69 4.75
N GLU A 103 -7.51 -2.11 5.20
CA GLU A 103 -8.69 -1.27 5.15
C GLU A 103 -8.48 -0.01 5.98
N ASP A 104 -8.02 -0.17 7.22
CA ASP A 104 -7.88 1.00 8.08
C ASP A 104 -6.72 1.87 7.63
N ALA A 105 -5.58 1.26 7.28
CA ALA A 105 -4.42 2.01 6.84
C ALA A 105 -4.74 2.81 5.58
N MET A 106 -5.39 2.19 4.60
CA MET A 106 -5.75 2.86 3.36
C MET A 106 -6.76 3.98 3.62
N ASP A 107 -7.73 3.74 4.50
CA ASP A 107 -8.73 4.74 4.86
C ASP A 107 -8.09 5.87 5.66
N ALA A 108 -6.82 5.70 6.05
CA ALA A 108 -6.09 6.67 6.85
C ALA A 108 -4.76 7.08 6.21
N MET A 109 -4.48 6.65 4.97
CA MET A 109 -3.23 6.96 4.31
C MET A 109 -3.40 7.37 2.84
N ASP A 110 -4.54 7.08 2.21
CA ASP A 110 -4.73 7.52 0.84
C ASP A 110 -4.81 9.05 0.79
N GLY A 111 -3.91 9.66 0.02
CA GLY A 111 -3.84 11.11 -0.13
C GLY A 111 -3.46 11.77 1.20
N ALA A 112 -2.73 11.04 2.06
CA ALA A 112 -2.35 11.51 3.38
C ALA A 112 -1.02 12.26 3.36
N VAL A 113 -0.46 12.47 2.16
CA VAL A 113 0.79 13.21 1.95
C VAL A 113 1.80 12.98 3.07
N LEU A 114 2.36 11.76 3.14
CA LEU A 114 3.36 11.41 4.13
C LEU A 114 4.67 12.19 3.94
N ASP A 115 4.81 12.92 2.82
CA ASP A 115 6.03 13.66 2.54
C ASP A 115 5.73 15.06 2.02
N GLY A 116 4.90 15.17 0.97
CA GLY A 116 4.49 16.46 0.44
C GLY A 116 4.02 16.41 -1.01
N ARG A 117 3.54 15.25 -1.47
CA ARG A 117 3.08 15.11 -2.84
C ARG A 117 1.75 14.38 -2.95
N GLU A 118 1.34 13.71 -1.86
CA GLU A 118 0.01 13.15 -1.62
C GLU A 118 0.00 11.67 -1.95
N LEU A 119 0.34 10.85 -0.95
CA LEU A 119 0.46 9.41 -1.10
C LEU A 119 -0.80 8.79 -1.72
N ARG A 120 -0.66 7.56 -2.22
CA ARG A 120 -1.76 6.84 -2.82
C ARG A 120 -1.85 5.44 -2.23
N VAL A 121 -3.06 5.00 -1.89
CA VAL A 121 -3.25 3.68 -1.31
C VAL A 121 -4.48 3.02 -1.91
N GLN A 122 -4.34 1.75 -2.28
CA GLN A 122 -5.37 0.99 -2.95
C GLN A 122 -5.03 -0.49 -2.95
N MET A 123 -6.04 -1.35 -2.93
CA MET A 123 -5.86 -2.78 -3.01
C MET A 123 -5.03 -3.14 -4.24
N ALA A 124 -4.10 -4.08 -4.05
CA ALA A 124 -3.22 -4.57 -5.10
C ALA A 124 -3.98 -5.48 -6.08
N ARG A 125 -5.31 -5.60 -5.92
CA ARG A 125 -6.18 -6.47 -6.70
C ARG A 125 -5.60 -7.88 -6.88
N TYR A 126 -5.04 -8.42 -5.80
CA TYR A 126 -4.42 -9.73 -5.77
C TYR A 126 -4.83 -10.45 -4.48
N GLY A 127 -4.62 -11.77 -4.44
CA GLY A 127 -4.97 -12.58 -3.29
C GLY A 127 -4.81 -14.07 -3.59
N ARG A 128 -5.21 -14.92 -2.64
CA ARG A 128 -5.14 -16.36 -2.79
C ARG A 128 -6.25 -17.00 -1.95
N PRO A 129 -6.98 -17.99 -2.48
CA PRO A 129 -8.04 -18.66 -1.76
C PRO A 129 -7.47 -19.56 -0.65
N PRO A 130 -8.30 -19.94 0.33
CA PRO A 130 -7.89 -20.81 1.42
C PRO A 130 -7.67 -22.25 0.93
N ASP A 131 -8.05 -22.54 -0.31
CA ASP A 131 -7.84 -23.85 -0.92
C ASP A 131 -6.40 -24.01 -1.39
N SER A 132 -5.54 -23.01 -1.13
CA SER A 132 -4.15 -23.00 -1.56
C SER A 132 -3.29 -22.24 -0.55
N HIS A 133 -1.97 -22.40 -0.67
CA HIS A 133 -1.01 -21.79 0.23
C HIS A 133 0.27 -21.39 -0.51
N HIS A 134 0.24 -21.46 -1.84
CA HIS A 134 1.39 -21.12 -2.68
C HIS A 134 1.71 -19.63 -2.67
N SER A 135 0.90 -18.82 -1.97
CA SER A 135 1.07 -17.37 -1.88
C SER A 135 0.65 -16.87 -0.50
N MET A 35 -0.69 17.61 9.18
CA MET A 35 -2.07 17.18 9.42
C MET A 35 -2.70 16.68 8.13
N SER A 36 -3.19 15.44 8.14
CA SER A 36 -3.82 14.83 6.97
C SER A 36 -4.77 13.72 7.38
N TYR A 37 -5.41 13.11 6.36
CA TYR A 37 -6.30 11.99 6.52
C TYR A 37 -6.25 11.14 5.24
N GLY A 38 -7.02 10.05 5.21
CA GLY A 38 -7.09 9.15 4.08
C GLY A 38 -8.52 8.96 3.59
N ARG A 39 -8.69 8.14 2.56
CA ARG A 39 -9.99 7.91 1.93
C ARG A 39 -10.28 6.42 1.83
N PRO A 40 -11.54 6.01 1.95
CA PRO A 40 -11.94 4.61 1.98
C PRO A 40 -11.84 3.96 0.60
N PRO A 41 -11.82 2.62 0.56
CA PRO A 41 -11.84 1.84 -0.67
C PRO A 41 -13.21 1.92 -1.33
N PRO A 42 -13.32 1.49 -2.61
CA PRO A 42 -14.57 1.48 -3.35
C PRO A 42 -15.57 0.51 -2.73
N ASP A 43 -15.24 -0.78 -2.81
CA ASP A 43 -16.04 -1.84 -2.22
C ASP A 43 -15.17 -3.00 -1.75
N VAL A 44 -14.13 -3.34 -2.53
CA VAL A 44 -13.18 -4.41 -2.27
C VAL A 44 -13.81 -5.68 -1.70
N GLU A 45 -15.09 -5.91 -2.00
CA GLU A 45 -15.89 -6.99 -1.45
C GLU A 45 -15.50 -8.37 -1.98
N GLY A 46 -14.39 -8.49 -2.71
CA GLY A 46 -14.00 -9.76 -3.31
C GLY A 46 -12.49 -9.87 -3.55
N MET A 47 -11.67 -9.03 -2.91
CA MET A 47 -10.23 -9.08 -3.07
C MET A 47 -9.50 -8.90 -1.74
N THR A 48 -8.19 -9.14 -1.76
CA THR A 48 -7.30 -8.96 -0.63
C THR A 48 -5.95 -8.47 -1.17
N SER A 49 -4.95 -8.33 -0.30
CA SER A 49 -3.65 -7.77 -0.63
C SER A 49 -3.75 -6.28 -0.93
N LEU A 50 -2.85 -5.51 -0.31
CA LEU A 50 -2.82 -4.07 -0.52
C LEU A 50 -1.64 -3.75 -1.43
N LYS A 51 -1.66 -2.56 -2.04
CA LYS A 51 -0.62 -1.96 -2.87
C LYS A 51 -0.59 -0.47 -2.55
N VAL A 52 0.61 0.08 -2.39
CA VAL A 52 0.78 1.51 -2.15
C VAL A 52 1.81 2.09 -3.12
N ASP A 53 1.49 3.30 -3.62
CA ASP A 53 2.15 3.99 -4.72
C ASP A 53 2.29 5.50 -4.42
N ASN A 54 3.05 6.20 -5.28
CA ASN A 54 3.39 7.63 -5.19
C ASN A 54 4.53 7.87 -4.20
N LEU A 55 5.69 8.25 -4.71
CA LEU A 55 6.88 8.54 -3.93
C LEU A 55 7.53 9.85 -4.40
N THR A 56 8.59 10.27 -3.70
CA THR A 56 9.33 11.49 -4.05
C THR A 56 10.82 11.22 -4.18
N TYR A 57 11.21 9.94 -4.33
CA TYR A 57 12.59 9.46 -4.48
C TYR A 57 13.30 9.29 -3.14
N ARG A 58 12.62 9.70 -2.06
CA ARG A 58 13.17 9.68 -0.71
C ARG A 58 12.22 8.98 0.27
N THR A 59 11.02 8.63 -0.17
CA THR A 59 10.03 7.99 0.69
C THR A 59 10.56 6.66 1.24
N SER A 60 11.18 5.84 0.38
CA SER A 60 11.79 4.57 0.74
C SER A 60 10.85 3.55 1.42
N PRO A 61 11.19 2.25 1.34
CA PRO A 61 10.41 1.17 1.93
C PRO A 61 10.41 1.24 3.45
N ASP A 62 11.45 1.82 4.04
CA ASP A 62 11.61 1.90 5.48
C ASP A 62 10.54 2.80 6.11
N THR A 63 10.35 3.99 5.55
CA THR A 63 9.39 4.95 6.08
C THR A 63 8.00 4.38 5.89
N LEU A 64 7.75 3.82 4.71
CA LEU A 64 6.47 3.23 4.40
C LEU A 64 6.17 2.09 5.37
N ARG A 65 7.20 1.37 5.82
CA ARG A 65 7.00 0.22 6.69
C ARG A 65 6.31 0.64 7.97
N ARG A 66 6.89 1.60 8.69
CA ARG A 66 6.35 2.06 9.97
C ARG A 66 5.21 3.06 9.79
N VAL A 67 4.96 3.49 8.55
CA VAL A 67 3.84 4.38 8.23
C VAL A 67 2.59 3.58 7.88
N PHE A 68 2.75 2.29 7.58
CA PHE A 68 1.63 1.46 7.17
C PHE A 68 1.45 0.27 8.11
N GLU A 69 2.53 -0.32 8.60
CA GLU A 69 2.38 -1.44 9.51
C GLU A 69 1.79 -0.98 10.83
N LYS A 70 1.85 0.33 11.08
CA LYS A 70 1.39 0.93 12.31
C LYS A 70 -0.10 0.66 12.54
N TYR A 71 -0.87 0.58 11.44
CA TYR A 71 -2.29 0.32 11.55
C TYR A 71 -2.57 -1.15 11.85
N GLY A 72 -1.60 -2.02 11.56
CA GLY A 72 -1.70 -3.43 11.89
C GLY A 72 -0.41 -4.18 11.59
N ARG A 73 -0.06 -4.29 10.31
CA ARG A 73 1.19 -4.93 9.88
C ARG A 73 1.44 -4.68 8.41
N VAL A 74 2.65 -5.00 7.97
CA VAL A 74 3.05 -4.91 6.57
C VAL A 74 3.69 -6.23 6.16
N GLY A 75 2.89 -7.06 5.49
CA GLY A 75 3.33 -8.35 4.98
C GLY A 75 4.47 -8.22 3.98
N ASP A 76 4.54 -7.09 3.27
CA ASP A 76 5.56 -6.82 2.27
C ASP A 76 5.69 -5.31 2.07
N VAL A 77 6.92 -4.83 1.84
CA VAL A 77 7.15 -3.42 1.56
C VAL A 77 8.36 -3.31 0.65
N TYR A 78 8.16 -2.82 -0.58
CA TYR A 78 9.28 -2.63 -1.49
C TYR A 78 8.99 -1.54 -2.52
N ILE A 79 10.03 -1.11 -3.23
CA ILE A 79 9.93 -0.07 -4.23
C ILE A 79 10.47 -0.61 -5.56
N PRO A 80 9.62 -0.74 -6.59
CA PRO A 80 9.96 -1.20 -7.93
C PRO A 80 10.76 -0.15 -8.73
N ARG A 81 11.65 0.59 -8.05
CA ARG A 81 12.47 1.62 -8.69
C ARG A 81 13.48 1.04 -9.68
N ASP A 82 14.43 1.89 -10.09
CA ASP A 82 15.45 1.58 -11.08
C ASP A 82 16.32 0.37 -10.73
N ARG A 83 17.28 0.09 -11.63
CA ARG A 83 18.31 -0.93 -11.43
C ARG A 83 19.63 -0.47 -12.04
N TYR A 84 19.69 0.74 -12.60
CA TYR A 84 20.86 1.24 -13.30
C TYR A 84 20.95 2.77 -13.28
N THR A 85 20.24 3.44 -12.35
CA THR A 85 20.24 4.90 -12.27
C THR A 85 20.37 5.35 -10.80
N LYS A 86 19.99 6.59 -10.51
CA LYS A 86 20.09 7.19 -9.19
C LYS A 86 18.76 7.81 -8.76
N GLU A 87 17.65 7.30 -9.32
CA GLU A 87 16.32 7.82 -9.02
C GLU A 87 15.30 6.68 -8.96
N SER A 88 14.01 6.99 -8.81
CA SER A 88 12.99 5.97 -8.66
C SER A 88 11.86 6.20 -9.66
N ARG A 89 11.05 5.16 -9.89
CA ARG A 89 9.96 5.20 -10.87
C ARG A 89 8.82 6.10 -10.40
N GLY A 90 8.79 6.45 -9.11
CA GLY A 90 7.81 7.38 -8.57
C GLY A 90 6.71 6.67 -7.77
N PHE A 91 6.84 5.37 -7.53
CA PHE A 91 5.84 4.60 -6.78
C PHE A 91 6.49 3.45 -6.04
N ALA A 92 5.79 2.96 -5.02
CA ALA A 92 6.23 1.86 -4.18
C ALA A 92 5.31 0.68 -4.41
N PHE A 93 5.34 -0.26 -3.46
CA PHE A 93 4.51 -1.45 -3.49
C PHE A 93 4.47 -2.00 -2.09
N VAL A 94 3.83 -1.24 -1.19
CA VAL A 94 3.59 -1.89 0.09
C VAL A 94 2.47 -2.88 -0.15
N ARG A 95 2.59 -4.10 0.37
CA ARG A 95 1.57 -5.11 0.22
C ARG A 95 1.23 -5.71 1.56
N PHE A 96 -0.08 -5.80 1.76
CA PHE A 96 -0.61 -6.32 3.01
C PHE A 96 -1.09 -7.74 2.79
N HIS A 97 -1.01 -8.53 3.86
CA HIS A 97 -1.37 -9.94 3.90
C HIS A 97 -2.80 -10.13 4.41
N ASP A 98 -3.44 -9.04 4.83
CA ASP A 98 -4.76 -9.06 5.41
C ASP A 98 -5.47 -7.75 5.05
N LYS A 99 -6.58 -7.85 4.31
CA LYS A 99 -7.33 -6.68 3.89
C LYS A 99 -7.83 -5.83 5.05
N ARG A 100 -8.01 -6.40 6.24
CA ARG A 100 -8.52 -5.66 7.38
C ARG A 100 -7.50 -4.62 7.83
N ASP A 101 -6.24 -5.03 7.97
CA ASP A 101 -5.17 -4.11 8.34
C ASP A 101 -4.95 -3.11 7.21
N ALA A 102 -5.24 -3.54 5.97
CA ALA A 102 -5.08 -2.70 4.80
C ALA A 102 -6.22 -1.70 4.67
N GLU A 103 -7.42 -2.05 5.13
CA GLU A 103 -8.58 -1.18 5.08
C GLU A 103 -8.35 0.07 5.91
N ASP A 104 -7.92 -0.10 7.16
CA ASP A 104 -7.76 1.06 8.03
C ASP A 104 -6.58 1.90 7.58
N ALA A 105 -5.47 1.26 7.20
CA ALA A 105 -4.30 1.98 6.74
C ALA A 105 -4.63 2.81 5.50
N MET A 106 -5.31 2.19 4.53
CA MET A 106 -5.71 2.88 3.31
C MET A 106 -6.66 4.03 3.61
N ASP A 107 -7.63 3.77 4.49
CA ASP A 107 -8.58 4.79 4.91
C ASP A 107 -7.91 5.90 5.72
N ALA A 108 -6.62 5.71 6.04
CA ALA A 108 -5.86 6.69 6.80
C ALA A 108 -4.55 7.09 6.12
N MET A 109 -4.32 6.65 4.88
CA MET A 109 -3.07 6.94 4.17
C MET A 109 -3.26 7.36 2.72
N ASP A 110 -4.41 7.12 2.08
CA ASP A 110 -4.59 7.55 0.71
C ASP A 110 -4.61 9.08 0.61
N GLY A 111 -3.61 9.65 -0.06
CA GLY A 111 -3.46 11.09 -0.22
C GLY A 111 -3.13 11.76 1.12
N ALA A 112 -2.41 11.05 1.97
CA ALA A 112 -2.09 11.51 3.32
C ALA A 112 -0.76 12.28 3.37
N VAL A 113 -0.13 12.48 2.22
CA VAL A 113 1.12 13.25 2.07
C VAL A 113 2.07 13.06 3.26
N LEU A 114 2.66 11.86 3.35
CA LEU A 114 3.66 11.59 4.39
C LEU A 114 4.99 12.33 4.16
N ASP A 115 5.13 13.08 3.06
CA ASP A 115 6.35 13.82 2.80
C ASP A 115 6.04 15.25 2.32
N GLY A 116 5.28 15.38 1.23
CA GLY A 116 4.85 16.69 0.74
C GLY A 116 4.38 16.69 -0.71
N ARG A 117 3.78 15.58 -1.14
CA ARG A 117 3.14 15.48 -2.44
C ARG A 117 1.77 14.85 -2.29
N GLU A 118 1.73 13.71 -1.58
CA GLU A 118 0.59 12.85 -1.32
C GLU A 118 1.05 11.41 -1.37
N LEU A 119 0.20 10.50 -0.91
CA LEU A 119 0.41 9.08 -1.00
C LEU A 119 -0.77 8.46 -1.73
N ARG A 120 -0.67 7.19 -2.12
CA ARG A 120 -1.77 6.51 -2.80
C ARG A 120 -1.87 5.10 -2.28
N VAL A 121 -3.09 4.68 -1.96
CA VAL A 121 -3.31 3.37 -1.39
C VAL A 121 -4.54 2.71 -1.99
N GLN A 122 -4.39 1.42 -2.32
CA GLN A 122 -5.42 0.63 -2.99
C GLN A 122 -5.05 -0.85 -2.96
N MET A 123 -6.06 -1.72 -2.95
CA MET A 123 -5.87 -3.16 -3.00
C MET A 123 -5.03 -3.56 -4.21
N ALA A 124 -4.14 -4.54 -4.02
CA ALA A 124 -3.27 -5.05 -5.06
C ALA A 124 -3.99 -6.10 -5.93
N ARG A 125 -5.23 -6.46 -5.57
CA ARG A 125 -6.03 -7.41 -6.34
C ARG A 125 -5.32 -8.76 -6.54
N TYR A 126 -4.50 -9.18 -5.58
CA TYR A 126 -3.74 -10.41 -5.66
C TYR A 126 -4.10 -11.38 -4.53
N GLY A 127 -5.34 -11.25 -4.02
CA GLY A 127 -5.85 -12.13 -2.98
C GLY A 127 -7.36 -12.28 -3.08
N ARG A 128 -7.92 -13.17 -2.26
CA ARG A 128 -9.34 -13.49 -2.29
C ARG A 128 -9.79 -13.92 -0.89
N PRO A 129 -10.78 -13.24 -0.30
CA PRO A 129 -11.32 -13.59 1.02
C PRO A 129 -12.16 -14.86 0.92
N PRO A 130 -12.55 -15.45 2.06
CA PRO A 130 -13.39 -16.64 2.09
C PRO A 130 -14.60 -16.51 1.16
N ASP A 131 -14.84 -17.54 0.34
CA ASP A 131 -15.90 -17.53 -0.66
C ASP A 131 -16.40 -18.94 -0.95
N SER A 132 -15.99 -19.91 -0.12
CA SER A 132 -16.38 -21.31 -0.29
C SER A 132 -16.55 -22.00 1.07
N HIS A 133 -16.46 -21.24 2.16
CA HIS A 133 -16.64 -21.74 3.51
C HIS A 133 -18.09 -22.13 3.77
N HIS A 134 -18.35 -22.74 4.93
CA HIS A 134 -19.69 -23.18 5.31
C HIS A 134 -19.82 -23.18 6.83
N SER A 135 -21.03 -23.46 7.32
CA SER A 135 -21.34 -23.50 8.74
C SER A 135 -22.51 -24.45 9.02
N MET A 35 -19.45 21.50 7.42
CA MET A 35 -19.57 20.14 6.85
C MET A 35 -18.46 19.89 5.83
N SER A 36 -18.00 18.64 5.73
CA SER A 36 -16.94 18.25 4.81
C SER A 36 -17.13 16.81 4.34
N TYR A 37 -16.25 16.38 3.44
CA TYR A 37 -16.24 15.01 2.94
C TYR A 37 -14.80 14.60 2.60
N GLY A 38 -14.64 13.37 2.11
CA GLY A 38 -13.35 12.84 1.72
C GLY A 38 -13.49 11.77 0.66
N ARG A 39 -12.37 11.20 0.22
CA ARG A 39 -12.35 10.20 -0.84
C ARG A 39 -13.20 8.98 -0.45
N PRO A 40 -13.87 8.35 -1.42
CA PRO A 40 -14.75 7.21 -1.18
C PRO A 40 -13.95 5.94 -0.88
N PRO A 41 -14.59 4.96 -0.21
CA PRO A 41 -14.01 3.68 0.10
C PRO A 41 -13.96 2.79 -1.14
N PRO A 42 -13.24 1.66 -1.07
CA PRO A 42 -13.18 0.65 -2.11
C PRO A 42 -14.39 -0.27 -1.91
N ASP A 43 -14.21 -1.57 -2.20
CA ASP A 43 -15.29 -2.55 -2.13
C ASP A 43 -14.78 -3.92 -1.64
N VAL A 44 -13.50 -4.24 -1.89
CA VAL A 44 -12.81 -5.46 -1.45
C VAL A 44 -13.60 -6.74 -1.68
N GLU A 45 -14.54 -6.74 -2.64
CA GLU A 45 -15.38 -7.90 -2.93
C GLU A 45 -14.61 -9.04 -3.61
N GLY A 46 -13.31 -8.89 -3.85
CA GLY A 46 -12.54 -9.89 -4.57
C GLY A 46 -11.03 -9.72 -4.42
N MET A 47 -10.57 -9.01 -3.39
CA MET A 47 -9.15 -8.75 -3.18
C MET A 47 -8.82 -8.83 -1.69
N THR A 48 -7.54 -8.95 -1.36
CA THR A 48 -7.10 -8.93 0.02
C THR A 48 -5.75 -8.24 0.15
N SER A 49 -4.87 -8.40 -0.85
CA SER A 49 -3.56 -7.75 -0.86
C SER A 49 -3.74 -6.27 -1.11
N LEU A 50 -2.94 -5.48 -0.41
CA LEU A 50 -2.91 -4.03 -0.59
C LEU A 50 -1.71 -3.70 -1.47
N LYS A 51 -1.74 -2.51 -2.09
CA LYS A 51 -0.68 -1.93 -2.90
C LYS A 51 -0.65 -0.44 -2.59
N VAL A 52 0.56 0.11 -2.41
CA VAL A 52 0.73 1.54 -2.16
C VAL A 52 1.75 2.11 -3.13
N ASP A 53 1.46 3.33 -3.60
CA ASP A 53 2.12 4.06 -4.69
C ASP A 53 2.24 5.55 -4.37
N ASN A 54 3.02 6.27 -5.20
CA ASN A 54 3.35 7.69 -5.09
C ASN A 54 4.50 7.92 -4.12
N LEU A 55 5.66 8.32 -4.65
CA LEU A 55 6.86 8.60 -3.86
C LEU A 55 7.51 9.90 -4.33
N THR A 56 8.58 10.32 -3.65
CA THR A 56 9.35 11.50 -4.02
C THR A 56 10.82 11.17 -4.19
N TYR A 57 11.16 9.89 -4.37
CA TYR A 57 12.52 9.38 -4.57
C TYR A 57 13.27 9.17 -3.26
N ARG A 58 12.67 9.63 -2.16
CA ARG A 58 13.27 9.56 -0.83
C ARG A 58 12.28 9.04 0.21
N THR A 59 11.08 8.65 -0.23
CA THR A 59 10.07 8.08 0.66
C THR A 59 10.58 6.78 1.28
N SER A 60 11.21 5.94 0.46
CA SER A 60 11.81 4.66 0.83
C SER A 60 10.86 3.65 1.50
N PRO A 61 11.17 2.35 1.39
CA PRO A 61 10.38 1.26 1.95
C PRO A 61 10.34 1.29 3.48
N ASP A 62 11.37 1.84 4.13
CA ASP A 62 11.43 1.86 5.58
C ASP A 62 10.41 2.81 6.18
N THR A 63 10.28 4.01 5.60
CA THR A 63 9.34 4.98 6.12
C THR A 63 7.94 4.44 5.91
N LEU A 64 7.69 3.86 4.73
CA LEU A 64 6.40 3.28 4.42
C LEU A 64 6.10 2.14 5.39
N ARG A 65 7.13 1.40 5.81
CA ARG A 65 6.91 0.24 6.66
C ARG A 65 6.25 0.66 7.96
N ARG A 66 6.86 1.60 8.68
CA ARG A 66 6.33 2.07 9.96
C ARG A 66 5.22 3.10 9.80
N VAL A 67 4.91 3.50 8.57
CA VAL A 67 3.79 4.39 8.26
C VAL A 67 2.53 3.59 7.92
N PHE A 68 2.70 2.30 7.61
CA PHE A 68 1.59 1.47 7.19
C PHE A 68 1.40 0.28 8.12
N GLU A 69 2.48 -0.31 8.60
CA GLU A 69 2.36 -1.43 9.51
C GLU A 69 1.75 -0.98 10.83
N LYS A 70 1.80 0.35 11.09
CA LYS A 70 1.35 0.93 12.34
C LYS A 70 -0.13 0.67 12.56
N TYR A 71 -0.91 0.58 11.48
CA TYR A 71 -2.32 0.32 11.60
C TYR A 71 -2.59 -1.16 11.88
N GLY A 72 -1.61 -2.03 11.59
CA GLY A 72 -1.72 -3.44 11.90
C GLY A 72 -0.43 -4.18 11.58
N ARG A 73 -0.09 -4.28 10.29
CA ARG A 73 1.15 -4.92 9.87
C ARG A 73 1.40 -4.66 8.38
N VAL A 74 2.61 -4.98 7.93
CA VAL A 74 3.01 -4.88 6.54
C VAL A 74 3.66 -6.20 6.14
N GLY A 75 2.87 -7.03 5.47
CA GLY A 75 3.33 -8.32 4.95
C GLY A 75 4.47 -8.15 3.94
N ASP A 76 4.51 -7.03 3.23
CA ASP A 76 5.51 -6.75 2.21
C ASP A 76 5.64 -5.24 2.03
N VAL A 77 6.87 -4.76 1.82
CA VAL A 77 7.11 -3.35 1.54
C VAL A 77 8.34 -3.25 0.66
N TYR A 78 8.16 -2.75 -0.56
CA TYR A 78 9.29 -2.55 -1.46
C TYR A 78 8.98 -1.47 -2.49
N ILE A 79 10.03 -1.02 -3.20
CA ILE A 79 9.91 0.02 -4.22
C ILE A 79 10.47 -0.54 -5.53
N PRO A 80 9.62 -0.70 -6.56
CA PRO A 80 9.97 -1.15 -7.91
C PRO A 80 10.75 -0.09 -8.70
N ARG A 81 11.74 0.55 -8.07
CA ARG A 81 12.54 1.59 -8.71
C ARG A 81 13.34 1.06 -9.90
N ASP A 82 14.10 1.95 -10.55
CA ASP A 82 14.97 1.63 -11.66
C ASP A 82 16.05 0.61 -11.28
N ARG A 83 16.90 0.25 -12.24
CA ARG A 83 17.93 -0.78 -12.04
C ARG A 83 19.29 -0.34 -12.59
N TYR A 84 19.38 0.89 -13.10
CA TYR A 84 20.60 1.41 -13.67
C TYR A 84 20.78 2.91 -13.41
N THR A 85 20.01 3.46 -12.47
CA THR A 85 20.07 4.88 -12.12
C THR A 85 19.93 5.06 -10.60
N LYS A 86 20.05 6.32 -10.15
CA LYS A 86 20.01 6.69 -8.75
C LYS A 86 18.65 7.29 -8.38
N GLU A 87 17.60 6.89 -9.11
CA GLU A 87 16.25 7.42 -8.92
C GLU A 87 15.23 6.30 -8.95
N SER A 88 13.94 6.65 -9.01
CA SER A 88 12.87 5.67 -8.98
C SER A 88 11.73 6.03 -9.93
N ARG A 89 10.82 5.07 -10.12
CA ARG A 89 9.68 5.22 -11.01
C ARG A 89 8.61 6.15 -10.42
N GLY A 90 8.74 6.48 -9.13
CA GLY A 90 7.82 7.42 -8.49
C GLY A 90 6.71 6.71 -7.71
N PHE A 91 6.82 5.40 -7.48
CA PHE A 91 5.80 4.65 -6.75
C PHE A 91 6.45 3.48 -6.01
N ALA A 92 5.76 3.03 -4.97
CA ALA A 92 6.19 1.94 -4.12
C ALA A 92 5.27 0.75 -4.36
N PHE A 93 5.29 -0.19 -3.43
CA PHE A 93 4.49 -1.39 -3.48
C PHE A 93 4.42 -1.94 -2.08
N VAL A 94 3.76 -1.21 -1.19
CA VAL A 94 3.53 -1.88 0.08
C VAL A 94 2.41 -2.86 -0.18
N ARG A 95 2.51 -4.07 0.39
CA ARG A 95 1.49 -5.09 0.23
C ARG A 95 1.16 -5.70 1.56
N PHE A 96 -0.16 -5.78 1.75
CA PHE A 96 -0.69 -6.29 3.00
C PHE A 96 -1.20 -7.70 2.80
N HIS A 97 -1.04 -8.52 3.84
CA HIS A 97 -1.40 -9.92 3.88
C HIS A 97 -2.80 -10.10 4.46
N ASP A 98 -3.42 -9.01 4.90
CA ASP A 98 -4.72 -9.04 5.53
C ASP A 98 -5.47 -7.75 5.19
N LYS A 99 -6.58 -7.88 4.45
CA LYS A 99 -7.37 -6.76 4.00
C LYS A 99 -7.88 -5.90 5.15
N ARG A 100 -8.01 -6.44 6.36
CA ARG A 100 -8.53 -5.68 7.48
C ARG A 100 -7.52 -4.62 7.92
N ASP A 101 -6.25 -5.03 8.05
CA ASP A 101 -5.20 -4.09 8.39
C ASP A 101 -5.00 -3.11 7.24
N ALA A 102 -5.28 -3.58 6.01
CA ALA A 102 -5.15 -2.74 4.83
C ALA A 102 -6.30 -1.75 4.71
N GLU A 103 -7.50 -2.12 5.16
CA GLU A 103 -8.66 -1.25 5.10
C GLU A 103 -8.44 0.01 5.91
N ASP A 104 -8.01 -0.13 7.17
CA ASP A 104 -7.87 1.04 8.01
C ASP A 104 -6.69 1.91 7.55
N ALA A 105 -5.56 1.28 7.22
CA ALA A 105 -4.38 2.01 6.77
C ALA A 105 -4.71 2.80 5.51
N MET A 106 -5.37 2.16 4.54
CA MET A 106 -5.74 2.80 3.29
C MET A 106 -6.71 3.95 3.53
N ASP A 107 -7.70 3.72 4.40
CA ASP A 107 -8.66 4.75 4.76
C ASP A 107 -8.01 5.87 5.58
N ALA A 108 -6.74 5.73 5.95
CA ALA A 108 -6.02 6.69 6.75
C ALA A 108 -4.69 7.09 6.12
N MET A 109 -4.41 6.66 4.88
CA MET A 109 -3.15 6.96 4.22
C MET A 109 -3.32 7.40 2.76
N ASP A 110 -4.47 7.15 2.13
CA ASP A 110 -4.66 7.59 0.75
C ASP A 110 -4.66 9.13 0.67
N GLY A 111 -3.65 9.68 -0.02
CA GLY A 111 -3.50 11.11 -0.20
C GLY A 111 -3.14 11.81 1.11
N ALA A 112 -2.47 11.09 2.02
CA ALA A 112 -2.14 11.59 3.35
C ALA A 112 -0.85 12.39 3.37
N VAL A 113 -0.21 12.59 2.20
CA VAL A 113 1.04 13.34 2.04
C VAL A 113 1.97 13.17 3.24
N LEU A 114 2.56 11.97 3.36
CA LEU A 114 3.54 11.68 4.41
C LEU A 114 4.88 12.38 4.18
N ASP A 115 5.04 13.12 3.07
CA ASP A 115 6.29 13.81 2.79
C ASP A 115 6.02 15.24 2.31
N GLY A 116 5.25 15.39 1.24
CA GLY A 116 4.85 16.71 0.76
C GLY A 116 4.35 16.70 -0.68
N ARG A 117 3.71 15.60 -1.07
CA ARG A 117 3.08 15.49 -2.38
C ARG A 117 1.72 14.83 -2.24
N GLU A 118 1.68 13.70 -1.52
CA GLU A 118 0.55 12.81 -1.30
C GLU A 118 1.06 11.38 -1.22
N LEU A 119 0.18 10.48 -0.83
CA LEU A 119 0.41 9.05 -0.90
C LEU A 119 -0.77 8.44 -1.63
N ARG A 120 -0.69 7.19 -2.04
CA ARG A 120 -1.79 6.55 -2.74
C ARG A 120 -1.91 5.12 -2.26
N VAL A 121 -3.13 4.72 -1.93
CA VAL A 121 -3.37 3.40 -1.38
C VAL A 121 -4.61 2.78 -2.00
N GLN A 122 -4.45 1.50 -2.39
CA GLN A 122 -5.49 0.74 -3.07
C GLN A 122 -5.11 -0.75 -3.08
N MET A 123 -6.12 -1.61 -3.07
CA MET A 123 -5.92 -3.05 -3.16
C MET A 123 -5.05 -3.41 -4.37
N ALA A 124 -4.14 -4.37 -4.18
CA ALA A 124 -3.20 -4.81 -5.20
C ALA A 124 -3.86 -5.73 -6.24
N ARG A 125 -5.18 -5.96 -6.14
CA ARG A 125 -5.93 -6.85 -7.02
C ARG A 125 -5.48 -8.31 -6.87
N TYR A 126 -4.86 -8.65 -5.74
CA TYR A 126 -4.38 -9.99 -5.46
C TYR A 126 -4.90 -10.47 -4.10
N GLY A 127 -4.64 -11.74 -3.76
CA GLY A 127 -5.05 -12.31 -2.49
C GLY A 127 -4.89 -13.83 -2.46
N ARG A 128 -4.66 -14.45 -3.61
CA ARG A 128 -4.47 -15.89 -3.71
C ARG A 128 -3.25 -16.30 -2.87
N PRO A 129 -3.34 -17.37 -2.08
CA PRO A 129 -2.23 -17.86 -1.28
C PRO A 129 -1.18 -18.52 -2.16
N PRO A 130 0.05 -18.71 -1.64
CA PRO A 130 1.14 -19.36 -2.35
C PRO A 130 0.91 -20.86 -2.46
N ASP A 131 1.75 -21.53 -3.25
CA ASP A 131 1.68 -22.97 -3.44
C ASP A 131 3.05 -23.52 -3.81
N SER A 132 3.23 -24.84 -3.70
CA SER A 132 4.50 -25.54 -3.93
C SER A 132 5.68 -24.92 -3.16
N HIS A 133 5.38 -24.15 -2.10
CA HIS A 133 6.39 -23.51 -1.28
C HIS A 133 5.86 -23.29 0.13
N HIS A 134 6.76 -23.09 1.10
CA HIS A 134 6.40 -22.87 2.49
C HIS A 134 7.52 -22.11 3.20
N SER A 135 7.22 -21.55 4.38
CA SER A 135 8.15 -20.75 5.16
C SER A 135 7.92 -20.97 6.66
N MET A 35 -6.52 6.94 -25.31
CA MET A 35 -5.85 7.67 -24.22
C MET A 35 -6.49 7.29 -22.89
N SER A 36 -5.66 6.81 -21.95
CA SER A 36 -6.11 6.39 -20.63
C SER A 36 -4.96 6.49 -19.63
N TYR A 37 -5.24 6.16 -18.36
CA TYR A 37 -4.26 6.23 -17.29
C TYR A 37 -4.49 5.17 -16.22
N GLY A 38 -5.67 4.53 -16.23
CA GLY A 38 -6.04 3.50 -15.27
C GLY A 38 -7.36 3.86 -14.59
N ARG A 39 -7.76 3.08 -13.59
CA ARG A 39 -8.97 3.33 -12.82
C ARG A 39 -8.76 2.86 -11.38
N PRO A 40 -9.51 3.41 -10.42
CA PRO A 40 -9.44 3.00 -9.02
C PRO A 40 -10.09 1.62 -8.84
N PRO A 41 -9.84 0.97 -7.69
CA PRO A 41 -10.45 -0.30 -7.36
C PRO A 41 -11.94 -0.15 -7.09
N PRO A 42 -12.71 -1.24 -7.11
CA PRO A 42 -14.13 -1.27 -6.86
C PRO A 42 -14.37 -1.30 -5.35
N ASP A 43 -15.36 -2.09 -4.90
CA ASP A 43 -15.74 -2.18 -3.50
C ASP A 43 -14.82 -3.13 -2.73
N VAL A 44 -13.94 -3.83 -3.46
CA VAL A 44 -12.95 -4.79 -2.94
C VAL A 44 -13.53 -5.80 -1.94
N GLU A 45 -14.85 -5.98 -1.95
CA GLU A 45 -15.53 -6.95 -1.10
C GLU A 45 -15.22 -8.39 -1.49
N GLY A 46 -14.31 -8.61 -2.44
CA GLY A 46 -14.00 -9.94 -2.95
C GLY A 46 -12.54 -10.10 -3.33
N MET A 47 -11.65 -9.27 -2.78
CA MET A 47 -10.22 -9.36 -3.04
C MET A 47 -9.41 -9.04 -1.78
N THR A 48 -8.12 -9.38 -1.79
CA THR A 48 -7.23 -9.12 -0.66
C THR A 48 -5.84 -8.80 -1.22
N SER A 49 -5.02 -8.13 -0.40
CA SER A 49 -3.68 -7.63 -0.68
C SER A 49 -3.78 -6.14 -0.94
N LEU A 50 -2.90 -5.38 -0.28
CA LEU A 50 -2.86 -3.93 -0.51
C LEU A 50 -1.68 -3.61 -1.40
N LYS A 51 -1.71 -2.44 -2.04
CA LYS A 51 -0.65 -1.81 -2.82
C LYS A 51 -0.60 -0.33 -2.41
N VAL A 52 0.60 0.24 -2.33
CA VAL A 52 0.78 1.66 -2.06
C VAL A 52 1.78 2.26 -3.03
N ASP A 53 1.47 3.49 -3.47
CA ASP A 53 2.09 4.24 -4.55
C ASP A 53 2.45 5.67 -4.13
N ASN A 54 3.04 6.42 -5.06
CA ASN A 54 3.45 7.81 -4.95
C ASN A 54 4.61 8.03 -3.98
N LEU A 55 5.77 8.41 -4.52
CA LEU A 55 7.00 8.65 -3.76
C LEU A 55 7.69 9.91 -4.24
N THR A 56 8.71 10.35 -3.49
CA THR A 56 9.53 11.48 -3.86
C THR A 56 10.99 11.06 -3.96
N TYR A 57 11.26 9.82 -4.38
CA TYR A 57 12.60 9.28 -4.58
C TYR A 57 13.37 9.09 -3.27
N ARG A 58 12.78 9.54 -2.15
CA ARG A 58 13.40 9.47 -0.83
C ARG A 58 12.41 8.99 0.23
N THR A 59 11.17 8.69 -0.18
CA THR A 59 10.17 8.15 0.73
C THR A 59 10.65 6.83 1.34
N SER A 60 11.25 5.97 0.51
CA SER A 60 11.83 4.67 0.88
C SER A 60 10.86 3.67 1.53
N PRO A 61 11.15 2.36 1.39
CA PRO A 61 10.35 1.27 1.95
C PRO A 61 10.33 1.28 3.48
N ASP A 62 11.37 1.81 4.11
CA ASP A 62 11.47 1.81 5.57
C ASP A 62 10.49 2.78 6.21
N THR A 63 10.33 3.97 5.63
CA THR A 63 9.41 4.95 6.17
C THR A 63 8.00 4.42 5.97
N LEU A 64 7.74 3.88 4.77
CA LEU A 64 6.45 3.31 4.47
C LEU A 64 6.16 2.15 5.42
N ARG A 65 7.20 1.44 5.87
CA ARG A 65 7.01 0.29 6.73
C ARG A 65 6.30 0.72 8.00
N ARG A 66 6.90 1.66 8.74
CA ARG A 66 6.33 2.11 10.00
C ARG A 66 5.20 3.10 9.83
N VAL A 67 4.97 3.58 8.61
CA VAL A 67 3.84 4.45 8.28
C VAL A 67 2.59 3.64 7.95
N PHE A 68 2.75 2.34 7.68
CA PHE A 68 1.63 1.50 7.28
C PHE A 68 1.45 0.32 8.21
N GLU A 69 2.54 -0.29 8.67
CA GLU A 69 2.40 -1.42 9.57
C GLU A 69 1.81 -0.97 10.89
N LYS A 70 1.86 0.34 11.15
CA LYS A 70 1.40 0.92 12.40
C LYS A 70 -0.08 0.65 12.62
N TYR A 71 -0.85 0.57 11.53
CA TYR A 71 -2.27 0.30 11.63
C TYR A 71 -2.53 -1.17 11.95
N GLY A 72 -1.55 -2.04 11.64
CA GLY A 72 -1.67 -3.45 11.96
C GLY A 72 -0.37 -4.19 11.64
N ARG A 73 -0.02 -4.28 10.35
CA ARG A 73 1.22 -4.91 9.93
C ARG A 73 1.46 -4.64 8.45
N VAL A 74 2.67 -4.96 7.98
CA VAL A 74 3.05 -4.85 6.59
C VAL A 74 3.68 -6.16 6.16
N GLY A 75 2.89 -7.00 5.50
CA GLY A 75 3.34 -8.28 4.99
C GLY A 75 4.47 -8.13 3.97
N ASP A 76 4.51 -6.99 3.26
CA ASP A 76 5.50 -6.71 2.23
C ASP A 76 5.64 -5.21 2.07
N VAL A 77 6.86 -4.73 1.85
CA VAL A 77 7.11 -3.31 1.60
C VAL A 77 8.33 -3.21 0.68
N TYR A 78 8.14 -2.67 -0.52
CA TYR A 78 9.25 -2.49 -1.43
C TYR A 78 8.96 -1.42 -2.46
N ILE A 79 10.01 -0.98 -3.18
CA ILE A 79 9.89 0.02 -4.23
C ILE A 79 10.42 -0.59 -5.53
N PRO A 80 9.57 -0.68 -6.56
CA PRO A 80 9.90 -1.17 -7.90
C PRO A 80 10.76 -0.16 -8.66
N ARG A 81 11.89 0.25 -8.06
CA ARG A 81 12.82 1.21 -8.65
C ARG A 81 13.46 0.67 -9.92
N ASP A 82 14.48 1.41 -10.41
CA ASP A 82 15.21 1.10 -11.63
C ASP A 82 15.87 -0.29 -11.62
N ARG A 83 16.56 -0.59 -12.73
CA ARG A 83 17.35 -1.80 -12.87
C ARG A 83 18.63 -1.52 -13.69
N TYR A 84 18.83 -0.28 -14.13
CA TYR A 84 19.94 0.08 -14.99
C TYR A 84 20.34 1.56 -14.88
N THR A 85 19.93 2.25 -13.80
CA THR A 85 20.20 3.67 -13.64
C THR A 85 20.66 3.99 -12.21
N LYS A 86 20.57 5.26 -11.81
CA LYS A 86 21.03 5.74 -10.51
C LYS A 86 19.92 6.49 -9.78
N GLU A 87 18.65 6.13 -10.09
CA GLU A 87 17.49 6.76 -9.50
C GLU A 87 16.39 5.73 -9.28
N SER A 88 15.22 6.15 -8.81
CA SER A 88 14.13 5.23 -8.47
C SER A 88 12.82 5.75 -9.06
N ARG A 89 11.81 4.88 -9.14
CA ARG A 89 10.51 5.22 -9.67
C ARG A 89 9.74 6.11 -8.70
N GLY A 90 8.58 6.61 -9.15
CA GLY A 90 7.76 7.56 -8.40
C GLY A 90 6.62 6.90 -7.64
N PHE A 91 6.73 5.59 -7.41
CA PHE A 91 5.72 4.84 -6.67
C PHE A 91 6.37 3.67 -5.95
N ALA A 92 5.70 3.16 -4.92
CA ALA A 92 6.19 2.06 -4.12
C ALA A 92 5.28 0.86 -4.35
N PHE A 93 5.34 -0.09 -3.43
CA PHE A 93 4.50 -1.27 -3.45
C PHE A 93 4.44 -1.83 -2.06
N VAL A 94 3.80 -1.09 -1.15
CA VAL A 94 3.57 -1.77 0.11
C VAL A 94 2.44 -2.75 -0.13
N ARG A 95 2.55 -3.95 0.42
CA ARG A 95 1.53 -4.96 0.27
C ARG A 95 1.19 -5.56 1.62
N PHE A 96 -0.11 -5.70 1.80
CA PHE A 96 -0.64 -6.22 3.05
C PHE A 96 -1.15 -7.63 2.83
N HIS A 97 -0.97 -8.46 3.86
CA HIS A 97 -1.31 -9.88 3.87
C HIS A 97 -2.73 -10.10 4.39
N ASP A 98 -3.39 -9.04 4.85
CA ASP A 98 -4.72 -9.09 5.43
C ASP A 98 -5.45 -7.80 5.08
N LYS A 99 -6.56 -7.92 4.35
CA LYS A 99 -7.34 -6.78 3.91
C LYS A 99 -7.86 -5.93 5.07
N ARG A 100 -8.00 -6.50 6.27
CA ARG A 100 -8.53 -5.76 7.41
C ARG A 100 -7.53 -4.69 7.85
N ASP A 101 -6.26 -5.07 8.00
CA ASP A 101 -5.22 -4.12 8.35
C ASP A 101 -4.99 -3.15 7.21
N ALA A 102 -5.28 -3.58 5.97
CA ALA A 102 -5.12 -2.74 4.82
C ALA A 102 -6.26 -1.73 4.71
N GLU A 103 -7.47 -2.12 5.12
CA GLU A 103 -8.63 -1.25 5.07
C GLU A 103 -8.43 -0.01 5.94
N ASP A 104 -8.00 -0.19 7.19
CA ASP A 104 -7.87 0.96 8.07
C ASP A 104 -6.69 1.82 7.64
N ALA A 105 -5.56 1.20 7.30
CA ALA A 105 -4.39 1.94 6.87
C ALA A 105 -4.70 2.75 5.61
N MET A 106 -5.37 2.14 4.64
CA MET A 106 -5.72 2.81 3.39
C MET A 106 -6.72 3.93 3.64
N ASP A 107 -7.70 3.68 4.51
CA ASP A 107 -8.70 4.70 4.86
C ASP A 107 -8.06 5.82 5.69
N ALA A 108 -6.78 5.64 6.09
CA ALA A 108 -6.05 6.61 6.87
C ALA A 108 -4.72 7.01 6.23
N MET A 109 -4.45 6.57 4.99
CA MET A 109 -3.20 6.89 4.31
C MET A 109 -3.39 7.31 2.86
N ASP A 110 -4.54 7.03 2.25
CA ASP A 110 -4.79 7.46 0.88
C ASP A 110 -4.88 8.99 0.83
N GLY A 111 -3.88 9.62 0.21
CA GLY A 111 -3.80 11.07 0.10
C GLY A 111 -3.41 11.72 1.42
N ALA A 112 -2.65 10.99 2.25
CA ALA A 112 -2.26 11.45 3.58
C ALA A 112 -0.97 12.26 3.55
N VAL A 113 -0.41 12.49 2.36
CA VAL A 113 0.78 13.30 2.12
C VAL A 113 1.81 13.20 3.26
N LEU A 114 2.45 12.03 3.39
CA LEU A 114 3.51 11.83 4.38
C LEU A 114 4.80 12.58 4.02
N ASP A 115 4.84 13.27 2.87
CA ASP A 115 6.01 14.04 2.48
C ASP A 115 5.61 15.42 1.92
N GLY A 116 4.75 15.46 0.91
CA GLY A 116 4.26 16.72 0.36
C GLY A 116 3.82 16.61 -1.10
N ARG A 117 3.37 15.42 -1.52
CA ARG A 117 2.93 15.17 -2.88
C ARG A 117 1.64 14.34 -2.92
N GLU A 118 1.29 13.69 -1.82
CA GLU A 118 -0.01 13.07 -1.53
C GLU A 118 0.03 11.58 -1.82
N LEU A 119 0.42 10.80 -0.80
CA LEU A 119 0.51 9.35 -0.82
C LEU A 119 -0.73 8.72 -1.45
N ARG A 120 -0.61 7.50 -1.98
CA ARG A 120 -1.71 6.81 -2.65
C ARG A 120 -1.82 5.39 -2.13
N VAL A 121 -3.04 4.93 -1.86
CA VAL A 121 -3.26 3.60 -1.33
C VAL A 121 -4.46 2.95 -2.00
N GLN A 122 -4.33 1.65 -2.31
CA GLN A 122 -5.33 0.88 -3.04
C GLN A 122 -4.98 -0.60 -3.00
N MET A 123 -5.98 -1.48 -3.04
CA MET A 123 -5.78 -2.91 -3.09
C MET A 123 -4.85 -3.33 -4.22
N ALA A 124 -4.25 -4.51 -4.09
CA ALA A 124 -3.32 -5.08 -5.03
C ALA A 124 -3.86 -6.38 -5.62
N ARG A 125 -5.01 -6.83 -5.10
CA ARG A 125 -5.77 -8.02 -5.50
C ARG A 125 -4.99 -9.32 -5.71
N TYR A 126 -3.76 -9.40 -5.22
CA TYR A 126 -2.94 -10.62 -5.30
C TYR A 126 -3.49 -11.76 -4.44
N GLY A 127 -4.56 -11.52 -3.68
CA GLY A 127 -5.13 -12.50 -2.79
C GLY A 127 -6.66 -12.52 -2.83
N ARG A 128 -7.26 -13.38 -2.02
CA ARG A 128 -8.70 -13.59 -2.01
C ARG A 128 -9.15 -13.88 -0.58
N PRO A 129 -10.29 -13.34 -0.15
CA PRO A 129 -10.91 -13.64 1.14
C PRO A 129 -11.04 -15.14 1.40
N PRO A 130 -11.18 -15.54 2.67
CA PRO A 130 -11.33 -16.92 3.07
C PRO A 130 -12.68 -17.49 2.64
N ASP A 131 -12.86 -18.81 2.79
CA ASP A 131 -14.07 -19.50 2.40
C ASP A 131 -15.30 -19.00 3.18
N SER A 132 -15.08 -18.27 4.28
CA SER A 132 -16.14 -17.72 5.09
C SER A 132 -16.64 -16.38 4.54
N HIS A 133 -16.08 -15.92 3.42
CA HIS A 133 -16.44 -14.64 2.81
C HIS A 133 -16.35 -14.69 1.28
N HIS A 134 -16.01 -15.85 0.71
CA HIS A 134 -15.89 -16.02 -0.72
C HIS A 134 -16.16 -17.47 -1.11
N SER A 135 -16.48 -17.71 -2.39
CA SER A 135 -16.78 -19.03 -2.91
C SER A 135 -16.56 -19.09 -4.42
N MET A 35 -17.88 16.21 11.04
CA MET A 35 -18.23 14.98 11.79
C MET A 35 -18.16 13.77 10.87
N SER A 36 -17.41 12.74 11.28
CA SER A 36 -17.26 11.51 10.52
C SER A 36 -16.91 10.35 11.43
N TYR A 37 -16.79 9.14 10.85
CA TYR A 37 -16.49 7.93 11.59
C TYR A 37 -15.72 6.92 10.73
N GLY A 38 -15.75 7.09 9.41
CA GLY A 38 -15.10 6.17 8.48
C GLY A 38 -16.06 5.77 7.37
N ARG A 39 -15.63 4.86 6.50
CA ARG A 39 -16.45 4.35 5.41
C ARG A 39 -16.11 2.88 5.14
N PRO A 40 -17.04 2.13 4.55
CA PRO A 40 -16.83 0.74 4.19
C PRO A 40 -15.89 0.64 2.99
N PRO A 41 -15.36 -0.56 2.71
CA PRO A 41 -14.48 -0.82 1.58
C PRO A 41 -15.25 -0.71 0.26
N PRO A 42 -14.55 -0.50 -0.86
CA PRO A 42 -15.15 -0.34 -2.17
C PRO A 42 -15.76 -1.63 -2.69
N ASP A 43 -14.89 -2.54 -3.16
CA ASP A 43 -15.30 -3.82 -3.71
C ASP A 43 -14.25 -4.90 -3.47
N VAL A 44 -13.78 -4.99 -2.23
CA VAL A 44 -12.84 -6.02 -1.79
C VAL A 44 -13.43 -7.43 -1.86
N GLU A 45 -14.53 -7.59 -2.62
CA GLU A 45 -15.28 -8.82 -2.79
C GLU A 45 -14.46 -9.96 -3.40
N GLY A 46 -13.20 -9.71 -3.75
CA GLY A 46 -12.34 -10.70 -4.39
C GLY A 46 -10.86 -10.31 -4.30
N MET A 47 -10.50 -9.52 -3.29
CA MET A 47 -9.14 -9.04 -3.11
C MET A 47 -8.80 -9.03 -1.62
N THR A 48 -7.50 -9.03 -1.30
CA THR A 48 -7.03 -8.96 0.08
C THR A 48 -5.70 -8.22 0.19
N SER A 49 -4.84 -8.39 -0.81
CA SER A 49 -3.54 -7.72 -0.84
C SER A 49 -3.73 -6.23 -1.07
N LEU A 50 -2.91 -5.44 -0.39
CA LEU A 50 -2.89 -3.99 -0.57
C LEU A 50 -1.70 -3.65 -1.45
N LYS A 51 -1.72 -2.46 -2.06
CA LYS A 51 -0.69 -1.87 -2.90
C LYS A 51 -0.66 -0.37 -2.61
N VAL A 52 0.54 0.18 -2.40
CA VAL A 52 0.72 1.62 -2.16
C VAL A 52 1.74 2.19 -3.12
N ASP A 53 1.44 3.41 -3.59
CA ASP A 53 2.11 4.13 -4.68
C ASP A 53 2.22 5.64 -4.36
N ASN A 54 3.06 6.35 -5.11
CA ASN A 54 3.32 7.79 -5.05
C ASN A 54 4.48 8.10 -4.11
N LEU A 55 5.66 8.42 -4.67
CA LEU A 55 6.88 8.70 -3.91
C LEU A 55 7.52 10.02 -4.33
N THR A 56 8.60 10.39 -3.64
CA THR A 56 9.36 11.60 -3.92
C THR A 56 10.86 11.30 -4.03
N TYR A 57 11.23 10.01 -4.19
CA TYR A 57 12.60 9.53 -4.36
C TYR A 57 13.34 9.34 -3.04
N ARG A 58 12.72 9.77 -1.94
CA ARG A 58 13.32 9.73 -0.62
C ARG A 58 12.43 9.01 0.41
N THR A 59 11.18 8.71 0.05
CA THR A 59 10.25 8.07 0.97
C THR A 59 10.77 6.70 1.40
N SER A 60 11.29 5.91 0.45
CA SER A 60 11.87 4.59 0.70
C SER A 60 10.91 3.59 1.38
N PRO A 61 11.20 2.29 1.25
CA PRO A 61 10.39 1.22 1.82
C PRO A 61 10.43 1.25 3.35
N ASP A 62 11.47 1.86 3.93
CA ASP A 62 11.62 1.93 5.37
C ASP A 62 10.54 2.81 6.01
N THR A 63 10.35 4.03 5.46
CA THR A 63 9.39 4.96 6.02
C THR A 63 7.99 4.40 5.83
N LEU A 64 7.75 3.84 4.64
CA LEU A 64 6.45 3.27 4.34
C LEU A 64 6.15 2.12 5.29
N ARG A 65 7.19 1.40 5.75
CA ARG A 65 6.99 0.26 6.62
C ARG A 65 6.29 0.70 7.90
N ARG A 66 6.90 1.65 8.61
CA ARG A 66 6.36 2.12 9.90
C ARG A 66 5.24 3.14 9.73
N VAL A 67 4.97 3.56 8.50
CA VAL A 67 3.84 4.43 8.19
C VAL A 67 2.59 3.64 7.87
N PHE A 68 2.74 2.35 7.57
CA PHE A 68 1.61 1.52 7.17
C PHE A 68 1.43 0.34 8.10
N GLU A 69 2.53 -0.26 8.57
CA GLU A 69 2.37 -1.38 9.48
C GLU A 69 1.80 -0.91 10.80
N LYS A 70 1.86 0.40 11.06
CA LYS A 70 1.40 0.99 12.30
C LYS A 70 -0.07 0.72 12.55
N TYR A 71 -0.85 0.64 11.47
CA TYR A 71 -2.27 0.39 11.58
C TYR A 71 -2.53 -1.09 11.89
N GLY A 72 -1.59 -1.97 11.58
CA GLY A 72 -1.70 -3.38 11.90
C GLY A 72 -0.41 -4.13 11.59
N ARG A 73 -0.06 -4.22 10.30
CA ARG A 73 1.19 -4.86 9.87
C ARG A 73 1.44 -4.60 8.39
N VAL A 74 2.65 -4.93 7.94
CA VAL A 74 3.04 -4.83 6.54
C VAL A 74 3.69 -6.15 6.15
N GLY A 75 2.90 -7.00 5.47
CA GLY A 75 3.37 -8.26 4.97
C GLY A 75 4.50 -8.12 3.95
N ASP A 76 4.53 -7.00 3.22
CA ASP A 76 5.52 -6.72 2.20
C ASP A 76 5.65 -5.22 2.01
N VAL A 77 6.86 -4.72 1.76
CA VAL A 77 7.09 -3.32 1.49
C VAL A 77 8.32 -3.20 0.60
N TYR A 78 8.13 -2.68 -0.62
CA TYR A 78 9.26 -2.50 -1.51
C TYR A 78 8.98 -1.42 -2.56
N ILE A 79 10.01 -0.97 -3.26
CA ILE A 79 9.91 0.02 -4.31
C ILE A 79 10.44 -0.62 -5.60
N PRO A 80 9.59 -0.73 -6.64
CA PRO A 80 9.94 -1.22 -7.96
C PRO A 80 10.81 -0.20 -8.71
N ARG A 81 11.95 0.16 -8.13
CA ARG A 81 12.88 1.15 -8.68
C ARG A 81 13.49 0.67 -10.01
N ASP A 82 14.51 1.41 -10.45
CA ASP A 82 15.21 1.18 -11.71
C ASP A 82 15.89 -0.20 -11.83
N ARG A 83 16.60 -0.39 -12.93
CA ARG A 83 17.45 -1.54 -13.21
C ARG A 83 18.71 -1.11 -13.93
N TYR A 84 18.81 0.18 -14.28
CA TYR A 84 19.82 0.62 -15.21
C TYR A 84 20.22 2.09 -15.01
N THR A 85 19.87 2.68 -13.86
CA THR A 85 20.15 4.08 -13.57
C THR A 85 20.65 4.25 -12.13
N LYS A 86 20.54 5.48 -11.60
CA LYS A 86 21.01 5.82 -10.26
C LYS A 86 19.89 6.46 -9.43
N GLU A 87 18.65 6.14 -9.76
CA GLU A 87 17.47 6.69 -9.10
C GLU A 87 16.39 5.62 -8.97
N SER A 88 15.18 6.00 -8.55
CA SER A 88 14.09 5.06 -8.33
C SER A 88 12.81 5.59 -8.97
N ARG A 89 11.80 4.74 -9.11
CA ARG A 89 10.52 5.14 -9.69
C ARG A 89 9.75 6.05 -8.74
N GLY A 90 8.62 6.58 -9.22
CA GLY A 90 7.79 7.52 -8.47
C GLY A 90 6.67 6.82 -7.71
N PHE A 91 6.79 5.50 -7.49
CA PHE A 91 5.78 4.73 -6.77
C PHE A 91 6.45 3.57 -6.04
N ALA A 92 5.73 3.06 -5.03
CA ALA A 92 6.17 1.95 -4.21
C ALA A 92 5.23 0.78 -4.43
N PHE A 93 5.27 -0.17 -3.48
CA PHE A 93 4.44 -1.35 -3.52
C PHE A 93 4.40 -1.90 -2.12
N VAL A 94 3.75 -1.16 -1.22
CA VAL A 94 3.52 -1.81 0.06
C VAL A 94 2.40 -2.81 -0.18
N ARG A 95 2.53 -4.01 0.36
CA ARG A 95 1.52 -5.05 0.22
C ARG A 95 1.17 -5.64 1.56
N PHE A 96 -0.14 -5.72 1.76
CA PHE A 96 -0.67 -6.23 3.01
C PHE A 96 -1.16 -7.64 2.80
N HIS A 97 -0.98 -8.45 3.84
CA HIS A 97 -1.32 -9.86 3.88
C HIS A 97 -2.73 -10.06 4.46
N ASP A 98 -3.36 -8.97 4.91
CA ASP A 98 -4.66 -9.02 5.56
C ASP A 98 -5.40 -7.73 5.23
N LYS A 99 -6.50 -7.88 4.48
CA LYS A 99 -7.33 -6.77 4.03
C LYS A 99 -7.86 -5.92 5.19
N ARG A 100 -7.97 -6.48 6.39
CA ARG A 100 -8.50 -5.72 7.52
C ARG A 100 -7.50 -4.66 7.96
N ASP A 101 -6.23 -5.03 8.08
CA ASP A 101 -5.19 -4.08 8.43
C ASP A 101 -4.99 -3.11 7.28
N ALA A 102 -5.29 -3.56 6.05
CA ALA A 102 -5.15 -2.73 4.87
C ALA A 102 -6.32 -1.75 4.75
N GLU A 103 -7.52 -2.13 5.20
CA GLU A 103 -8.69 -1.28 5.16
C GLU A 103 -8.45 -0.01 5.96
N ASP A 104 -7.99 -0.14 7.21
CA ASP A 104 -7.84 1.04 8.05
C ASP A 104 -6.67 1.90 7.57
N ALA A 105 -5.53 1.27 7.24
CA ALA A 105 -4.38 2.00 6.79
C ALA A 105 -4.70 2.78 5.53
N MET A 106 -5.37 2.14 4.55
CA MET A 106 -5.74 2.79 3.30
C MET A 106 -6.72 3.93 3.56
N ASP A 107 -7.70 3.71 4.44
CA ASP A 107 -8.68 4.72 4.80
C ASP A 107 -8.05 5.84 5.64
N ALA A 108 -6.76 5.71 5.97
CA ALA A 108 -6.03 6.69 6.77
C ALA A 108 -4.71 7.10 6.13
N MET A 109 -4.44 6.66 4.90
CA MET A 109 -3.19 6.97 4.21
C MET A 109 -3.38 7.42 2.77
N ASP A 110 -4.53 7.19 2.14
CA ASP A 110 -4.73 7.67 0.78
C ASP A 110 -4.71 9.20 0.75
N GLY A 111 -3.81 9.78 -0.05
CA GLY A 111 -3.65 11.22 -0.18
C GLY A 111 -3.24 11.87 1.14
N ALA A 112 -2.46 11.15 1.94
CA ALA A 112 -2.07 11.57 3.28
C ALA A 112 -0.76 12.37 3.29
N VAL A 113 -0.20 12.66 2.12
CA VAL A 113 1.03 13.44 1.94
C VAL A 113 2.04 13.19 3.05
N LEU A 114 2.68 12.01 2.96
CA LEU A 114 3.73 11.55 3.82
C LEU A 114 4.93 12.50 3.89
N ASP A 115 5.21 13.26 2.83
CA ASP A 115 6.38 14.12 2.78
C ASP A 115 6.04 15.52 2.24
N GLY A 116 5.24 15.59 1.18
CA GLY A 116 4.78 16.86 0.63
C GLY A 116 4.30 16.74 -0.80
N ARG A 117 3.69 15.60 -1.13
CA ARG A 117 3.11 15.35 -2.45
C ARG A 117 1.69 14.83 -2.32
N GLU A 118 1.52 13.78 -1.50
CA GLU A 118 0.34 12.95 -1.29
C GLU A 118 0.81 11.50 -1.28
N LEU A 119 -0.08 10.60 -0.88
CA LEU A 119 0.16 9.17 -0.94
C LEU A 119 -0.99 8.56 -1.73
N ARG A 120 -0.86 7.29 -2.12
CA ARG A 120 -1.91 6.59 -2.84
C ARG A 120 -1.99 5.18 -2.30
N VAL A 121 -3.20 4.75 -1.95
CA VAL A 121 -3.39 3.44 -1.38
C VAL A 121 -4.61 2.78 -1.98
N GLN A 122 -4.45 1.50 -2.35
CA GLN A 122 -5.48 0.73 -3.02
C GLN A 122 -5.11 -0.75 -3.00
N MET A 123 -6.12 -1.61 -3.02
CA MET A 123 -5.93 -3.05 -3.13
C MET A 123 -5.05 -3.39 -4.34
N ALA A 124 -4.15 -4.35 -4.17
CA ALA A 124 -3.19 -4.75 -5.18
C ALA A 124 -3.83 -5.61 -6.28
N ARG A 125 -5.15 -5.81 -6.22
CA ARG A 125 -5.87 -6.67 -7.17
C ARG A 125 -5.51 -8.15 -7.01
N TYR A 126 -4.93 -8.51 -5.85
CA TYR A 126 -4.55 -9.87 -5.55
C TYR A 126 -5.10 -10.24 -4.16
N GLY A 127 -5.08 -11.52 -3.79
CA GLY A 127 -5.52 -11.93 -2.47
C GLY A 127 -5.91 -13.40 -2.39
N ARG A 128 -6.39 -13.80 -1.21
CA ARG A 128 -6.88 -15.13 -0.91
C ARG A 128 -8.04 -15.00 0.08
N PRO A 129 -8.93 -16.01 0.14
CA PRO A 129 -10.09 -16.00 1.03
C PRO A 129 -9.65 -16.11 2.49
N PRO A 130 -10.50 -15.67 3.43
CA PRO A 130 -10.24 -15.71 4.86
C PRO A 130 -10.34 -17.13 5.42
N ASP A 131 -10.73 -18.11 4.60
CA ASP A 131 -10.90 -19.50 4.99
C ASP A 131 -11.80 -19.68 6.21
N SER A 132 -12.66 -18.68 6.49
CA SER A 132 -13.60 -18.74 7.61
C SER A 132 -14.88 -17.97 7.30
N HIS A 133 -14.86 -17.11 6.28
CA HIS A 133 -15.99 -16.29 5.86
C HIS A 133 -16.69 -15.61 7.04
N HIS A 134 -15.95 -15.30 8.11
CA HIS A 134 -16.51 -14.71 9.32
C HIS A 134 -15.54 -13.69 9.95
N SER A 135 -14.50 -13.30 9.22
CA SER A 135 -13.50 -12.34 9.69
C SER A 135 -12.89 -11.57 8.52
N MET A 35 -31.19 7.88 15.58
CA MET A 35 -30.83 7.20 14.32
C MET A 35 -29.65 7.91 13.65
N SER A 36 -28.81 7.15 12.96
CA SER A 36 -27.64 7.69 12.28
C SER A 36 -27.23 6.80 11.12
N TYR A 37 -26.19 7.23 10.40
CA TYR A 37 -25.58 6.48 9.32
C TYR A 37 -24.08 6.82 9.26
N GLY A 38 -23.37 6.18 8.35
CA GLY A 38 -21.95 6.38 8.15
C GLY A 38 -21.55 6.10 6.69
N ARG A 39 -20.26 6.23 6.39
CA ARG A 39 -19.74 6.03 5.05
C ARG A 39 -20.06 4.63 4.54
N PRO A 40 -20.30 4.48 3.22
CA PRO A 40 -20.58 3.19 2.60
C PRO A 40 -19.32 2.33 2.54
N PRO A 41 -19.48 1.02 2.33
CA PRO A 41 -18.37 0.08 2.22
C PRO A 41 -17.65 0.25 0.87
N PRO A 42 -16.43 -0.28 0.75
CA PRO A 42 -15.64 -0.27 -0.46
C PRO A 42 -16.08 -1.46 -1.32
N ASP A 43 -15.13 -2.12 -1.99
CA ASP A 43 -15.40 -3.22 -2.90
C ASP A 43 -14.29 -4.28 -2.81
N VAL A 44 -13.74 -4.48 -1.61
CA VAL A 44 -12.72 -5.50 -1.34
C VAL A 44 -13.27 -6.92 -1.55
N GLU A 45 -14.46 -7.02 -2.16
CA GLU A 45 -15.16 -8.25 -2.49
C GLU A 45 -14.38 -9.13 -3.48
N GLY A 46 -13.16 -8.76 -3.84
CA GLY A 46 -12.36 -9.51 -4.80
C GLY A 46 -10.86 -9.33 -4.59
N MET A 47 -10.43 -8.71 -3.49
CA MET A 47 -9.03 -8.46 -3.23
C MET A 47 -8.73 -8.59 -1.74
N THR A 48 -7.44 -8.65 -1.37
CA THR A 48 -7.01 -8.70 0.02
C THR A 48 -5.68 -7.99 0.20
N SER A 49 -4.79 -8.09 -0.80
CA SER A 49 -3.49 -7.44 -0.74
C SER A 49 -3.65 -5.93 -0.93
N LEU A 50 -2.77 -5.14 -0.32
CA LEU A 50 -2.94 -3.69 -0.32
C LEU A 50 -1.70 -2.94 -0.81
N LYS A 51 -1.84 -2.27 -1.96
CA LYS A 51 -0.75 -1.64 -2.69
C LYS A 51 -0.70 -0.17 -2.34
N VAL A 52 0.53 0.34 -2.24
CA VAL A 52 0.77 1.76 -1.99
C VAL A 52 1.75 2.29 -3.01
N ASP A 53 1.45 3.52 -3.47
CA ASP A 53 2.06 4.25 -4.58
C ASP A 53 2.41 5.69 -4.18
N ASN A 54 3.01 6.43 -5.13
CA ASN A 54 3.41 7.81 -5.05
C ASN A 54 4.55 8.07 -4.05
N LEU A 55 5.72 8.42 -4.58
CA LEU A 55 6.92 8.67 -3.80
C LEU A 55 7.66 9.91 -4.29
N THR A 56 8.64 10.34 -3.51
CA THR A 56 9.52 11.45 -3.85
C THR A 56 10.96 10.97 -3.91
N TYR A 57 11.17 9.74 -4.39
CA TYR A 57 12.48 9.13 -4.57
C TYR A 57 13.28 8.95 -3.26
N ARG A 58 12.76 9.53 -2.18
CA ARG A 58 13.40 9.50 -0.86
C ARG A 58 12.41 9.03 0.20
N THR A 59 11.20 8.66 -0.23
CA THR A 59 10.20 8.11 0.68
C THR A 59 10.70 6.82 1.33
N SER A 60 11.32 5.96 0.52
CA SER A 60 11.90 4.67 0.91
C SER A 60 10.93 3.68 1.57
N PRO A 61 11.22 2.37 1.43
CA PRO A 61 10.40 1.28 1.99
C PRO A 61 10.38 1.28 3.51
N ASP A 62 11.43 1.80 4.16
CA ASP A 62 11.49 1.77 5.62
C ASP A 62 10.49 2.75 6.22
N THR A 63 10.38 3.95 5.65
CA THR A 63 9.46 4.94 6.17
C THR A 63 8.05 4.41 5.99
N LEU A 64 7.79 3.84 4.81
CA LEU A 64 6.49 3.28 4.49
C LEU A 64 6.17 2.14 5.45
N ARG A 65 7.18 1.35 5.84
CA ARG A 65 6.97 0.19 6.68
C ARG A 65 6.30 0.60 7.99
N ARG A 66 6.92 1.53 8.71
CA ARG A 66 6.41 1.98 10.01
C ARG A 66 5.31 3.03 9.87
N VAL A 67 5.01 3.45 8.64
CA VAL A 67 3.91 4.36 8.35
C VAL A 67 2.65 3.59 7.98
N PHE A 68 2.78 2.30 7.68
CA PHE A 68 1.67 1.48 7.26
C PHE A 68 1.46 0.29 8.18
N GLU A 69 2.54 -0.35 8.63
CA GLU A 69 2.38 -1.50 9.50
C GLU A 69 1.78 -1.07 10.83
N LYS A 70 1.84 0.23 11.11
CA LYS A 70 1.37 0.81 12.35
C LYS A 70 -0.12 0.57 12.55
N TYR A 71 -0.87 0.53 11.44
CA TYR A 71 -2.30 0.30 11.52
C TYR A 71 -2.60 -1.17 11.81
N GLY A 72 -1.65 -2.06 11.52
CA GLY A 72 -1.79 -3.46 11.87
C GLY A 72 -0.56 -4.27 11.53
N ARG A 73 -0.11 -4.24 10.26
CA ARG A 73 1.11 -4.91 9.85
C ARG A 73 1.42 -4.60 8.38
N VAL A 74 2.62 -5.00 7.97
CA VAL A 74 3.06 -4.91 6.59
C VAL A 74 3.69 -6.25 6.19
N GLY A 75 2.91 -7.04 5.45
CA GLY A 75 3.37 -8.32 4.92
C GLY A 75 4.50 -8.15 3.92
N ASP A 76 4.55 -7.01 3.23
CA ASP A 76 5.57 -6.70 2.23
C ASP A 76 5.66 -5.19 2.04
N VAL A 77 6.88 -4.69 1.83
CA VAL A 77 7.11 -3.28 1.57
C VAL A 77 8.34 -3.16 0.69
N TYR A 78 8.17 -2.64 -0.52
CA TYR A 78 9.31 -2.44 -1.40
C TYR A 78 9.01 -1.36 -2.44
N ILE A 79 10.06 -0.92 -3.14
CA ILE A 79 9.94 0.08 -4.19
C ILE A 79 10.51 -0.52 -5.47
N PRO A 80 9.68 -0.66 -6.52
CA PRO A 80 10.05 -1.15 -7.84
C PRO A 80 10.94 -0.15 -8.61
N ARG A 81 11.99 0.34 -7.95
CA ARG A 81 12.92 1.31 -8.53
C ARG A 81 13.60 0.74 -9.78
N ASP A 82 14.36 1.57 -10.49
CA ASP A 82 14.99 1.17 -11.74
C ASP A 82 16.07 0.11 -11.53
N ARG A 83 16.70 -0.35 -12.61
CA ARG A 83 17.71 -1.41 -12.57
C ARG A 83 18.86 -1.12 -13.55
N TYR A 84 18.77 -0.02 -14.30
CA TYR A 84 19.77 0.36 -15.27
C TYR A 84 20.05 1.87 -15.26
N THR A 85 19.67 2.54 -14.17
CA THR A 85 19.93 3.96 -13.96
C THR A 85 20.39 4.21 -12.52
N LYS A 86 20.52 5.48 -12.14
CA LYS A 86 21.01 5.87 -10.82
C LYS A 86 19.90 6.59 -10.05
N GLU A 87 18.64 6.19 -10.29
CA GLU A 87 17.48 6.82 -9.66
C GLU A 87 16.42 5.78 -9.35
N SER A 88 15.24 6.23 -8.93
CA SER A 88 14.14 5.35 -8.53
C SER A 88 12.81 5.84 -9.12
N ARG A 89 11.81 4.96 -9.13
CA ARG A 89 10.49 5.27 -9.68
C ARG A 89 9.70 6.15 -8.72
N GLY A 90 8.53 6.60 -9.19
CA GLY A 90 7.69 7.56 -8.48
C GLY A 90 6.57 6.88 -7.69
N PHE A 91 6.70 5.58 -7.42
CA PHE A 91 5.70 4.83 -6.68
C PHE A 91 6.36 3.69 -5.92
N ALA A 92 5.76 3.32 -4.79
CA ALA A 92 6.21 2.21 -3.98
C ALA A 92 5.33 1.00 -4.29
N PHE A 93 5.39 0.01 -3.41
CA PHE A 93 4.59 -1.18 -3.52
C PHE A 93 4.54 -1.83 -2.16
N VAL A 94 3.86 -1.16 -1.23
CA VAL A 94 3.61 -1.90 0.01
C VAL A 94 2.56 -2.94 -0.36
N ARG A 95 2.51 -4.08 0.33
CA ARG A 95 1.48 -5.10 0.15
C ARG A 95 1.15 -5.72 1.48
N PHE A 96 -0.07 -5.45 1.96
CA PHE A 96 -0.55 -6.07 3.17
C PHE A 96 -1.04 -7.47 2.83
N HIS A 97 -0.97 -8.34 3.83
CA HIS A 97 -1.31 -9.75 3.78
C HIS A 97 -2.72 -9.99 4.35
N ASP A 98 -3.36 -8.93 4.85
CA ASP A 98 -4.66 -9.02 5.49
C ASP A 98 -5.46 -7.75 5.19
N LYS A 99 -6.57 -7.91 4.47
CA LYS A 99 -7.42 -6.82 4.04
C LYS A 99 -7.93 -5.96 5.20
N ARG A 100 -8.00 -6.51 6.42
CA ARG A 100 -8.51 -5.77 7.56
C ARG A 100 -7.51 -4.71 7.99
N ASP A 101 -6.24 -5.11 8.14
CA ASP A 101 -5.19 -4.16 8.49
C ASP A 101 -5.00 -3.17 7.34
N ALA A 102 -5.31 -3.62 6.13
CA ALA A 102 -5.19 -2.81 4.94
C ALA A 102 -6.35 -1.82 4.80
N GLU A 103 -7.55 -2.20 5.28
CA GLU A 103 -8.70 -1.32 5.23
C GLU A 103 -8.42 -0.05 6.02
N ASP A 104 -7.91 -0.19 7.24
CA ASP A 104 -7.70 0.98 8.08
C ASP A 104 -6.53 1.81 7.57
N ALA A 105 -5.42 1.15 7.19
CA ALA A 105 -4.25 1.85 6.70
C ALA A 105 -4.60 2.68 5.47
N MET A 106 -5.26 2.07 4.49
CA MET A 106 -5.63 2.74 3.25
C MET A 106 -6.62 3.86 3.52
N ASP A 107 -7.58 3.65 4.42
CA ASP A 107 -8.56 4.66 4.76
C ASP A 107 -7.92 5.77 5.60
N ALA A 108 -6.65 5.60 5.97
CA ALA A 108 -5.91 6.58 6.77
C ALA A 108 -4.58 6.97 6.13
N MET A 109 -4.32 6.54 4.89
CA MET A 109 -3.06 6.85 4.20
C MET A 109 -3.26 7.27 2.76
N ASP A 110 -4.42 6.99 2.14
CA ASP A 110 -4.64 7.44 0.77
C ASP A 110 -4.77 8.96 0.74
N GLY A 111 -3.80 9.62 0.10
CA GLY A 111 -3.76 11.08 -0.01
C GLY A 111 -3.38 11.72 1.32
N ALA A 112 -2.62 11.01 2.15
CA ALA A 112 -2.24 11.48 3.48
C ALA A 112 -0.98 12.33 3.45
N VAL A 113 -0.41 12.58 2.26
CA VAL A 113 0.78 13.38 2.03
C VAL A 113 1.77 13.30 3.20
N LEU A 114 2.36 12.12 3.39
CA LEU A 114 3.39 11.92 4.40
C LEU A 114 4.71 12.59 4.01
N ASP A 115 4.76 13.21 2.82
CA ASP A 115 5.99 13.75 2.26
C ASP A 115 5.78 15.14 1.65
N GLY A 116 4.72 15.32 0.86
CA GLY A 116 4.33 16.63 0.33
C GLY A 116 3.86 16.59 -1.12
N ARG A 117 3.46 15.41 -1.61
CA ARG A 117 2.99 15.23 -2.98
C ARG A 117 1.69 14.42 -3.03
N GLU A 118 1.35 13.74 -1.93
CA GLU A 118 0.05 13.12 -1.65
C GLU A 118 0.09 11.62 -1.94
N LEU A 119 0.46 10.85 -0.91
CA LEU A 119 0.55 9.40 -0.94
C LEU A 119 -0.69 8.77 -1.57
N ARG A 120 -0.58 7.53 -2.05
CA ARG A 120 -1.66 6.83 -2.73
C ARG A 120 -1.77 5.39 -2.23
N VAL A 121 -2.98 4.92 -1.99
CA VAL A 121 -3.20 3.55 -1.52
C VAL A 121 -4.42 2.93 -2.20
N GLN A 122 -4.33 1.63 -2.50
CA GLN A 122 -5.36 0.89 -3.20
C GLN A 122 -5.03 -0.60 -3.17
N MET A 123 -6.05 -1.46 -3.09
CA MET A 123 -5.86 -2.91 -3.14
C MET A 123 -4.99 -3.28 -4.34
N ALA A 124 -4.01 -4.16 -4.11
CA ALA A 124 -3.05 -4.52 -5.13
C ALA A 124 -3.65 -5.42 -6.20
N ARG A 125 -4.76 -6.11 -5.87
CA ARG A 125 -5.53 -6.99 -6.74
C ARG A 125 -5.09 -8.45 -6.64
N TYR A 126 -3.84 -8.68 -6.23
CA TYR A 126 -3.24 -10.01 -6.20
C TYR A 126 -3.75 -10.87 -5.04
N GLY A 127 -4.67 -10.35 -4.23
CA GLY A 127 -5.22 -11.11 -3.11
C GLY A 127 -6.31 -12.08 -3.56
N ARG A 128 -6.82 -11.89 -4.79
CA ARG A 128 -7.87 -12.69 -5.40
C ARG A 128 -9.17 -12.71 -4.59
N PRO A 129 -10.30 -13.06 -5.23
CA PRO A 129 -11.56 -13.25 -4.56
C PRO A 129 -11.53 -14.52 -3.69
N PRO A 130 -12.54 -14.71 -2.83
CA PRO A 130 -12.70 -15.90 -1.99
C PRO A 130 -12.64 -17.23 -2.76
N ASP A 131 -12.74 -17.19 -4.09
CA ASP A 131 -12.70 -18.38 -4.95
C ASP A 131 -13.65 -19.48 -4.47
N SER A 132 -14.73 -19.09 -3.79
CA SER A 132 -15.70 -20.02 -3.22
C SER A 132 -17.07 -19.34 -3.17
N HIS A 133 -18.08 -20.03 -2.65
CA HIS A 133 -19.44 -19.49 -2.56
C HIS A 133 -19.51 -18.27 -1.63
N HIS A 134 -18.43 -17.95 -0.92
CA HIS A 134 -18.36 -16.79 -0.06
C HIS A 134 -18.25 -15.49 -0.86
N SER A 135 -17.97 -15.60 -2.16
CA SER A 135 -17.85 -14.45 -3.05
C SER A 135 -19.18 -13.71 -3.17
N MET A 35 -17.74 22.23 -0.98
CA MET A 35 -18.48 21.03 -0.58
C MET A 35 -18.79 20.16 -1.79
N SER A 36 -18.32 18.91 -1.78
CA SER A 36 -18.51 17.98 -2.88
C SER A 36 -18.55 16.54 -2.36
N TYR A 37 -18.74 15.59 -3.28
CA TYR A 37 -18.77 14.17 -2.97
C TYR A 37 -18.28 13.39 -4.19
N GLY A 38 -18.23 12.06 -4.06
CA GLY A 38 -17.80 11.18 -5.13
C GLY A 38 -18.47 9.80 -4.98
N ARG A 39 -18.18 8.90 -5.93
CA ARG A 39 -18.76 7.57 -5.94
C ARG A 39 -18.40 6.80 -4.66
N PRO A 40 -19.28 5.90 -4.21
CA PRO A 40 -19.07 5.09 -3.02
C PRO A 40 -18.01 4.03 -3.26
N PRO A 41 -17.44 3.46 -2.19
CA PRO A 41 -16.46 2.39 -2.26
C PRO A 41 -17.13 1.09 -2.73
N PRO A 42 -16.33 0.09 -3.14
CA PRO A 42 -16.79 -1.21 -3.55
C PRO A 42 -16.96 -2.09 -2.32
N ASP A 43 -16.69 -3.39 -2.46
CA ASP A 43 -16.86 -4.37 -1.39
C ASP A 43 -15.64 -5.27 -1.28
N VAL A 44 -14.67 -5.08 -2.19
CA VAL A 44 -13.38 -5.76 -2.24
C VAL A 44 -13.46 -7.27 -1.99
N GLU A 45 -14.60 -7.90 -2.31
CA GLU A 45 -14.80 -9.32 -2.11
C GLU A 45 -13.92 -10.18 -3.01
N GLY A 46 -13.11 -9.55 -3.88
CA GLY A 46 -12.27 -10.25 -4.84
C GLY A 46 -10.80 -9.87 -4.68
N MET A 47 -10.45 -9.15 -3.62
CA MET A 47 -9.07 -8.75 -3.36
C MET A 47 -8.81 -8.80 -1.85
N THR A 48 -7.53 -8.82 -1.46
CA THR A 48 -7.13 -8.76 -0.06
C THR A 48 -5.76 -8.09 0.09
N SER A 49 -4.89 -8.28 -0.89
CA SER A 49 -3.59 -7.62 -0.94
C SER A 49 -3.76 -6.12 -1.09
N LEU A 50 -2.93 -5.38 -0.36
CA LEU A 50 -2.91 -3.92 -0.40
C LEU A 50 -1.71 -3.52 -1.25
N LYS A 51 -1.75 -2.31 -1.81
CA LYS A 51 -0.69 -1.72 -2.61
C LYS A 51 -0.61 -0.23 -2.29
N VAL A 52 0.61 0.29 -2.21
CA VAL A 52 0.85 1.71 -1.98
C VAL A 52 1.83 2.25 -2.98
N ASP A 53 1.53 3.48 -3.46
CA ASP A 53 2.15 4.19 -4.57
C ASP A 53 2.51 5.64 -4.18
N ASN A 54 3.08 6.37 -5.16
CA ASN A 54 3.48 7.77 -5.10
C ASN A 54 4.63 8.02 -4.12
N LEU A 55 5.80 8.38 -4.66
CA LEU A 55 7.02 8.64 -3.90
C LEU A 55 7.68 9.96 -4.30
N THR A 56 8.75 10.31 -3.56
CA THR A 56 9.58 11.46 -3.83
C THR A 56 11.04 11.07 -3.93
N TYR A 57 11.33 9.79 -4.26
CA TYR A 57 12.68 9.27 -4.46
C TYR A 57 13.44 9.05 -3.15
N ARG A 58 12.87 9.50 -2.03
CA ARG A 58 13.52 9.43 -0.72
C ARG A 58 12.61 8.90 0.38
N THR A 59 11.32 8.65 0.07
CA THR A 59 10.41 8.08 1.05
C THR A 59 10.90 6.70 1.52
N SER A 60 11.42 5.88 0.61
CA SER A 60 11.96 4.55 0.89
C SER A 60 10.99 3.57 1.55
N PRO A 61 11.26 2.26 1.42
CA PRO A 61 10.44 1.19 1.99
C PRO A 61 10.46 1.21 3.52
N ASP A 62 11.51 1.79 4.11
CA ASP A 62 11.67 1.85 5.56
C ASP A 62 10.61 2.74 6.20
N THR A 63 10.43 3.95 5.67
CA THR A 63 9.49 4.89 6.23
C THR A 63 8.09 4.34 6.00
N LEU A 64 7.85 3.79 4.81
CA LEU A 64 6.56 3.22 4.49
C LEU A 64 6.25 2.06 5.42
N ARG A 65 7.28 1.34 5.89
CA ARG A 65 7.06 0.20 6.75
C ARG A 65 6.34 0.63 8.02
N ARG A 66 6.93 1.58 8.74
CA ARG A 66 6.36 2.04 10.01
C ARG A 66 5.25 3.07 9.81
N VAL A 67 5.01 3.50 8.58
CA VAL A 67 3.90 4.38 8.24
C VAL A 67 2.64 3.58 7.88
N PHE A 68 2.81 2.28 7.62
CA PHE A 68 1.69 1.45 7.20
C PHE A 68 1.48 0.27 8.12
N GLU A 69 2.56 -0.35 8.61
CA GLU A 69 2.40 -1.47 9.51
C GLU A 69 1.78 -1.02 10.82
N LYS A 70 1.85 0.30 11.08
CA LYS A 70 1.36 0.88 12.31
C LYS A 70 -0.12 0.62 12.51
N TYR A 71 -0.86 0.55 11.40
CA TYR A 71 -2.28 0.29 11.46
C TYR A 71 -2.56 -1.19 11.77
N GLY A 72 -1.60 -2.06 11.49
CA GLY A 72 -1.70 -3.47 11.87
C GLY A 72 -0.43 -4.23 11.55
N ARG A 73 -0.06 -4.31 10.27
CA ARG A 73 1.18 -4.95 9.85
C ARG A 73 1.44 -4.68 8.38
N VAL A 74 2.65 -5.01 7.93
CA VAL A 74 3.06 -4.90 6.54
C VAL A 74 3.71 -6.21 6.13
N GLY A 75 2.93 -7.05 5.45
CA GLY A 75 3.40 -8.32 4.93
C GLY A 75 4.53 -8.16 3.92
N ASP A 76 4.56 -7.01 3.22
CA ASP A 76 5.56 -6.73 2.21
C ASP A 76 5.72 -5.22 2.06
N VAL A 77 6.95 -4.74 1.83
CA VAL A 77 7.20 -3.33 1.61
C VAL A 77 8.43 -3.21 0.73
N TYR A 78 8.25 -2.71 -0.49
CA TYR A 78 9.36 -2.51 -1.40
C TYR A 78 9.04 -1.44 -2.44
N ILE A 79 10.07 -1.00 -3.17
CA ILE A 79 9.93 0.03 -4.19
C ILE A 79 10.45 -0.54 -5.52
N PRO A 80 9.56 -0.71 -6.51
CA PRO A 80 9.88 -1.15 -7.87
C PRO A 80 10.60 -0.06 -8.67
N ARG A 81 11.66 0.52 -8.12
CA ARG A 81 12.42 1.56 -8.80
C ARG A 81 13.14 0.99 -10.03
N ASP A 82 13.84 1.86 -10.76
CA ASP A 82 14.61 1.50 -11.94
C ASP A 82 15.74 0.52 -11.61
N ARG A 83 16.52 0.14 -12.64
CA ARG A 83 17.57 -0.87 -12.50
C ARG A 83 18.87 -0.42 -13.14
N TYR A 84 18.93 0.81 -13.65
CA TYR A 84 20.10 1.33 -14.33
C TYR A 84 20.30 2.82 -14.03
N THR A 85 19.63 3.34 -13.00
CA THR A 85 19.73 4.74 -12.60
C THR A 85 19.68 4.84 -11.08
N LYS A 86 19.82 6.08 -10.57
CA LYS A 86 19.86 6.36 -9.14
C LYS A 86 18.52 6.97 -8.69
N GLU A 87 17.44 6.65 -9.39
CA GLU A 87 16.11 7.18 -9.12
C GLU A 87 15.06 6.08 -9.19
N SER A 88 13.78 6.45 -9.21
CA SER A 88 12.68 5.50 -9.20
C SER A 88 11.54 5.93 -10.12
N ARG A 89 10.62 5.00 -10.38
CA ARG A 89 9.46 5.21 -11.24
C ARG A 89 8.45 6.18 -10.61
N GLY A 90 8.59 6.46 -9.31
CA GLY A 90 7.73 7.41 -8.64
C GLY A 90 6.66 6.74 -7.78
N PHE A 91 6.78 5.44 -7.51
CA PHE A 91 5.79 4.70 -6.74
C PHE A 91 6.45 3.56 -5.97
N ALA A 92 5.80 3.15 -4.88
CA ALA A 92 6.25 2.06 -4.05
C ALA A 92 5.34 0.87 -4.27
N PHE A 93 5.40 -0.09 -3.35
CA PHE A 93 4.57 -1.28 -3.40
C PHE A 93 4.54 -1.85 -2.01
N VAL A 94 3.89 -1.13 -1.09
CA VAL A 94 3.66 -1.82 0.18
C VAL A 94 2.54 -2.82 -0.11
N ARG A 95 2.58 -4.00 0.51
CA ARG A 95 1.54 -5.00 0.32
C ARG A 95 1.18 -5.65 1.63
N PHE A 96 -0.13 -5.77 1.81
CA PHE A 96 -0.66 -6.31 3.05
C PHE A 96 -1.21 -7.70 2.79
N HIS A 97 -1.00 -8.56 3.79
CA HIS A 97 -1.40 -9.97 3.83
C HIS A 97 -2.81 -10.13 4.39
N ASP A 98 -3.42 -9.03 4.85
CA ASP A 98 -4.72 -9.04 5.47
C ASP A 98 -5.45 -7.74 5.15
N LYS A 99 -6.54 -7.86 4.38
CA LYS A 99 -7.34 -6.72 3.95
C LYS A 99 -7.86 -5.87 5.11
N ARG A 100 -7.96 -6.43 6.32
CA ARG A 100 -8.49 -5.69 7.46
C ARG A 100 -7.48 -4.64 7.91
N ASP A 101 -6.20 -5.02 8.00
CA ASP A 101 -5.15 -4.08 8.36
C ASP A 101 -4.94 -3.11 7.19
N ALA A 102 -5.25 -3.56 5.97
CA ALA A 102 -5.12 -2.74 4.78
C ALA A 102 -6.25 -1.74 4.67
N GLU A 103 -7.46 -2.10 5.15
CA GLU A 103 -8.61 -1.22 5.14
C GLU A 103 -8.33 0.03 5.96
N ASP A 104 -7.82 -0.17 7.19
CA ASP A 104 -7.59 0.97 8.06
C ASP A 104 -6.42 1.81 7.56
N ALA A 105 -5.34 1.15 7.11
CA ALA A 105 -4.18 1.85 6.61
C ALA A 105 -4.57 2.73 5.43
N MET A 106 -5.26 2.14 4.44
CA MET A 106 -5.66 2.85 3.24
C MET A 106 -6.66 3.96 3.55
N ASP A 107 -7.61 3.71 4.45
CA ASP A 107 -8.59 4.71 4.84
C ASP A 107 -7.94 5.81 5.67
N ALA A 108 -6.66 5.65 6.03
CA ALA A 108 -5.91 6.61 6.82
C ALA A 108 -4.60 7.02 6.16
N MET A 109 -4.35 6.59 4.91
CA MET A 109 -3.10 6.91 4.22
C MET A 109 -3.30 7.31 2.77
N ASP A 110 -4.46 7.03 2.15
CA ASP A 110 -4.70 7.47 0.79
C ASP A 110 -4.79 8.99 0.75
N GLY A 111 -3.85 9.62 0.06
CA GLY A 111 -3.79 11.08 -0.07
C GLY A 111 -3.38 11.74 1.24
N ALA A 112 -2.63 11.03 2.09
CA ALA A 112 -2.24 11.49 3.40
C ALA A 112 -0.96 12.34 3.38
N VAL A 113 -0.39 12.56 2.19
CA VAL A 113 0.79 13.39 1.95
C VAL A 113 1.79 13.36 3.12
N LEU A 114 2.46 12.22 3.31
CA LEU A 114 3.48 12.08 4.35
C LEU A 114 4.76 12.84 4.03
N ASP A 115 4.86 13.48 2.85
CA ASP A 115 6.04 14.27 2.50
C ASP A 115 5.65 15.60 1.84
N GLY A 116 4.74 15.57 0.87
CA GLY A 116 4.26 16.79 0.21
C GLY A 116 3.94 16.57 -1.26
N ARG A 117 3.47 15.36 -1.59
CA ARG A 117 3.13 14.98 -2.97
C ARG A 117 1.79 14.26 -3.06
N GLU A 118 1.34 13.66 -1.94
CA GLU A 118 0.03 13.08 -1.71
C GLU A 118 0.07 11.59 -1.97
N LEU A 119 0.40 10.83 -0.91
CA LEU A 119 0.51 9.38 -0.92
C LEU A 119 -0.72 8.74 -1.58
N ARG A 120 -0.57 7.50 -2.06
CA ARG A 120 -1.65 6.79 -2.72
C ARG A 120 -1.74 5.37 -2.19
N VAL A 121 -2.96 4.91 -1.92
CA VAL A 121 -3.17 3.57 -1.40
C VAL A 121 -4.39 2.92 -2.03
N GLN A 122 -4.27 1.63 -2.37
CA GLN A 122 -5.29 0.87 -3.06
C GLN A 122 -4.97 -0.62 -3.00
N MET A 123 -6.00 -1.47 -3.03
CA MET A 123 -5.83 -2.90 -3.10
C MET A 123 -4.93 -3.27 -4.28
N ALA A 124 -3.98 -4.19 -4.05
CA ALA A 124 -3.06 -4.63 -5.10
C ALA A 124 -3.74 -5.58 -6.08
N ARG A 125 -4.91 -6.13 -5.71
CA ARG A 125 -5.68 -7.04 -6.55
C ARG A 125 -4.84 -8.23 -7.01
N TYR A 126 -3.83 -8.63 -6.22
CA TYR A 126 -2.92 -9.72 -6.57
C TYR A 126 -2.92 -10.82 -5.52
N GLY A 127 -3.95 -10.85 -4.65
CA GLY A 127 -4.11 -11.90 -3.67
C GLY A 127 -5.53 -11.89 -3.11
N ARG A 128 -6.04 -13.07 -2.76
CA ARG A 128 -7.39 -13.26 -2.23
C ARG A 128 -7.46 -14.65 -1.60
N PRO A 129 -7.99 -14.78 -0.37
CA PRO A 129 -8.09 -16.05 0.34
C PRO A 129 -9.06 -17.01 -0.36
N PRO A 130 -9.00 -18.30 -0.02
CA PRO A 130 -9.85 -19.33 -0.60
C PRO A 130 -11.30 -19.18 -0.11
N ASP A 131 -12.20 -19.99 -0.69
CA ASP A 131 -13.62 -19.95 -0.34
C ASP A 131 -14.23 -21.36 -0.43
N SER A 132 -13.41 -22.37 -0.70
CA SER A 132 -13.85 -23.76 -0.83
C SER A 132 -12.69 -24.70 -0.51
N HIS A 133 -12.96 -26.01 -0.49
CA HIS A 133 -11.97 -27.02 -0.17
C HIS A 133 -12.24 -28.30 -0.98
N HIS A 134 -13.17 -28.23 -1.94
CA HIS A 134 -13.57 -29.38 -2.74
C HIS A 134 -13.88 -28.96 -4.18
N SER A 135 -14.14 -29.94 -5.05
CA SER A 135 -14.42 -29.70 -6.46
C SER A 135 -15.44 -30.72 -6.97
N MET A 35 -12.33 18.26 -9.89
CA MET A 35 -13.28 17.93 -8.82
C MET A 35 -14.43 17.09 -9.38
N SER A 36 -15.03 16.25 -8.53
CA SER A 36 -16.13 15.38 -8.90
C SER A 36 -17.06 15.13 -7.71
N TYR A 37 -18.23 14.56 -7.98
CA TYR A 37 -19.19 14.20 -6.94
C TYR A 37 -18.69 13.04 -6.10
N GLY A 38 -17.74 12.26 -6.62
CA GLY A 38 -17.20 11.09 -5.94
C GLY A 38 -16.86 10.00 -6.95
N ARG A 39 -16.66 8.78 -6.46
CA ARG A 39 -16.37 7.61 -7.28
C ARG A 39 -17.05 6.38 -6.67
N PRO A 40 -17.31 5.35 -7.48
CA PRO A 40 -17.93 4.10 -7.04
C PRO A 40 -16.96 3.30 -6.17
N PRO A 41 -17.47 2.33 -5.40
CA PRO A 41 -16.67 1.46 -4.55
C PRO A 41 -15.87 0.46 -5.39
N PRO A 42 -14.87 -0.20 -4.79
CA PRO A 42 -14.06 -1.22 -5.42
C PRO A 42 -14.83 -2.54 -5.36
N ASP A 43 -14.13 -3.65 -5.12
CA ASP A 43 -14.70 -4.99 -5.11
C ASP A 43 -14.03 -5.85 -4.05
N VAL A 44 -13.70 -5.27 -2.89
CA VAL A 44 -13.07 -6.01 -1.79
C VAL A 44 -13.95 -7.15 -1.28
N GLU A 45 -15.13 -7.30 -1.87
CA GLU A 45 -16.07 -8.39 -1.60
C GLU A 45 -15.46 -9.74 -1.97
N GLY A 46 -14.37 -9.71 -2.73
CA GLY A 46 -13.67 -10.91 -3.18
C GLY A 46 -12.21 -10.63 -3.52
N MET A 47 -11.60 -9.64 -2.87
CA MET A 47 -10.24 -9.24 -3.15
C MET A 47 -9.52 -8.90 -1.84
N THR A 48 -8.20 -9.13 -1.83
CA THR A 48 -7.31 -8.87 -0.70
C THR A 48 -5.96 -8.45 -1.23
N SER A 49 -5.03 -8.09 -0.34
CA SER A 49 -3.70 -7.57 -0.64
C SER A 49 -3.77 -6.10 -0.97
N LEU A 50 -2.88 -5.35 -0.32
CA LEU A 50 -2.82 -3.90 -0.51
C LEU A 50 -1.62 -3.59 -1.40
N LYS A 51 -1.63 -2.40 -2.01
CA LYS A 51 -0.57 -1.81 -2.82
C LYS A 51 -0.52 -0.32 -2.48
N VAL A 52 0.68 0.21 -2.30
CA VAL A 52 0.89 1.64 -2.05
C VAL A 52 1.91 2.19 -3.02
N ASP A 53 1.62 3.42 -3.49
CA ASP A 53 2.28 4.10 -4.60
C ASP A 53 2.45 5.61 -4.30
N ASN A 54 3.16 6.31 -5.19
CA ASN A 54 3.52 7.73 -5.12
C ASN A 54 4.63 7.99 -4.09
N LEU A 55 5.82 8.34 -4.57
CA LEU A 55 6.99 8.60 -3.72
C LEU A 55 7.69 9.88 -4.14
N THR A 56 8.47 10.46 -3.23
CA THR A 56 9.24 11.68 -3.49
C THR A 56 10.66 11.35 -3.95
N TYR A 57 10.92 10.05 -4.23
CA TYR A 57 12.21 9.49 -4.66
C TYR A 57 13.09 9.11 -3.48
N ARG A 58 12.64 9.47 -2.28
CA ARG A 58 13.36 9.22 -1.03
C ARG A 58 12.42 8.75 0.07
N THR A 59 11.14 8.54 -0.25
CA THR A 59 10.17 8.04 0.71
C THR A 59 10.65 6.73 1.34
N SER A 60 11.30 5.87 0.54
CA SER A 60 11.89 4.60 0.94
C SER A 60 10.95 3.59 1.60
N PRO A 61 11.25 2.29 1.48
CA PRO A 61 10.47 1.21 2.05
C PRO A 61 10.44 1.23 3.57
N ASP A 62 11.47 1.76 4.22
CA ASP A 62 11.53 1.76 5.67
C ASP A 62 10.51 2.73 6.28
N THR A 63 10.38 3.93 5.70
CA THR A 63 9.44 4.91 6.23
C THR A 63 8.04 4.37 6.01
N LEU A 64 7.80 3.80 4.83
CA LEU A 64 6.51 3.24 4.51
C LEU A 64 6.19 2.09 5.45
N ARG A 65 7.21 1.34 5.88
CA ARG A 65 6.99 0.18 6.74
C ARG A 65 6.31 0.61 8.02
N ARG A 66 6.92 1.57 8.73
CA ARG A 66 6.39 2.04 10.01
C ARG A 66 5.28 3.08 9.84
N VAL A 67 5.01 3.50 8.61
CA VAL A 67 3.90 4.39 8.30
C VAL A 67 2.64 3.59 7.96
N PHE A 68 2.78 2.30 7.69
CA PHE A 68 1.66 1.46 7.28
C PHE A 68 1.47 0.29 8.21
N GLU A 69 2.55 -0.33 8.68
CA GLU A 69 2.39 -1.46 9.58
C GLU A 69 1.79 -0.99 10.90
N LYS A 70 1.86 0.33 11.16
CA LYS A 70 1.39 0.91 12.39
C LYS A 70 -0.08 0.66 12.62
N TYR A 71 -0.86 0.60 11.53
CA TYR A 71 -2.28 0.35 11.63
C TYR A 71 -2.56 -1.12 11.93
N GLY A 72 -1.60 -1.99 11.64
CA GLY A 72 -1.74 -3.41 11.96
C GLY A 72 -0.46 -4.18 11.63
N ARG A 73 -0.08 -4.22 10.35
CA ARG A 73 1.12 -4.91 9.91
C ARG A 73 1.41 -4.67 8.43
N VAL A 74 2.63 -5.00 8.01
CA VAL A 74 3.06 -4.92 6.63
C VAL A 74 3.70 -6.24 6.24
N GLY A 75 2.93 -7.06 5.51
CA GLY A 75 3.40 -8.34 5.00
C GLY A 75 4.54 -8.16 4.00
N ASP A 76 4.56 -7.03 3.28
CA ASP A 76 5.56 -6.76 2.26
C ASP A 76 5.71 -5.25 2.09
N VAL A 77 6.94 -4.78 1.87
CA VAL A 77 7.19 -3.36 1.62
C VAL A 77 8.41 -3.26 0.73
N TYR A 78 8.23 -2.76 -0.49
CA TYR A 78 9.36 -2.59 -1.39
C TYR A 78 9.07 -1.50 -2.43
N ILE A 79 10.11 -1.07 -3.14
CA ILE A 79 10.00 -0.01 -4.14
C ILE A 79 10.52 -0.56 -5.48
N PRO A 80 9.65 -0.72 -6.47
CA PRO A 80 9.98 -1.12 -7.84
C PRO A 80 10.67 0.02 -8.59
N ARG A 81 11.78 0.53 -8.05
CA ARG A 81 12.54 1.63 -8.63
C ARG A 81 13.17 1.25 -9.98
N ASP A 82 14.06 2.11 -10.47
CA ASP A 82 14.77 1.99 -11.74
C ASP A 82 15.56 0.68 -11.90
N ARG A 83 16.26 0.58 -13.04
CA ARG A 83 17.19 -0.50 -13.33
C ARG A 83 18.38 0.03 -14.14
N TYR A 84 18.42 1.35 -14.41
CA TYR A 84 19.42 1.96 -15.27
C TYR A 84 19.70 3.43 -14.93
N THR A 85 19.27 3.91 -13.76
CA THR A 85 19.42 5.30 -13.38
C THR A 85 19.83 5.44 -11.91
N LYS A 86 19.71 6.66 -11.37
CA LYS A 86 20.08 7.01 -10.00
C LYS A 86 18.87 7.50 -9.21
N GLU A 87 17.67 7.12 -9.67
CA GLU A 87 16.41 7.57 -9.08
C GLU A 87 15.42 6.40 -9.05
N SER A 88 14.12 6.67 -8.94
CA SER A 88 13.10 5.63 -8.89
C SER A 88 11.95 5.96 -9.83
N ARG A 89 11.05 5.00 -10.05
CA ARG A 89 9.91 5.16 -10.94
C ARG A 89 8.88 6.12 -10.37
N GLY A 90 8.94 6.41 -9.07
CA GLY A 90 8.04 7.38 -8.45
C GLY A 90 6.92 6.70 -7.65
N PHE A 91 7.00 5.40 -7.41
CA PHE A 91 5.98 4.66 -6.67
C PHE A 91 6.59 3.50 -5.92
N ALA A 92 5.91 3.09 -4.85
CA ALA A 92 6.31 1.97 -4.02
C ALA A 92 5.39 0.80 -4.28
N PHE A 93 5.41 -0.15 -3.36
CA PHE A 93 4.58 -1.34 -3.42
C PHE A 93 4.53 -1.90 -2.03
N VAL A 94 3.87 -1.17 -1.12
CA VAL A 94 3.63 -1.84 0.15
C VAL A 94 2.51 -2.82 -0.12
N ARG A 95 2.61 -4.04 0.42
CA ARG A 95 1.58 -5.04 0.26
C ARG A 95 1.23 -5.64 1.59
N PHE A 96 -0.08 -5.74 1.78
CA PHE A 96 -0.61 -6.27 3.01
C PHE A 96 -1.11 -7.67 2.77
N HIS A 97 -0.95 -8.52 3.79
CA HIS A 97 -1.32 -9.92 3.81
C HIS A 97 -2.74 -10.11 4.36
N ASP A 98 -3.37 -9.02 4.81
CA ASP A 98 -4.69 -9.06 5.43
C ASP A 98 -5.43 -7.78 5.08
N LYS A 99 -6.56 -7.92 4.38
CA LYS A 99 -7.37 -6.79 3.95
C LYS A 99 -7.84 -5.93 5.11
N ARG A 100 -7.97 -6.47 6.31
CA ARG A 100 -8.46 -5.71 7.45
C ARG A 100 -7.46 -4.65 7.88
N ASP A 101 -6.19 -5.06 8.01
CA ASP A 101 -5.14 -4.12 8.37
C ASP A 101 -4.93 -3.13 7.22
N ALA A 102 -5.21 -3.58 5.99
CA ALA A 102 -5.06 -2.73 4.82
C ALA A 102 -6.20 -1.73 4.71
N GLU A 103 -7.41 -2.11 5.13
CA GLU A 103 -8.57 -1.24 5.06
C GLU A 103 -8.36 0.01 5.90
N ASP A 104 -7.94 -0.16 7.15
CA ASP A 104 -7.81 1.00 8.02
C ASP A 104 -6.63 1.87 7.60
N ALA A 105 -5.50 1.24 7.26
CA ALA A 105 -4.32 1.96 6.83
C ALA A 105 -4.63 2.78 5.58
N MET A 106 -5.29 2.15 4.59
CA MET A 106 -5.65 2.82 3.35
C MET A 106 -6.63 3.94 3.60
N ASP A 107 -7.61 3.72 4.49
CA ASP A 107 -8.60 4.73 4.82
C ASP A 107 -7.96 5.86 5.65
N ALA A 108 -6.70 5.70 6.03
CA ALA A 108 -5.97 6.67 6.82
C ALA A 108 -4.63 7.05 6.18
N MET A 109 -4.36 6.61 4.94
CA MET A 109 -3.09 6.91 4.27
C MET A 109 -3.28 7.31 2.81
N ASP A 110 -4.43 7.03 2.19
CA ASP A 110 -4.67 7.46 0.82
C ASP A 110 -4.73 8.99 0.77
N GLY A 111 -3.76 9.61 0.09
CA GLY A 111 -3.68 11.06 -0.04
C GLY A 111 -3.26 11.72 1.27
N ALA A 112 -2.53 11.00 2.12
CA ALA A 112 -2.13 11.48 3.43
C ALA A 112 -0.83 12.28 3.40
N VAL A 113 -0.27 12.48 2.20
CA VAL A 113 0.93 13.29 1.97
C VAL A 113 1.93 13.20 3.12
N LEU A 114 2.57 12.04 3.28
CA LEU A 114 3.61 11.83 4.28
C LEU A 114 4.90 12.57 3.95
N ASP A 115 4.99 13.22 2.77
CA ASP A 115 6.15 14.01 2.43
C ASP A 115 5.76 15.37 1.84
N GLY A 116 4.93 15.39 0.79
CA GLY A 116 4.47 16.66 0.23
C GLY A 116 4.07 16.52 -1.23
N ARG A 117 3.55 15.35 -1.60
CA ARG A 117 3.15 15.05 -2.97
C ARG A 117 1.84 14.28 -3.03
N GLU A 118 1.46 13.63 -1.93
CA GLU A 118 0.15 13.02 -1.67
C GLU A 118 0.21 11.52 -1.95
N LEU A 119 0.56 10.76 -0.90
CA LEU A 119 0.64 9.31 -0.91
C LEU A 119 -0.60 8.69 -1.54
N ARG A 120 -0.49 7.48 -2.07
CA ARG A 120 -1.60 6.78 -2.70
C ARG A 120 -1.71 5.37 -2.15
N VAL A 121 -2.94 4.92 -1.89
CA VAL A 121 -3.16 3.59 -1.34
C VAL A 121 -4.38 2.95 -1.98
N GLN A 122 -4.26 1.66 -2.31
CA GLN A 122 -5.30 0.90 -2.97
C GLN A 122 -4.95 -0.59 -2.97
N MET A 123 -5.98 -1.44 -2.98
CA MET A 123 -5.81 -2.88 -3.05
C MET A 123 -4.95 -3.27 -4.26
N ALA A 124 -4.04 -4.22 -4.06
CA ALA A 124 -3.14 -4.71 -5.08
C ALA A 124 -3.85 -5.64 -6.06
N ARG A 125 -5.07 -6.09 -5.74
CA ARG A 125 -5.83 -7.00 -6.58
C ARG A 125 -5.05 -8.28 -6.90
N TYR A 126 -4.13 -8.66 -6.01
CA TYR A 126 -3.25 -9.81 -6.20
C TYR A 126 -3.34 -10.75 -5.00
N GLY A 127 -4.52 -10.86 -4.41
CA GLY A 127 -4.75 -11.76 -3.29
C GLY A 127 -6.24 -12.05 -3.10
N ARG A 128 -6.54 -12.95 -2.14
CA ARG A 128 -7.90 -13.42 -1.87
C ARG A 128 -8.08 -13.62 -0.37
N PRO A 129 -9.33 -13.61 0.10
CA PRO A 129 -9.67 -13.86 1.49
C PRO A 129 -9.46 -15.33 1.84
N PRO A 130 -9.53 -15.68 3.14
CA PRO A 130 -9.41 -17.04 3.64
C PRO A 130 -10.34 -18.04 2.94
N ASP A 131 -11.37 -17.54 2.25
CA ASP A 131 -12.32 -18.39 1.54
C ASP A 131 -11.69 -19.05 0.31
N SER A 132 -10.46 -18.67 -0.05
CA SER A 132 -9.76 -19.23 -1.19
C SER A 132 -8.26 -19.35 -0.93
N HIS A 133 -7.83 -19.05 0.31
CA HIS A 133 -6.42 -19.14 0.70
C HIS A 133 -5.93 -20.59 0.74
N HIS A 134 -6.86 -21.54 0.69
CA HIS A 134 -6.55 -22.96 0.74
C HIS A 134 -7.66 -23.77 0.08
N SER A 135 -7.45 -25.09 -0.06
CA SER A 135 -8.39 -26.00 -0.69
C SER A 135 -8.33 -27.36 0.00
N MET A 35 -6.75 16.08 -2.17
CA MET A 35 -6.93 14.75 -2.77
C MET A 35 -8.16 14.73 -3.67
N SER A 36 -8.24 13.72 -4.54
CA SER A 36 -9.35 13.56 -5.48
C SER A 36 -9.52 12.10 -5.87
N TYR A 37 -10.55 11.84 -6.68
CA TYR A 37 -10.83 10.52 -7.21
C TYR A 37 -11.48 10.65 -8.59
N GLY A 38 -11.55 9.54 -9.32
CA GLY A 38 -12.16 9.49 -10.64
C GLY A 38 -13.16 8.33 -10.79
N ARG A 39 -13.08 7.36 -9.89
CA ARG A 39 -13.92 6.19 -9.88
C ARG A 39 -14.27 5.81 -8.43
N PRO A 40 -15.39 5.10 -8.23
CA PRO A 40 -15.82 4.66 -6.91
C PRO A 40 -14.94 3.52 -6.40
N PRO A 41 -15.05 3.19 -5.09
CA PRO A 41 -14.35 2.07 -4.48
C PRO A 41 -14.57 0.75 -5.22
N PRO A 42 -13.75 -0.26 -4.94
CA PRO A 42 -13.84 -1.57 -5.53
C PRO A 42 -14.86 -2.39 -4.73
N ASP A 43 -14.66 -3.70 -4.67
CA ASP A 43 -15.56 -4.63 -4.00
C ASP A 43 -14.81 -5.72 -3.23
N VAL A 44 -13.50 -5.87 -3.49
CA VAL A 44 -12.59 -6.83 -2.84
C VAL A 44 -13.21 -8.21 -2.62
N GLU A 45 -14.17 -8.59 -3.47
CA GLU A 45 -14.91 -9.83 -3.35
C GLU A 45 -14.07 -11.07 -3.72
N GLY A 46 -12.78 -10.88 -4.03
CA GLY A 46 -11.90 -11.97 -4.43
C GLY A 46 -10.42 -11.62 -4.30
N MET A 47 -10.11 -10.57 -3.53
CA MET A 47 -8.73 -10.11 -3.36
C MET A 47 -8.50 -9.70 -1.90
N THR A 48 -7.24 -9.55 -1.51
CA THR A 48 -6.89 -9.22 -0.13
C THR A 48 -5.65 -8.32 -0.05
N SER A 49 -4.74 -8.42 -1.01
CA SER A 49 -3.50 -7.66 -1.00
C SER A 49 -3.75 -6.15 -1.17
N LEU A 50 -3.00 -5.36 -0.41
CA LEU A 50 -2.96 -3.91 -0.57
C LEU A 50 -1.75 -3.56 -1.43
N LYS A 51 -1.75 -2.35 -2.01
CA LYS A 51 -0.67 -1.75 -2.79
C LYS A 51 -0.61 -0.27 -2.44
N VAL A 52 0.60 0.26 -2.27
CA VAL A 52 0.81 1.69 -2.02
C VAL A 52 1.83 2.24 -2.98
N ASP A 53 1.55 3.47 -3.45
CA ASP A 53 2.20 4.18 -4.55
C ASP A 53 2.37 5.67 -4.24
N ASN A 54 3.10 6.38 -5.11
CA ASN A 54 3.48 7.78 -5.02
C ASN A 54 4.61 8.01 -4.01
N LEU A 55 5.79 8.37 -4.53
CA LEU A 55 6.98 8.64 -3.74
C LEU A 55 7.67 9.90 -4.26
N THR A 56 8.62 10.42 -3.48
CA THR A 56 9.39 11.60 -3.84
C THR A 56 10.85 11.28 -4.11
N TYR A 57 11.17 9.98 -4.24
CA TYR A 57 12.50 9.42 -4.49
C TYR A 57 13.28 9.16 -3.20
N ARG A 58 12.73 9.63 -2.08
CA ARG A 58 13.36 9.51 -0.77
C ARG A 58 12.38 8.99 0.29
N THR A 59 11.14 8.68 -0.09
CA THR A 59 10.15 8.15 0.83
C THR A 59 10.61 6.82 1.43
N SER A 60 11.24 5.98 0.60
CA SER A 60 11.82 4.68 0.96
C SER A 60 10.88 3.67 1.62
N PRO A 61 11.18 2.37 1.49
CA PRO A 61 10.39 1.28 2.06
C PRO A 61 10.38 1.30 3.58
N ASP A 62 11.42 1.83 4.23
CA ASP A 62 11.50 1.84 5.68
C ASP A 62 10.46 2.77 6.28
N THR A 63 10.32 3.98 5.72
CA THR A 63 9.37 4.93 6.26
C THR A 63 7.98 4.39 6.06
N LEU A 64 7.73 3.83 4.87
CA LEU A 64 6.45 3.24 4.56
C LEU A 64 6.15 2.09 5.49
N ARG A 65 7.19 1.35 5.93
CA ARG A 65 6.98 0.18 6.76
C ARG A 65 6.29 0.60 8.05
N ARG A 66 6.90 1.52 8.81
CA ARG A 66 6.35 1.97 10.08
C ARG A 66 5.21 2.96 9.92
N VAL A 67 5.02 3.49 8.71
CA VAL A 67 3.88 4.35 8.39
C VAL A 67 2.63 3.54 8.06
N PHE A 68 2.78 2.26 7.75
CA PHE A 68 1.65 1.44 7.33
C PHE A 68 1.45 0.25 8.24
N GLU A 69 2.53 -0.37 8.72
CA GLU A 69 2.37 -1.51 9.60
C GLU A 69 1.79 -1.06 10.93
N LYS A 70 1.85 0.24 11.21
CA LYS A 70 1.39 0.82 12.45
C LYS A 70 -0.09 0.56 12.67
N TYR A 71 -0.87 0.51 11.58
CA TYR A 71 -2.29 0.25 11.67
C TYR A 71 -2.57 -1.23 11.95
N GLY A 72 -1.60 -2.09 11.64
CA GLY A 72 -1.73 -3.52 11.93
C GLY A 72 -0.45 -4.27 11.61
N ARG A 73 -0.10 -4.34 10.31
CA ARG A 73 1.14 -4.97 9.87
C ARG A 73 1.38 -4.69 8.40
N VAL A 74 2.60 -5.01 7.93
CA VAL A 74 2.97 -4.89 6.54
C VAL A 74 3.62 -6.21 6.11
N GLY A 75 2.83 -7.04 5.44
CA GLY A 75 3.29 -8.32 4.91
C GLY A 75 4.43 -8.15 3.91
N ASP A 76 4.48 -7.01 3.22
CA ASP A 76 5.50 -6.71 2.23
C ASP A 76 5.64 -5.21 2.07
N VAL A 77 6.87 -4.72 1.90
CA VAL A 77 7.12 -3.31 1.64
C VAL A 77 8.35 -3.21 0.75
N TYR A 78 8.17 -2.69 -0.45
CA TYR A 78 9.30 -2.49 -1.35
C TYR A 78 9.00 -1.43 -2.39
N ILE A 79 10.04 -1.01 -3.13
CA ILE A 79 9.92 0.01 -4.15
C ILE A 79 10.42 -0.57 -5.48
N PRO A 80 9.52 -0.74 -6.46
CA PRO A 80 9.82 -1.19 -7.82
C PRO A 80 10.50 -0.10 -8.64
N ARG A 81 11.62 0.45 -8.13
CA ARG A 81 12.38 1.49 -8.80
C ARG A 81 13.00 1.01 -10.11
N ASP A 82 13.91 1.82 -10.67
CA ASP A 82 14.64 1.53 -11.89
C ASP A 82 15.44 0.23 -11.82
N ARG A 83 16.20 -0.06 -12.89
CA ARG A 83 17.06 -1.24 -12.95
C ARG A 83 18.40 -0.92 -13.59
N TYR A 84 18.65 0.36 -13.91
CA TYR A 84 19.87 0.77 -14.59
C TYR A 84 20.28 2.20 -14.24
N THR A 85 19.68 2.80 -13.20
CA THR A 85 19.97 4.16 -12.77
C THR A 85 19.99 4.24 -11.24
N LYS A 86 19.86 5.46 -10.68
CA LYS A 86 19.97 5.72 -9.25
C LYS A 86 18.78 6.55 -8.74
N GLU A 87 17.59 6.25 -9.25
CA GLU A 87 16.37 6.98 -8.91
C GLU A 87 15.21 5.99 -8.73
N SER A 88 13.98 6.39 -9.03
CA SER A 88 12.85 5.49 -8.99
C SER A 88 11.75 5.97 -9.93
N ARG A 89 10.77 5.10 -10.16
CA ARG A 89 9.63 5.36 -11.04
C ARG A 89 8.58 6.24 -10.37
N GLY A 90 8.78 6.55 -9.08
CA GLY A 90 7.92 7.48 -8.36
C GLY A 90 6.82 6.77 -7.58
N PHE A 91 6.92 5.46 -7.35
CA PHE A 91 5.92 4.70 -6.64
C PHE A 91 6.53 3.54 -5.89
N ALA A 92 5.84 3.11 -4.83
CA ALA A 92 6.25 2.00 -4.00
C ALA A 92 5.32 0.83 -4.24
N PHE A 93 5.33 -0.11 -3.31
CA PHE A 93 4.49 -1.28 -3.35
C PHE A 93 4.44 -1.85 -1.95
N VAL A 94 3.79 -1.11 -1.05
CA VAL A 94 3.53 -1.80 0.21
C VAL A 94 2.41 -2.76 -0.07
N ARG A 95 2.49 -3.98 0.44
CA ARG A 95 1.46 -4.98 0.25
C ARG A 95 1.10 -5.62 1.56
N PHE A 96 -0.21 -5.72 1.74
CA PHE A 96 -0.76 -6.23 3.00
C PHE A 96 -1.31 -7.62 2.80
N HIS A 97 -0.95 -8.49 3.73
CA HIS A 97 -1.34 -9.90 3.79
C HIS A 97 -2.77 -10.05 4.33
N ASP A 98 -3.38 -8.95 4.78
CA ASP A 98 -4.70 -8.97 5.37
C ASP A 98 -5.43 -7.67 5.03
N LYS A 99 -6.51 -7.80 4.26
CA LYS A 99 -7.32 -6.66 3.82
C LYS A 99 -7.87 -5.84 4.97
N ARG A 100 -8.00 -6.41 6.16
CA ARG A 100 -8.56 -5.67 7.30
C ARG A 100 -7.56 -4.64 7.81
N ASP A 101 -6.29 -5.04 7.98
CA ASP A 101 -5.25 -4.11 8.40
C ASP A 101 -5.03 -3.09 7.29
N ALA A 102 -5.32 -3.49 6.04
CA ALA A 102 -5.16 -2.64 4.88
C ALA A 102 -6.32 -1.65 4.78
N GLU A 103 -7.53 -2.04 5.21
CA GLU A 103 -8.69 -1.16 5.16
C GLU A 103 -8.44 0.08 6.00
N ASP A 104 -8.00 -0.09 7.24
CA ASP A 104 -7.83 1.06 8.11
C ASP A 104 -6.64 1.91 7.68
N ALA A 105 -5.52 1.26 7.33
CA ALA A 105 -4.33 1.97 6.90
C ALA A 105 -4.64 2.79 5.66
N MET A 106 -5.31 2.20 4.66
CA MET A 106 -5.67 2.88 3.44
C MET A 106 -6.64 4.02 3.72
N ASP A 107 -7.61 3.80 4.59
CA ASP A 107 -8.57 4.82 4.97
C ASP A 107 -7.92 5.91 5.82
N ALA A 108 -6.63 5.73 6.16
CA ALA A 108 -5.88 6.68 6.96
C ALA A 108 -4.55 7.07 6.30
N MET A 109 -4.30 6.63 5.06
CA MET A 109 -3.05 6.93 4.37
C MET A 109 -3.26 7.34 2.91
N ASP A 110 -4.42 7.10 2.33
CA ASP A 110 -4.68 7.54 0.96
C ASP A 110 -4.74 9.07 0.93
N GLY A 111 -3.84 9.69 0.16
CA GLY A 111 -3.76 11.13 0.03
C GLY A 111 -3.31 11.78 1.34
N ALA A 112 -2.54 11.05 2.15
CA ALA A 112 -2.10 11.50 3.46
C ALA A 112 -0.82 12.34 3.37
N VAL A 113 -0.36 12.63 2.15
CA VAL A 113 0.82 13.43 1.86
C VAL A 113 1.92 13.28 2.91
N LEU A 114 2.58 12.13 2.88
CA LEU A 114 3.69 11.78 3.75
C LEU A 114 4.90 12.71 3.55
N ASP A 115 4.96 13.46 2.44
CA ASP A 115 6.09 14.34 2.18
C ASP A 115 5.64 15.68 1.59
N GLY A 116 4.76 15.65 0.58
CA GLY A 116 4.23 16.89 0.00
C GLY A 116 3.79 16.70 -1.45
N ARG A 117 3.35 15.48 -1.79
CA ARG A 117 2.92 15.14 -3.14
C ARG A 117 1.63 14.32 -3.14
N GLU A 118 1.30 13.71 -2.00
CA GLU A 118 0.02 13.09 -1.68
C GLU A 118 0.05 11.59 -1.92
N LEU A 119 0.43 10.85 -0.88
CA LEU A 119 0.52 9.39 -0.87
C LEU A 119 -0.71 8.76 -1.52
N ARG A 120 -0.59 7.54 -2.03
CA ARG A 120 -1.69 6.84 -2.68
C ARG A 120 -1.79 5.43 -2.13
N VAL A 121 -3.01 5.00 -1.82
CA VAL A 121 -3.24 3.67 -1.27
C VAL A 121 -4.46 3.04 -1.91
N GLN A 122 -4.34 1.76 -2.27
CA GLN A 122 -5.37 1.01 -2.96
C GLN A 122 -5.04 -0.47 -2.96
N MET A 123 -6.07 -1.32 -2.99
CA MET A 123 -5.92 -2.76 -3.10
C MET A 123 -5.04 -3.10 -4.30
N ALA A 124 -4.14 -4.07 -4.10
CA ALA A 124 -3.25 -4.58 -5.13
C ALA A 124 -3.99 -5.52 -6.08
N ARG A 125 -5.30 -5.72 -5.86
CA ARG A 125 -6.14 -6.65 -6.62
C ARG A 125 -5.50 -8.02 -6.83
N TYR A 126 -4.88 -8.52 -5.77
CA TYR A 126 -4.19 -9.79 -5.76
C TYR A 126 -4.53 -10.55 -4.48
N GLY A 127 -4.10 -11.82 -4.39
CA GLY A 127 -4.37 -12.65 -3.22
C GLY A 127 -3.77 -14.05 -3.39
N ARG A 128 -3.96 -14.89 -2.38
CA ARG A 128 -3.45 -16.26 -2.37
C ARG A 128 -4.34 -17.11 -1.46
N PRO A 129 -4.70 -18.32 -1.89
CA PRO A 129 -5.47 -19.27 -1.08
C PRO A 129 -4.90 -19.45 0.32
N PRO A 130 -5.72 -19.89 1.29
CA PRO A 130 -5.32 -20.12 2.66
C PRO A 130 -4.49 -21.40 2.81
N ASP A 131 -4.30 -22.14 1.72
CA ASP A 131 -3.55 -23.41 1.70
C ASP A 131 -4.01 -24.38 2.79
N SER A 132 -5.25 -24.22 3.26
CA SER A 132 -5.84 -25.07 4.29
C SER A 132 -7.36 -25.07 4.15
N HIS A 133 -8.03 -25.94 4.91
CA HIS A 133 -9.48 -26.08 4.87
C HIS A 133 -10.05 -26.38 6.25
N HIS A 134 -9.24 -26.23 7.30
CA HIS A 134 -9.63 -26.50 8.67
C HIS A 134 -8.84 -25.63 9.65
N SER A 135 -9.19 -25.71 10.95
CA SER A 135 -8.56 -24.94 12.01
C SER A 135 -8.52 -25.75 13.29
N MET A 35 -10.15 20.93 -6.26
CA MET A 35 -11.12 20.97 -5.16
C MET A 35 -11.65 19.57 -4.85
N SER A 36 -11.51 19.13 -3.60
CA SER A 36 -11.93 17.80 -3.16
C SER A 36 -12.40 17.84 -1.72
N TYR A 37 -12.85 16.69 -1.20
CA TYR A 37 -13.38 16.58 0.14
C TYR A 37 -13.14 15.19 0.75
N GLY A 38 -12.85 14.19 -0.09
CA GLY A 38 -12.65 12.82 0.36
C GLY A 38 -13.29 11.86 -0.64
N ARG A 39 -13.39 10.58 -0.26
CA ARG A 39 -14.04 9.58 -1.10
C ARG A 39 -14.60 8.44 -0.24
N PRO A 40 -15.64 7.75 -0.71
CA PRO A 40 -16.25 6.62 -0.01
C PRO A 40 -15.33 5.40 -0.04
N PRO A 41 -15.60 4.40 0.81
CA PRO A 41 -14.84 3.17 0.88
C PRO A 41 -15.09 2.30 -0.37
N PRO A 42 -14.24 1.29 -0.60
CA PRO A 42 -14.34 0.36 -1.71
C PRO A 42 -15.33 -0.73 -1.32
N ASP A 43 -15.04 -1.98 -1.70
CA ASP A 43 -15.92 -3.12 -1.48
C ASP A 43 -15.14 -4.39 -1.15
N VAL A 44 -13.91 -4.50 -1.67
CA VAL A 44 -12.99 -5.62 -1.48
C VAL A 44 -13.64 -7.00 -1.59
N GLU A 45 -14.74 -7.11 -2.33
CA GLU A 45 -15.47 -8.37 -2.51
C GLU A 45 -14.68 -9.40 -3.33
N GLY A 46 -13.45 -9.09 -3.73
CA GLY A 46 -12.65 -9.97 -4.55
C GLY A 46 -11.15 -9.66 -4.48
N MET A 47 -10.71 -9.03 -3.39
CA MET A 47 -9.31 -8.65 -3.20
C MET A 47 -8.93 -8.73 -1.72
N THR A 48 -7.63 -8.81 -1.43
CA THR A 48 -7.14 -8.79 -0.06
C THR A 48 -5.78 -8.09 0.05
N SER A 49 -4.90 -8.29 -0.94
CA SER A 49 -3.60 -7.65 -0.95
C SER A 49 -3.76 -6.16 -1.16
N LEU A 50 -2.96 -5.39 -0.43
CA LEU A 50 -2.91 -3.94 -0.58
C LEU A 50 -1.73 -3.59 -1.47
N LYS A 51 -1.75 -2.39 -2.05
CA LYS A 51 -0.69 -1.78 -2.84
C LYS A 51 -0.62 -0.31 -2.47
N VAL A 52 0.59 0.23 -2.32
CA VAL A 52 0.78 1.65 -2.07
C VAL A 52 1.78 2.20 -3.06
N ASP A 53 1.49 3.43 -3.53
CA ASP A 53 2.12 4.14 -4.64
C ASP A 53 2.29 5.63 -4.33
N ASN A 54 2.98 6.34 -5.23
CA ASN A 54 3.38 7.74 -5.15
C ASN A 54 4.51 7.95 -4.16
N LEU A 55 5.67 8.39 -4.65
CA LEU A 55 6.87 8.65 -3.85
C LEU A 55 7.55 9.95 -4.27
N THR A 56 8.62 10.30 -3.55
CA THR A 56 9.50 11.41 -3.88
C THR A 56 10.93 10.91 -3.98
N TYR A 57 11.12 9.67 -4.43
CA TYR A 57 12.43 9.06 -4.65
C TYR A 57 13.24 8.85 -3.36
N ARG A 58 12.73 9.38 -2.25
CA ARG A 58 13.43 9.34 -0.97
C ARG A 58 12.51 8.89 0.17
N THR A 59 11.22 8.66 -0.13
CA THR A 59 10.30 8.13 0.86
C THR A 59 10.78 6.80 1.41
N SER A 60 11.32 5.94 0.53
CA SER A 60 11.90 4.63 0.86
C SER A 60 10.91 3.65 1.52
N PRO A 61 11.19 2.34 1.40
CA PRO A 61 10.38 1.27 1.96
C PRO A 61 10.40 1.29 3.49
N ASP A 62 11.45 1.85 4.09
CA ASP A 62 11.60 1.90 5.53
C ASP A 62 10.54 2.79 6.18
N THR A 63 10.38 4.00 5.64
CA THR A 63 9.42 4.94 6.19
C THR A 63 8.02 4.40 5.98
N LEU A 64 7.77 3.85 4.79
CA LEU A 64 6.47 3.28 4.48
C LEU A 64 6.17 2.12 5.41
N ARG A 65 7.21 1.41 5.87
CA ARG A 65 7.00 0.24 6.71
C ARG A 65 6.29 0.65 7.99
N ARG A 66 6.88 1.60 8.72
CA ARG A 66 6.34 2.05 10.00
C ARG A 66 5.21 3.07 9.83
N VAL A 67 4.96 3.51 8.60
CA VAL A 67 3.85 4.40 8.26
C VAL A 67 2.59 3.60 7.93
N PHE A 68 2.73 2.31 7.65
CA PHE A 68 1.63 1.47 7.25
C PHE A 68 1.43 0.28 8.16
N GLU A 69 2.53 -0.33 8.63
CA GLU A 69 2.38 -1.46 9.53
C GLU A 69 1.80 -1.00 10.86
N LYS A 70 1.85 0.31 11.12
CA LYS A 70 1.40 0.89 12.37
C LYS A 70 -0.08 0.61 12.59
N TYR A 71 -0.85 0.53 11.50
CA TYR A 71 -2.27 0.25 11.60
C TYR A 71 -2.53 -1.22 11.89
N GLY A 72 -1.55 -2.09 11.58
CA GLY A 72 -1.65 -3.51 11.88
C GLY A 72 -0.36 -4.25 11.55
N ARG A 73 -0.02 -4.33 10.27
CA ARG A 73 1.22 -4.96 9.82
C ARG A 73 1.45 -4.68 8.35
N VAL A 74 2.66 -4.98 7.88
CA VAL A 74 3.03 -4.88 6.48
C VAL A 74 3.69 -6.19 6.06
N GLY A 75 2.91 -7.04 5.40
CA GLY A 75 3.38 -8.31 4.88
C GLY A 75 4.50 -8.14 3.85
N ASP A 76 4.54 -6.99 3.17
CA ASP A 76 5.53 -6.70 2.15
C ASP A 76 5.66 -5.19 2.00
N VAL A 77 6.89 -4.69 1.82
CA VAL A 77 7.12 -3.28 1.58
C VAL A 77 8.35 -3.16 0.69
N TYR A 78 8.17 -2.65 -0.52
CA TYR A 78 9.30 -2.46 -1.43
C TYR A 78 9.00 -1.39 -2.46
N ILE A 79 10.05 -0.95 -3.17
CA ILE A 79 9.94 0.05 -4.21
C ILE A 79 10.52 -0.55 -5.50
N PRO A 80 9.68 -0.69 -6.55
CA PRO A 80 10.05 -1.18 -7.87
C PRO A 80 10.95 -0.19 -8.64
N ARG A 81 11.93 0.39 -7.96
CA ARG A 81 12.84 1.39 -8.54
C ARG A 81 13.62 0.83 -9.73
N ASP A 82 14.42 1.68 -10.37
CA ASP A 82 15.21 1.30 -11.52
C ASP A 82 16.29 0.29 -11.14
N ARG A 83 16.86 -0.37 -12.15
CA ARG A 83 17.89 -1.40 -11.96
C ARG A 83 18.88 -1.38 -13.13
N TYR A 84 18.93 -0.27 -13.86
CA TYR A 84 19.82 -0.05 -14.98
C TYR A 84 20.21 1.42 -15.07
N THR A 85 19.97 2.17 -13.98
CA THR A 85 20.28 3.58 -13.88
C THR A 85 20.73 3.91 -12.45
N LYS A 86 20.73 5.20 -12.08
CA LYS A 86 21.17 5.67 -10.77
C LYS A 86 20.06 6.47 -10.08
N GLU A 87 18.80 6.09 -10.33
CA GLU A 87 17.64 6.78 -9.79
C GLU A 87 16.57 5.77 -9.39
N SER A 88 15.35 6.23 -9.14
CA SER A 88 14.26 5.37 -8.70
C SER A 88 12.92 5.82 -9.31
N ARG A 89 11.93 4.92 -9.27
CA ARG A 89 10.60 5.21 -9.78
C ARG A 89 9.85 6.14 -8.83
N GLY A 90 8.64 6.55 -9.23
CA GLY A 90 7.83 7.51 -8.49
C GLY A 90 6.70 6.84 -7.71
N PHE A 91 6.82 5.53 -7.46
CA PHE A 91 5.81 4.79 -6.72
C PHE A 91 6.44 3.63 -5.96
N ALA A 92 5.76 3.18 -4.91
CA ALA A 92 6.20 2.07 -4.08
C ALA A 92 5.28 0.88 -4.32
N PHE A 93 5.31 -0.07 -3.39
CA PHE A 93 4.49 -1.26 -3.45
C PHE A 93 4.45 -1.84 -2.07
N VAL A 94 3.77 -1.14 -1.16
CA VAL A 94 3.53 -1.83 0.10
C VAL A 94 2.40 -2.80 -0.17
N ARG A 95 2.52 -4.03 0.32
CA ARG A 95 1.49 -5.03 0.16
C ARG A 95 1.15 -5.65 1.48
N PHE A 96 -0.17 -5.74 1.69
CA PHE A 96 -0.69 -6.25 2.95
C PHE A 96 -1.21 -7.66 2.73
N HIS A 97 -0.98 -8.51 3.74
CA HIS A 97 -1.34 -9.91 3.78
C HIS A 97 -2.74 -10.10 4.34
N ASP A 98 -3.36 -9.02 4.83
CA ASP A 98 -4.67 -9.07 5.46
C ASP A 98 -5.42 -7.77 5.16
N LYS A 99 -6.52 -7.89 4.42
CA LYS A 99 -7.34 -6.76 4.03
C LYS A 99 -7.85 -5.95 5.20
N ARG A 100 -7.96 -6.53 6.40
CA ARG A 100 -8.44 -5.79 7.56
C ARG A 100 -7.45 -4.71 7.94
N ASP A 101 -6.18 -5.09 8.06
CA ASP A 101 -5.13 -4.14 8.40
C ASP A 101 -4.95 -3.15 7.25
N ALA A 102 -5.27 -3.59 6.03
CA ALA A 102 -5.14 -2.75 4.85
C ALA A 102 -6.30 -1.77 4.74
N GLU A 103 -7.50 -2.16 5.17
CA GLU A 103 -8.68 -1.32 5.13
C GLU A 103 -8.48 -0.07 5.96
N ASP A 104 -8.04 -0.22 7.20
CA ASP A 104 -7.88 0.94 8.06
C ASP A 104 -6.71 1.79 7.61
N ALA A 105 -5.57 1.18 7.27
CA ALA A 105 -4.40 1.91 6.84
C ALA A 105 -4.73 2.71 5.58
N MET A 106 -5.35 2.09 4.59
CA MET A 106 -5.70 2.74 3.34
C MET A 106 -6.69 3.88 3.55
N ASP A 107 -7.68 3.67 4.42
CA ASP A 107 -8.65 4.71 4.73
C ASP A 107 -8.06 5.79 5.64
N ALA A 108 -6.80 5.62 6.04
CA ALA A 108 -6.08 6.58 6.86
C ALA A 108 -4.75 7.00 6.24
N MET A 109 -4.46 6.57 5.00
CA MET A 109 -3.21 6.87 4.34
C MET A 109 -3.40 7.31 2.87
N ASP A 110 -4.54 7.03 2.26
CA ASP A 110 -4.80 7.49 0.90
C ASP A 110 -4.84 9.02 0.88
N GLY A 111 -3.92 9.64 0.13
CA GLY A 111 -3.81 11.07 0.01
C GLY A 111 -3.38 11.73 1.33
N ALA A 112 -2.65 10.99 2.17
CA ALA A 112 -2.26 11.44 3.50
C ALA A 112 -0.98 12.30 3.47
N VAL A 113 -0.44 12.55 2.28
CA VAL A 113 0.73 13.39 2.03
C VAL A 113 1.74 13.38 3.20
N LEU A 114 2.43 12.25 3.38
CA LEU A 114 3.46 12.12 4.40
C LEU A 114 4.76 12.87 4.03
N ASP A 115 4.83 13.48 2.85
CA ASP A 115 6.03 14.23 2.45
C ASP A 115 5.68 15.55 1.76
N GLY A 116 4.60 15.59 0.96
CA GLY A 116 4.15 16.81 0.28
C GLY A 116 3.86 16.58 -1.20
N ARG A 117 3.42 15.37 -1.53
CA ARG A 117 3.10 14.97 -2.91
C ARG A 117 1.79 14.18 -2.99
N GLU A 118 1.37 13.59 -1.86
CA GLU A 118 0.05 13.00 -1.61
C GLU A 118 0.09 11.51 -1.87
N LEU A 119 0.38 10.74 -0.81
CA LEU A 119 0.45 9.28 -0.82
C LEU A 119 -0.78 8.69 -1.50
N ARG A 120 -0.66 7.48 -2.04
CA ARG A 120 -1.75 6.79 -2.70
C ARG A 120 -1.85 5.37 -2.16
N VAL A 121 -3.07 4.91 -1.88
CA VAL A 121 -3.29 3.58 -1.34
C VAL A 121 -4.51 2.94 -1.98
N GLN A 122 -4.37 1.68 -2.35
CA GLN A 122 -5.40 0.91 -3.04
C GLN A 122 -5.03 -0.57 -3.05
N MET A 123 -6.05 -1.44 -3.07
CA MET A 123 -5.87 -2.88 -3.17
C MET A 123 -4.99 -3.24 -4.37
N ALA A 124 -4.07 -4.18 -4.16
CA ALA A 124 -3.16 -4.65 -5.19
C ALA A 124 -3.86 -5.56 -6.19
N ARG A 125 -5.08 -6.04 -5.86
CA ARG A 125 -5.84 -6.93 -6.74
C ARG A 125 -5.03 -8.18 -7.13
N TYR A 126 -4.06 -8.57 -6.29
CA TYR A 126 -3.18 -9.70 -6.56
C TYR A 126 -3.23 -10.72 -5.42
N GLY A 127 -4.36 -10.78 -4.71
CA GLY A 127 -4.56 -11.73 -3.63
C GLY A 127 -6.05 -11.89 -3.31
N ARG A 128 -6.38 -12.90 -2.51
CA ARG A 128 -7.75 -13.25 -2.15
C ARG A 128 -7.78 -13.80 -0.72
N PRO A 129 -8.96 -13.78 -0.09
CA PRO A 129 -9.21 -14.39 1.22
C PRO A 129 -8.76 -15.84 1.26
N PRO A 130 -8.61 -16.42 2.47
CA PRO A 130 -8.15 -17.79 2.66
C PRO A 130 -9.20 -18.81 2.22
N ASP A 131 -10.40 -18.35 1.82
CA ASP A 131 -11.47 -19.21 1.34
C ASP A 131 -12.29 -18.47 0.29
N SER A 132 -13.13 -19.19 -0.45
CA SER A 132 -13.98 -18.61 -1.48
C SER A 132 -15.16 -19.53 -1.81
N HIS A 133 -16.09 -19.02 -2.61
CA HIS A 133 -17.28 -19.74 -3.04
C HIS A 133 -17.64 -19.37 -4.48
N HIS A 134 -16.74 -18.68 -5.18
CA HIS A 134 -16.97 -18.21 -6.54
C HIS A 134 -15.69 -18.24 -7.36
N SER A 135 -14.59 -18.78 -6.80
CA SER A 135 -13.30 -18.85 -7.47
C SER A 135 -12.58 -20.14 -7.09
N MET A 35 -4.12 11.48 8.99
CA MET A 35 -4.98 10.39 8.51
C MET A 35 -6.12 10.96 7.67
N SER A 36 -6.19 10.59 6.39
CA SER A 36 -7.22 11.11 5.49
C SER A 36 -7.44 10.19 4.29
N TYR A 37 -8.32 10.62 3.40
CA TYR A 37 -8.63 9.98 2.14
C TYR A 37 -9.00 11.05 1.12
N GLY A 38 -9.11 10.67 -0.15
CA GLY A 38 -9.46 11.61 -1.22
C GLY A 38 -10.37 10.99 -2.27
N ARG A 39 -10.82 9.77 -2.01
CA ARG A 39 -11.73 9.01 -2.87
C ARG A 39 -12.45 7.97 -2.02
N PRO A 40 -13.63 7.50 -2.45
CA PRO A 40 -14.42 6.53 -1.70
C PRO A 40 -13.74 5.16 -1.72
N PRO A 41 -13.98 4.34 -0.70
CA PRO A 41 -13.39 3.02 -0.55
C PRO A 41 -14.00 2.03 -1.55
N PRO A 42 -13.35 0.88 -1.75
CA PRO A 42 -13.81 -0.20 -2.59
C PRO A 42 -14.81 -1.03 -1.78
N ASP A 43 -14.83 -2.34 -2.01
CA ASP A 43 -15.78 -3.26 -1.38
C ASP A 43 -15.13 -4.58 -0.98
N VAL A 44 -13.98 -4.93 -1.60
CA VAL A 44 -13.18 -6.11 -1.30
C VAL A 44 -13.99 -7.39 -1.10
N GLU A 45 -15.18 -7.48 -1.69
CA GLU A 45 -16.06 -8.64 -1.56
C GLU A 45 -15.44 -9.92 -2.15
N GLY A 46 -14.26 -9.82 -2.76
CA GLY A 46 -13.60 -10.97 -3.37
C GLY A 46 -12.14 -10.66 -3.70
N MET A 47 -11.53 -9.68 -3.02
CA MET A 47 -10.18 -9.25 -3.29
C MET A 47 -9.45 -8.96 -1.97
N THR A 48 -8.13 -9.13 -1.98
CA THR A 48 -7.26 -8.89 -0.83
C THR A 48 -5.90 -8.38 -1.34
N SER A 49 -4.96 -8.14 -0.42
CA SER A 49 -3.65 -7.57 -0.69
C SER A 49 -3.76 -6.08 -0.95
N LEU A 50 -2.87 -5.34 -0.28
CA LEU A 50 -2.84 -3.88 -0.34
C LEU A 50 -1.66 -3.48 -1.22
N LYS A 51 -1.70 -2.27 -1.77
CA LYS A 51 -0.65 -1.67 -2.60
C LYS A 51 -0.60 -0.18 -2.28
N VAL A 52 0.62 0.34 -2.14
CA VAL A 52 0.85 1.77 -1.92
C VAL A 52 1.85 2.28 -2.94
N ASP A 53 1.56 3.48 -3.45
CA ASP A 53 2.20 4.15 -4.59
C ASP A 53 2.35 5.66 -4.34
N ASN A 54 3.09 6.34 -5.22
CA ASN A 54 3.44 7.76 -5.16
C ASN A 54 4.55 8.04 -4.15
N LEU A 55 5.75 8.38 -4.66
CA LEU A 55 6.94 8.66 -3.84
C LEU A 55 7.65 9.92 -4.32
N THR A 56 8.62 10.37 -3.54
CA THR A 56 9.42 11.54 -3.87
C THR A 56 10.88 11.14 -4.15
N TYR A 57 11.15 9.84 -4.27
CA TYR A 57 12.44 9.22 -4.53
C TYR A 57 13.24 8.96 -3.26
N ARG A 58 12.74 9.46 -2.13
CA ARG A 58 13.39 9.34 -0.84
C ARG A 58 12.43 8.89 0.25
N THR A 59 11.17 8.59 -0.13
CA THR A 59 10.20 8.08 0.83
C THR A 59 10.66 6.77 1.44
N SER A 60 11.29 5.91 0.61
CA SER A 60 11.87 4.62 0.99
C SER A 60 10.92 3.60 1.64
N PRO A 61 11.22 2.30 1.48
CA PRO A 61 10.42 1.21 2.04
C PRO A 61 10.39 1.19 3.57
N ASP A 62 11.44 1.72 4.23
CA ASP A 62 11.50 1.68 5.69
C ASP A 62 10.49 2.64 6.31
N THR A 63 10.39 3.86 5.76
CA THR A 63 9.48 4.84 6.29
C THR A 63 8.07 4.33 6.10
N LEU A 64 7.81 3.77 4.92
CA LEU A 64 6.51 3.21 4.60
C LEU A 64 6.19 2.05 5.54
N ARG A 65 7.22 1.29 5.94
CA ARG A 65 6.99 0.12 6.79
C ARG A 65 6.32 0.54 8.08
N ARG A 66 6.93 1.46 8.82
CA ARG A 66 6.39 1.92 10.10
C ARG A 66 5.29 2.95 9.94
N VAL A 67 5.00 3.37 8.70
CA VAL A 67 3.90 4.27 8.38
C VAL A 67 2.64 3.50 8.00
N PHE A 68 2.79 2.20 7.70
CA PHE A 68 1.68 1.39 7.25
C PHE A 68 1.46 0.20 8.16
N GLU A 69 2.55 -0.41 8.66
CA GLU A 69 2.38 -1.54 9.54
C GLU A 69 1.75 -1.11 10.86
N LYS A 70 1.81 0.21 11.12
CA LYS A 70 1.33 0.78 12.36
C LYS A 70 -0.17 0.54 12.54
N TYR A 71 -0.90 0.46 11.42
CA TYR A 71 -2.33 0.21 11.49
C TYR A 71 -2.62 -1.26 11.79
N GLY A 72 -1.65 -2.13 11.52
CA GLY A 72 -1.77 -3.54 11.87
C GLY A 72 -0.48 -4.31 11.58
N ARG A 73 -0.11 -4.38 10.29
CA ARG A 73 1.14 -5.01 9.88
C ARG A 73 1.41 -4.73 8.41
N VAL A 74 2.63 -5.06 7.98
CA VAL A 74 3.06 -4.95 6.60
C VAL A 74 3.70 -6.25 6.19
N GLY A 75 2.92 -7.07 5.48
CA GLY A 75 3.39 -8.36 4.95
C GLY A 75 4.53 -8.19 3.95
N ASP A 76 4.57 -7.05 3.25
CA ASP A 76 5.56 -6.77 2.24
C ASP A 76 5.73 -5.26 2.11
N VAL A 77 6.96 -4.79 1.86
CA VAL A 77 7.20 -3.38 1.62
C VAL A 77 8.42 -3.25 0.73
N TYR A 78 8.23 -2.74 -0.49
CA TYR A 78 9.34 -2.53 -1.40
C TYR A 78 9.03 -1.44 -2.42
N ILE A 79 10.06 -1.00 -3.15
CA ILE A 79 9.92 0.04 -4.15
C ILE A 79 10.44 -0.51 -5.49
N PRO A 80 9.56 -0.66 -6.48
CA PRO A 80 9.89 -1.06 -7.85
C PRO A 80 10.59 0.09 -8.58
N ARG A 81 11.74 0.52 -8.06
CA ARG A 81 12.51 1.62 -8.63
C ARG A 81 13.03 1.29 -10.04
N ASP A 82 13.79 2.23 -10.62
CA ASP A 82 14.38 2.09 -11.95
C ASP A 82 15.37 0.93 -12.01
N ARG A 83 16.02 0.73 -13.17
CA ARG A 83 16.93 -0.38 -13.39
C ARG A 83 18.21 0.06 -14.10
N TYR A 84 18.31 1.35 -14.45
CA TYR A 84 19.49 1.89 -15.12
C TYR A 84 19.79 3.32 -14.67
N THR A 85 19.21 3.77 -13.55
CA THR A 85 19.45 5.09 -13.00
C THR A 85 19.53 5.03 -11.48
N LYS A 86 19.83 6.18 -10.85
CA LYS A 86 20.00 6.29 -9.40
C LYS A 86 18.72 6.83 -8.74
N GLU A 87 17.56 6.61 -9.39
CA GLU A 87 16.28 7.09 -8.90
C GLU A 87 15.21 6.01 -9.05
N SER A 88 13.93 6.39 -8.98
CA SER A 88 12.83 5.45 -8.98
C SER A 88 11.73 5.88 -9.95
N ARG A 89 10.79 4.95 -10.21
CA ARG A 89 9.67 5.17 -11.11
C ARG A 89 8.67 6.17 -10.53
N GLY A 90 8.75 6.44 -9.22
CA GLY A 90 7.88 7.41 -8.56
C GLY A 90 6.78 6.76 -7.73
N PHE A 91 6.88 5.47 -7.44
CA PHE A 91 5.87 4.75 -6.67
C PHE A 91 6.49 3.60 -5.91
N ALA A 92 5.82 3.19 -4.83
CA ALA A 92 6.25 2.08 -3.99
C ALA A 92 5.32 0.90 -4.24
N PHE A 93 5.38 -0.07 -3.33
CA PHE A 93 4.55 -1.25 -3.40
C PHE A 93 4.54 -1.84 -2.01
N VAL A 94 3.92 -1.12 -1.08
CA VAL A 94 3.68 -1.81 0.18
C VAL A 94 2.57 -2.80 -0.10
N ARG A 95 2.65 -4.01 0.49
CA ARG A 95 1.59 -4.99 0.32
C ARG A 95 1.26 -5.65 1.63
N PHE A 96 -0.05 -5.75 1.82
CA PHE A 96 -0.58 -6.33 3.05
C PHE A 96 -1.09 -7.72 2.78
N HIS A 97 -0.94 -8.56 3.79
CA HIS A 97 -1.32 -9.97 3.80
C HIS A 97 -2.74 -10.15 4.33
N ASP A 98 -3.38 -9.06 4.76
CA ASP A 98 -4.70 -9.10 5.37
C ASP A 98 -5.47 -7.83 4.99
N LYS A 99 -6.58 -8.03 4.27
CA LYS A 99 -7.44 -6.95 3.78
C LYS A 99 -7.96 -6.06 4.91
N ARG A 100 -8.04 -6.57 6.15
CA ARG A 100 -8.56 -5.79 7.26
C ARG A 100 -7.54 -4.75 7.72
N ASP A 101 -6.28 -5.18 7.89
CA ASP A 101 -5.22 -4.25 8.26
C ASP A 101 -4.97 -3.28 7.11
N ALA A 102 -5.28 -3.72 5.88
CA ALA A 102 -5.09 -2.90 4.70
C ALA A 102 -6.20 -1.87 4.56
N GLU A 103 -7.40 -2.20 5.01
CA GLU A 103 -8.55 -1.31 4.96
C GLU A 103 -8.30 -0.06 5.79
N ASP A 104 -7.84 -0.24 7.03
CA ASP A 104 -7.64 0.91 7.91
C ASP A 104 -6.47 1.77 7.44
N ALA A 105 -5.36 1.12 7.08
CA ALA A 105 -4.18 1.84 6.62
C ALA A 105 -4.54 2.71 5.42
N MET A 106 -5.23 2.13 4.45
CA MET A 106 -5.62 2.81 3.22
C MET A 106 -6.63 3.92 3.51
N ASP A 107 -7.55 3.69 4.43
CA ASP A 107 -8.54 4.70 4.80
C ASP A 107 -7.90 5.81 5.64
N ALA A 108 -6.61 5.65 5.97
CA ALA A 108 -5.90 6.61 6.80
C ALA A 108 -4.58 7.04 6.17
N MET A 109 -4.28 6.61 4.93
CA MET A 109 -3.03 6.94 4.26
C MET A 109 -3.20 7.38 2.82
N ASP A 110 -4.35 7.12 2.19
CA ASP A 110 -4.54 7.58 0.82
C ASP A 110 -4.61 9.10 0.78
N GLY A 111 -3.71 9.73 0.02
CA GLY A 111 -3.68 11.18 -0.11
C GLY A 111 -3.26 11.85 1.20
N ALA A 112 -2.52 11.12 2.04
CA ALA A 112 -2.12 11.58 3.36
C ALA A 112 -0.84 12.42 3.29
N VAL A 113 -0.35 12.70 2.09
CA VAL A 113 0.85 13.50 1.82
C VAL A 113 1.90 13.38 2.92
N LEU A 114 2.55 12.22 2.96
CA LEU A 114 3.61 11.89 3.90
C LEU A 114 4.87 12.73 3.65
N ASP A 115 4.99 13.40 2.50
CA ASP A 115 6.14 14.24 2.20
C ASP A 115 5.74 15.58 1.60
N GLY A 116 4.88 15.58 0.59
CA GLY A 116 4.37 16.82 0.01
C GLY A 116 3.93 16.67 -1.45
N ARG A 117 3.48 15.46 -1.81
CA ARG A 117 3.06 15.16 -3.17
C ARG A 117 1.75 14.38 -3.20
N GLU A 118 1.40 13.74 -2.08
CA GLU A 118 0.11 13.13 -1.76
C GLU A 118 0.14 11.63 -2.01
N LEU A 119 0.39 10.86 -0.96
CA LEU A 119 0.47 9.40 -1.00
C LEU A 119 -0.74 8.78 -1.68
N ARG A 120 -0.64 7.51 -2.07
CA ARG A 120 -1.72 6.78 -2.72
C ARG A 120 -1.79 5.37 -2.18
N VAL A 121 -3.01 4.89 -1.91
CA VAL A 121 -3.20 3.56 -1.37
C VAL A 121 -4.45 2.91 -1.97
N GLN A 122 -4.30 1.64 -2.34
CA GLN A 122 -5.37 0.85 -2.96
C GLN A 122 -5.01 -0.62 -2.93
N MET A 123 -6.02 -1.49 -2.90
CA MET A 123 -5.83 -2.93 -2.95
C MET A 123 -4.98 -3.31 -4.16
N ALA A 124 -4.00 -4.19 -3.96
CA ALA A 124 -3.10 -4.65 -5.02
C ALA A 124 -3.82 -5.56 -6.01
N ARG A 125 -4.99 -6.07 -5.65
CA ARG A 125 -5.77 -6.96 -6.51
C ARG A 125 -4.96 -8.18 -6.97
N TYR A 126 -3.97 -8.58 -6.17
CA TYR A 126 -3.06 -9.68 -6.53
C TYR A 126 -3.06 -10.77 -5.45
N GLY A 127 -4.14 -10.87 -4.67
CA GLY A 127 -4.27 -11.91 -3.66
C GLY A 127 -5.72 -12.09 -3.22
N ARG A 128 -6.02 -13.28 -2.67
CA ARG A 128 -7.35 -13.64 -2.18
C ARG A 128 -7.18 -14.85 -1.26
N PRO A 129 -7.70 -14.80 -0.02
CA PRO A 129 -7.55 -15.88 0.95
C PRO A 129 -8.32 -17.14 0.52
N PRO A 130 -8.06 -18.28 1.19
CA PRO A 130 -8.76 -19.54 0.95
C PRO A 130 -10.28 -19.40 0.97
N ASP A 131 -10.98 -20.40 0.44
CA ASP A 131 -12.44 -20.36 0.36
C ASP A 131 -13.05 -21.74 0.63
N SER A 132 -12.20 -22.72 0.99
CA SER A 132 -12.63 -24.09 1.25
C SER A 132 -11.64 -24.78 2.19
N HIS A 133 -11.96 -26.02 2.59
CA HIS A 133 -11.11 -26.80 3.49
C HIS A 133 -11.20 -28.29 3.17
N HIS A 134 -11.89 -28.67 2.08
CA HIS A 134 -12.06 -30.06 1.70
C HIS A 134 -12.17 -30.23 0.19
N SER A 135 -11.97 -29.15 -0.58
CA SER A 135 -12.06 -29.20 -2.03
C SER A 135 -11.17 -28.12 -2.65
N MET A 35 -10.48 6.23 9.44
CA MET A 35 -10.70 4.82 9.78
C MET A 35 -12.17 4.55 10.06
N SER A 36 -12.98 4.44 9.02
CA SER A 36 -14.41 4.17 9.14
C SER A 36 -14.97 3.57 7.86
N TYR A 37 -16.23 3.18 7.91
CA TYR A 37 -16.96 2.66 6.77
C TYR A 37 -18.46 2.91 6.96
N GLY A 38 -19.21 2.78 5.86
CA GLY A 38 -20.66 2.92 5.85
C GLY A 38 -21.35 1.74 5.17
N ARG A 39 -20.57 0.96 4.42
CA ARG A 39 -21.02 -0.23 3.71
C ARG A 39 -19.88 -1.25 3.68
N PRO A 40 -20.19 -2.54 3.48
CA PRO A 40 -19.18 -3.59 3.41
C PRO A 40 -18.37 -3.47 2.12
N PRO A 41 -17.21 -4.13 2.04
CA PRO A 41 -16.37 -4.17 0.85
C PRO A 41 -17.15 -4.58 -0.39
N PRO A 42 -16.68 -4.16 -1.59
CA PRO A 42 -17.34 -4.48 -2.85
C PRO A 42 -17.21 -5.95 -3.20
N ASP A 43 -16.03 -6.35 -3.69
CA ASP A 43 -15.73 -7.72 -4.06
C ASP A 43 -14.25 -8.06 -3.91
N VAL A 44 -13.66 -7.62 -2.79
CA VAL A 44 -12.29 -7.93 -2.40
C VAL A 44 -12.11 -9.43 -2.15
N GLU A 45 -13.01 -10.26 -2.66
CA GLU A 45 -13.07 -11.71 -2.46
C GLU A 45 -11.82 -12.45 -2.95
N GLY A 46 -10.88 -11.74 -3.58
CA GLY A 46 -9.66 -12.31 -4.11
C GLY A 46 -8.60 -11.24 -4.33
N MET A 47 -8.67 -10.15 -3.54
CA MET A 47 -7.82 -8.99 -3.68
C MET A 47 -7.33 -8.51 -2.32
N THR A 48 -7.22 -9.43 -1.36
CA THR A 48 -6.84 -9.15 0.02
C THR A 48 -5.57 -8.29 0.14
N SER A 49 -4.68 -8.33 -0.84
CA SER A 49 -3.44 -7.57 -0.77
C SER A 49 -3.69 -6.07 -0.96
N LEU A 50 -2.87 -5.23 -0.31
CA LEU A 50 -3.06 -3.78 -0.36
C LEU A 50 -1.82 -3.02 -0.81
N LYS A 51 -1.92 -2.34 -1.95
CA LYS A 51 -0.80 -1.73 -2.67
C LYS A 51 -0.75 -0.24 -2.35
N VAL A 52 0.48 0.27 -2.27
CA VAL A 52 0.71 1.70 -2.05
C VAL A 52 1.70 2.23 -3.06
N ASP A 53 1.41 3.45 -3.53
CA ASP A 53 2.07 4.19 -4.61
C ASP A 53 2.40 5.63 -4.19
N ASN A 54 3.03 6.38 -5.11
CA ASN A 54 3.42 7.79 -5.00
C ASN A 54 4.56 8.03 -4.02
N LEU A 55 5.71 8.49 -4.54
CA LEU A 55 6.92 8.76 -3.77
C LEU A 55 7.56 10.09 -4.16
N THR A 56 8.64 10.45 -3.45
CA THR A 56 9.44 11.63 -3.73
C THR A 56 10.88 11.28 -4.06
N TYR A 57 11.15 9.98 -4.31
CA TYR A 57 12.47 9.42 -4.65
C TYR A 57 13.31 9.09 -3.42
N ARG A 58 12.84 9.52 -2.24
CA ARG A 58 13.54 9.34 -0.98
C ARG A 58 12.60 8.85 0.12
N THR A 59 11.35 8.54 -0.24
CA THR A 59 10.36 8.02 0.70
C THR A 59 10.85 6.73 1.34
N SER A 60 11.40 5.83 0.51
CA SER A 60 11.93 4.53 0.89
C SER A 60 10.92 3.59 1.57
N PRO A 61 11.16 2.27 1.48
CA PRO A 61 10.30 1.24 2.06
C PRO A 61 10.34 1.27 3.58
N ASP A 62 11.39 1.87 4.16
CA ASP A 62 11.55 1.95 5.61
C ASP A 62 10.52 2.89 6.22
N THR A 63 10.37 4.08 5.64
CA THR A 63 9.42 5.06 6.17
C THR A 63 8.02 4.51 5.97
N LEU A 64 7.76 3.94 4.80
CA LEU A 64 6.48 3.33 4.50
C LEU A 64 6.22 2.17 5.46
N ARG A 65 7.28 1.55 5.98
CA ARG A 65 7.14 0.39 6.86
C ARG A 65 6.35 0.79 8.09
N ARG A 66 6.87 1.77 8.83
CA ARG A 66 6.27 2.21 10.08
C ARG A 66 5.13 3.21 9.87
N VAL A 67 4.93 3.65 8.62
CA VAL A 67 3.82 4.52 8.26
C VAL A 67 2.57 3.70 7.89
N PHE A 68 2.73 2.41 7.61
CA PHE A 68 1.62 1.57 7.20
C PHE A 68 1.43 0.41 8.14
N GLU A 69 2.52 -0.20 8.60
CA GLU A 69 2.37 -1.32 9.52
C GLU A 69 1.78 -0.87 10.84
N LYS A 70 1.80 0.45 11.08
CA LYS A 70 1.30 1.03 12.31
C LYS A 70 -0.17 0.75 12.51
N TYR A 71 -0.92 0.66 11.41
CA TYR A 71 -2.34 0.38 11.47
C TYR A 71 -2.60 -1.09 11.79
N GLY A 72 -1.60 -1.94 11.55
CA GLY A 72 -1.67 -3.35 11.94
C GLY A 72 -0.39 -4.10 11.58
N ARG A 73 -0.04 -4.15 10.30
CA ARG A 73 1.18 -4.79 9.84
C ARG A 73 1.41 -4.51 8.36
N VAL A 74 2.61 -4.82 7.87
CA VAL A 74 2.93 -4.75 6.46
C VAL A 74 3.63 -6.05 6.05
N GLY A 75 2.86 -6.96 5.45
CA GLY A 75 3.37 -8.24 4.98
C GLY A 75 4.52 -8.09 3.97
N ASP A 76 4.55 -6.96 3.25
CA ASP A 76 5.56 -6.67 2.24
C ASP A 76 5.65 -5.16 2.06
N VAL A 77 6.88 -4.63 1.94
CA VAL A 77 7.06 -3.19 1.71
C VAL A 77 8.32 -3.02 0.87
N TYR A 78 8.15 -2.61 -0.39
CA TYR A 78 9.28 -2.41 -1.28
C TYR A 78 8.96 -1.33 -2.33
N ILE A 79 9.99 -0.91 -3.06
CA ILE A 79 9.86 0.11 -4.09
C ILE A 79 10.38 -0.47 -5.41
N PRO A 80 9.50 -0.63 -6.41
CA PRO A 80 9.84 -1.02 -7.77
C PRO A 80 10.53 0.13 -8.51
N ARG A 81 11.75 0.46 -8.08
CA ARG A 81 12.56 1.52 -8.66
C ARG A 81 12.91 1.28 -10.13
N ASP A 82 13.81 2.15 -10.62
CA ASP A 82 14.33 2.14 -11.97
C ASP A 82 15.05 0.83 -12.35
N ARG A 83 15.64 0.81 -13.55
CA ARG A 83 16.44 -0.31 -14.03
C ARG A 83 17.66 0.17 -14.82
N TYR A 84 17.77 1.49 -15.06
CA TYR A 84 18.84 2.05 -15.88
C TYR A 84 19.16 3.51 -15.52
N THR A 85 18.77 3.98 -14.33
CA THR A 85 18.96 5.37 -13.93
C THR A 85 19.42 5.48 -12.47
N LYS A 86 19.26 6.67 -11.88
CA LYS A 86 19.69 6.97 -10.51
C LYS A 86 18.53 7.55 -9.72
N GLU A 87 17.30 7.17 -10.09
CA GLU A 87 16.07 7.66 -9.48
C GLU A 87 15.08 6.51 -9.34
N SER A 88 13.78 6.80 -9.26
CA SER A 88 12.76 5.77 -9.09
C SER A 88 11.59 6.03 -10.04
N ARG A 89 10.69 5.04 -10.14
CA ARG A 89 9.50 5.12 -10.96
C ARG A 89 8.49 6.13 -10.42
N GLY A 90 8.64 6.51 -9.15
CA GLY A 90 7.77 7.48 -8.51
C GLY A 90 6.66 6.82 -7.68
N PHE A 91 6.72 5.51 -7.46
CA PHE A 91 5.71 4.79 -6.69
C PHE A 91 6.34 3.64 -5.92
N ALA A 92 5.75 3.33 -4.77
CA ALA A 92 6.18 2.21 -3.94
C ALA A 92 5.31 1.01 -4.26
N PHE A 93 5.37 0.01 -3.38
CA PHE A 93 4.55 -1.18 -3.48
C PHE A 93 4.51 -1.81 -2.12
N VAL A 94 3.82 -1.13 -1.18
CA VAL A 94 3.57 -1.87 0.05
C VAL A 94 2.52 -2.92 -0.31
N ARG A 95 2.44 -4.02 0.43
CA ARG A 95 1.46 -5.07 0.25
C ARG A 95 1.13 -5.69 1.59
N PHE A 96 -0.10 -5.44 2.03
CA PHE A 96 -0.59 -6.02 3.26
C PHE A 96 -1.09 -7.43 2.95
N HIS A 97 -0.94 -8.30 3.95
CA HIS A 97 -1.28 -9.71 3.91
C HIS A 97 -2.69 -9.94 4.46
N ASP A 98 -3.34 -8.87 4.95
CA ASP A 98 -4.64 -8.94 5.57
C ASP A 98 -5.43 -7.68 5.21
N LYS A 99 -6.52 -7.87 4.47
CA LYS A 99 -7.37 -6.80 3.99
C LYS A 99 -7.92 -5.92 5.12
N ARG A 100 -8.00 -6.44 6.35
CA ARG A 100 -8.54 -5.67 7.47
C ARG A 100 -7.57 -4.59 7.91
N ASP A 101 -6.29 -4.97 8.10
CA ASP A 101 -5.27 -4.00 8.48
C ASP A 101 -5.06 -3.02 7.32
N ALA A 102 -5.37 -3.50 6.10
CA ALA A 102 -5.25 -2.73 4.89
C ALA A 102 -6.42 -1.76 4.73
N GLU A 103 -7.62 -2.14 5.19
CA GLU A 103 -8.78 -1.27 5.14
C GLU A 103 -8.52 0.01 5.89
N ASP A 104 -8.01 -0.10 7.12
CA ASP A 104 -7.82 1.08 7.94
C ASP A 104 -6.62 1.90 7.45
N ALA A 105 -5.52 1.24 7.09
CA ALA A 105 -4.34 1.94 6.62
C ALA A 105 -4.68 2.77 5.39
N MET A 106 -5.33 2.14 4.40
CA MET A 106 -5.72 2.81 3.17
C MET A 106 -6.70 3.94 3.44
N ASP A 107 -7.67 3.72 4.34
CA ASP A 107 -8.65 4.73 4.69
C ASP A 107 -8.03 5.83 5.56
N ALA A 108 -6.74 5.70 5.89
CA ALA A 108 -6.03 6.66 6.72
C ALA A 108 -4.70 7.08 6.08
N MET A 109 -4.43 6.65 4.85
CA MET A 109 -3.18 6.97 4.17
C MET A 109 -3.36 7.45 2.74
N ASP A 110 -4.50 7.19 2.09
CA ASP A 110 -4.67 7.68 0.72
C ASP A 110 -4.65 9.21 0.70
N GLY A 111 -3.77 9.79 -0.11
CA GLY A 111 -3.61 11.24 -0.22
C GLY A 111 -3.22 11.89 1.11
N ALA A 112 -2.45 11.17 1.93
CA ALA A 112 -2.10 11.60 3.27
C ALA A 112 -0.78 12.39 3.32
N VAL A 113 -0.17 12.65 2.16
CA VAL A 113 1.08 13.39 2.02
C VAL A 113 2.07 13.09 3.16
N LEU A 114 2.64 11.89 3.06
CA LEU A 114 3.65 11.38 3.97
C LEU A 114 4.88 12.29 4.03
N ASP A 115 5.29 12.89 2.90
CA ASP A 115 6.53 13.67 2.85
C ASP A 115 6.29 15.11 2.39
N GLY A 116 5.37 15.32 1.45
CA GLY A 116 5.01 16.65 1.00
C GLY A 116 4.54 16.66 -0.45
N ARG A 117 3.83 15.59 -0.83
CA ARG A 117 3.31 15.41 -2.18
C ARG A 117 1.87 14.93 -2.09
N GLU A 118 1.68 13.78 -1.43
CA GLU A 118 0.45 13.01 -1.28
C GLU A 118 0.88 11.55 -1.28
N LEU A 119 -0.01 10.65 -0.87
CA LEU A 119 0.24 9.23 -0.89
C LEU A 119 -0.89 8.60 -1.69
N ARG A 120 -0.75 7.34 -2.11
CA ARG A 120 -1.79 6.66 -2.86
C ARG A 120 -1.89 5.24 -2.35
N VAL A 121 -3.12 4.80 -2.06
CA VAL A 121 -3.32 3.46 -1.54
C VAL A 121 -4.54 2.82 -2.18
N GLN A 122 -4.41 1.55 -2.53
CA GLN A 122 -5.42 0.79 -3.25
C GLN A 122 -5.09 -0.70 -3.21
N MET A 123 -6.11 -1.55 -3.16
CA MET A 123 -5.95 -3.00 -3.18
C MET A 123 -5.04 -3.40 -4.33
N ALA A 124 -4.06 -4.26 -4.05
CA ALA A 124 -3.08 -4.72 -5.03
C ALA A 124 -3.67 -5.74 -6.00
N ARG A 125 -4.97 -6.04 -5.87
CA ARG A 125 -5.67 -7.06 -6.66
C ARG A 125 -4.94 -8.38 -6.74
N TYR A 126 -4.41 -8.81 -5.60
CA TYR A 126 -3.68 -10.06 -5.47
C TYR A 126 -4.06 -10.75 -4.17
N GLY A 127 -3.69 -12.02 -4.02
CA GLY A 127 -4.01 -12.80 -2.84
C GLY A 127 -3.41 -14.20 -2.93
N ARG A 128 -3.67 -15.02 -1.90
CA ARG A 128 -3.20 -16.40 -1.82
C ARG A 128 -3.60 -17.18 -3.08
N PRO A 129 -2.63 -17.61 -3.90
CA PRO A 129 -2.89 -18.33 -5.14
C PRO A 129 -3.26 -19.79 -4.83
N PRO A 130 -3.89 -20.48 -5.79
CA PRO A 130 -4.25 -21.88 -5.67
C PRO A 130 -3.02 -22.79 -5.79
N ASP A 131 -1.87 -22.22 -6.16
CA ASP A 131 -0.62 -22.96 -6.30
C ASP A 131 -0.03 -23.33 -4.94
N SER A 132 -0.67 -22.90 -3.84
CA SER A 132 -0.20 -23.18 -2.50
C SER A 132 -1.36 -23.28 -1.50
N HIS A 133 -2.60 -23.36 -1.99
CA HIS A 133 -3.78 -23.42 -1.15
C HIS A 133 -4.90 -24.20 -1.86
N HIS A 134 -5.92 -24.62 -1.11
CA HIS A 134 -7.05 -25.36 -1.64
C HIS A 134 -8.26 -25.17 -0.74
N SER A 135 -9.46 -25.50 -1.25
CA SER A 135 -10.71 -25.36 -0.52
C SER A 135 -11.76 -26.35 -1.02
#